data_2P8T
# 
_entry.id   2P8T 
# 
_audit_conform.dict_name       mmcif_pdbx.dic 
_audit_conform.dict_version    5.387 
_audit_conform.dict_location   http://mmcif.pdb.org/dictionaries/ascii/mmcif_pdbx.dic 
# 
loop_
_database_2.database_id 
_database_2.database_code 
_database_2.pdbx_database_accession 
_database_2.pdbx_DOI 
PDB   2P8T         pdb_00002p8t 10.2210/pdb2p8t/pdb 
RCSB  RCSB042110   ?            ?                   
WWPDB D_1000042110 ?            ?                   
# 
loop_
_pdbx_audit_revision_history.ordinal 
_pdbx_audit_revision_history.data_content_type 
_pdbx_audit_revision_history.major_revision 
_pdbx_audit_revision_history.minor_revision 
_pdbx_audit_revision_history.revision_date 
1 'Structure model' 1 0 2007-04-24 
2 'Structure model' 1 1 2008-05-01 
3 'Structure model' 1 2 2011-07-13 
4 'Structure model' 1 3 2017-09-13 
5 'Structure model' 1 4 2018-01-24 
6 'Structure model' 1 5 2024-02-21 
# 
_pdbx_audit_revision_details.ordinal             1 
_pdbx_audit_revision_details.revision_ordinal    1 
_pdbx_audit_revision_details.data_content_type   'Structure model' 
_pdbx_audit_revision_details.provider            repository 
_pdbx_audit_revision_details.type                'Initial release' 
_pdbx_audit_revision_details.description         ? 
_pdbx_audit_revision_details.details             ? 
# 
loop_
_pdbx_audit_revision_group.ordinal 
_pdbx_audit_revision_group.revision_ordinal 
_pdbx_audit_revision_group.data_content_type 
_pdbx_audit_revision_group.group 
1 2 'Structure model' 'Version format compliance' 
2 3 'Structure model' 'Source and taxonomy'       
3 3 'Structure model' 'Version format compliance' 
4 4 'Structure model' 'Refinement description'    
5 5 'Structure model' 'Database references'       
6 5 'Structure model' 'Structure summary'         
7 6 'Structure model' 'Data collection'           
8 6 'Structure model' 'Database references'       
# 
loop_
_pdbx_audit_revision_category.ordinal 
_pdbx_audit_revision_category.revision_ordinal 
_pdbx_audit_revision_category.data_content_type 
_pdbx_audit_revision_category.category 
1 4 'Structure model' refine          
2 4 'Structure model' software        
3 5 'Structure model' audit_author    
4 5 'Structure model' citation_author 
5 6 'Structure model' chem_comp_atom  
6 6 'Structure model' chem_comp_bond  
7 6 'Structure model' database_2      
# 
loop_
_pdbx_audit_revision_item.ordinal 
_pdbx_audit_revision_item.revision_ordinal 
_pdbx_audit_revision_item.data_content_type 
_pdbx_audit_revision_item.item 
1  4 'Structure model' '_refine.pdbx_method_to_determine_struct' 
2  4 'Structure model' '_software.classification'                
3  4 'Structure model' '_software.contact_author'                
4  4 'Structure model' '_software.contact_author_email'          
5  4 'Structure model' '_software.date'                          
6  4 'Structure model' '_software.language'                      
7  4 'Structure model' '_software.location'                      
8  4 'Structure model' '_software.name'                          
9  4 'Structure model' '_software.type'                          
10 4 'Structure model' '_software.version'                       
11 5 'Structure model' '_audit_author.name'                      
12 5 'Structure model' '_citation_author.name'                   
13 6 'Structure model' '_database_2.pdbx_DOI'                    
14 6 'Structure model' '_database_2.pdbx_database_accession'     
# 
_pdbx_database_status.entry_id                        2P8T 
_pdbx_database_status.deposit_site                    RCSB 
_pdbx_database_status.process_site                    RCSB 
_pdbx_database_status.recvd_initial_deposition_date   2007-03-23 
_pdbx_database_status.status_code                     REL 
_pdbx_database_status.status_code_sf                  REL 
_pdbx_database_status.status_code_mr                  ? 
_pdbx_database_status.SG_entry                        Y 
_pdbx_database_status.pdb_format_compatible           Y 
_pdbx_database_status.status_code_cs                  ? 
_pdbx_database_status.methods_development_category    ? 
_pdbx_database_status.status_code_nmr_data            ? 
# 
_pdbx_database_related.db_name        TargetDB 
_pdbx_database_related.db_id          pho001000730.1 
_pdbx_database_related.details        'RIKEN Database, the protein has a truncated N-terminus' 
_pdbx_database_related.content_type   unspecified 
# 
loop_
_audit_author.name 
_audit_author.pdbx_ordinal 
'Chen, L.'                                                1  
'Zhao, M.'                                                2  
'Ebihara, A.'                                             3  
'Shinkai, A.'                                             4  
'Kuramitsu, S.'                                           5  
'Yokoyama, S.'                                            6  
'Zhu, J.'                                                 7  
'Swindell, J.T.'                                          8  
'Fu, Z.-Q.'                                               9  
'Chrzas, J.'                                              10 
'Rose, J.P.'                                              11 
'Wang, B.-C.'                                             12 
'Southeast Collaboratory for Structural Genomics (SECSG)' 13 
'RIKEN Structural Genomics/Proteomics Initiative (RSGI)'  14 
# 
_citation.id                        primary 
_citation.title                     'Hypothetical protein PH0730 from Pyrococcus horikoshii OT3' 
_citation.journal_abbrev            'To be Published' 
_citation.journal_volume            ? 
_citation.page_first                ? 
_citation.page_last                 ? 
_citation.year                      ? 
_citation.journal_id_ASTM           ? 
_citation.country                   ? 
_citation.journal_id_ISSN           ? 
_citation.journal_id_CSD            0353 
_citation.book_publisher            ? 
_citation.pdbx_database_id_PubMed   ? 
_citation.pdbx_database_id_DOI      ? 
# 
loop_
_citation_author.citation_id 
_citation_author.name 
_citation_author.ordinal 
_citation_author.identifier_ORCID 
primary 'Chen, L.'       1  ? 
primary 'Zhao, M.'       2  ? 
primary 'Ebihara, A.'    3  ? 
primary 'Shinkai, A.'    4  ? 
primary 'Kuramitsu, S.'  5  ? 
primary 'Yokoyama, S.'   6  ? 
primary 'Zhu, J.'        7  ? 
primary 'Swindell, J.T.' 8  ? 
primary 'Fu, Z.-Q.'      9  ? 
primary 'Chrzas, J.'     10 ? 
primary 'Rose, J.P.'     11 ? 
primary 'Wang, B.-C.'    12 ? 
# 
loop_
_entity.id 
_entity.type 
_entity.src_method 
_entity.pdbx_description 
_entity.formula_weight 
_entity.pdbx_number_of_molecules 
_entity.pdbx_ec 
_entity.pdbx_mutation 
_entity.pdbx_fragment 
_entity.details 
1 polymer man 'Hypothetical protein PH0730' 22663.584 1   ? 'MLLKVYLALKQRKI at N-terminal have been truncated' ? ? 
2 water   nat water                         18.015    117 ? ?                                                  ? ? 
# 
_entity_poly.entity_id                      1 
_entity_poly.type                           'polypeptide(L)' 
_entity_poly.nstd_linkage                   no 
_entity_poly.nstd_monomer                   no 
_entity_poly.pdbx_seq_one_letter_code       
;MVGQVIRKRGAYPEYTVEDVLAVIFLLKEPLGRKQISERLELGEGSVRTLLRKLSHLDIIRSKQRGHFLTLKGKEIRDKL
LSMFSEPIGVSVDGYPGIAIVVKNPPEFKSIELRDEAIKFDAKGAMILTVKDNEIVFPEDFRPLKEMYPEVAKKIVDYED
GDAVIITWAETPAKALKSAIHVAYILKKEEITPEILEVVK
;
_entity_poly.pdbx_seq_one_letter_code_can   
;MVGQVIRKRGAYPEYTVEDVLAVIFLLKEPLGRKQISERLELGEGSVRTLLRKLSHLDIIRSKQRGHFLTLKGKEIRDKL
LSMFSEPIGVSVDGYPGIAIVVKNPPEFKSIELRDEAIKFDAKGAMILTVKDNEIVFPEDFRPLKEMYPEVAKKIVDYED
GDAVIITWAETPAKALKSAIHVAYILKKEEITPEILEVVK
;
_entity_poly.pdbx_strand_id                 A 
_entity_poly.pdbx_target_identifier         pho001000730.1 
# 
_pdbx_entity_nonpoly.entity_id   2 
_pdbx_entity_nonpoly.name        water 
_pdbx_entity_nonpoly.comp_id     HOH 
# 
loop_
_entity_poly_seq.entity_id 
_entity_poly_seq.num 
_entity_poly_seq.mon_id 
_entity_poly_seq.hetero 
1 1   MET n 
1 2   VAL n 
1 3   GLY n 
1 4   GLN n 
1 5   VAL n 
1 6   ILE n 
1 7   ARG n 
1 8   LYS n 
1 9   ARG n 
1 10  GLY n 
1 11  ALA n 
1 12  TYR n 
1 13  PRO n 
1 14  GLU n 
1 15  TYR n 
1 16  THR n 
1 17  VAL n 
1 18  GLU n 
1 19  ASP n 
1 20  VAL n 
1 21  LEU n 
1 22  ALA n 
1 23  VAL n 
1 24  ILE n 
1 25  PHE n 
1 26  LEU n 
1 27  LEU n 
1 28  LYS n 
1 29  GLU n 
1 30  PRO n 
1 31  LEU n 
1 32  GLY n 
1 33  ARG n 
1 34  LYS n 
1 35  GLN n 
1 36  ILE n 
1 37  SER n 
1 38  GLU n 
1 39  ARG n 
1 40  LEU n 
1 41  GLU n 
1 42  LEU n 
1 43  GLY n 
1 44  GLU n 
1 45  GLY n 
1 46  SER n 
1 47  VAL n 
1 48  ARG n 
1 49  THR n 
1 50  LEU n 
1 51  LEU n 
1 52  ARG n 
1 53  LYS n 
1 54  LEU n 
1 55  SER n 
1 56  HIS n 
1 57  LEU n 
1 58  ASP n 
1 59  ILE n 
1 60  ILE n 
1 61  ARG n 
1 62  SER n 
1 63  LYS n 
1 64  GLN n 
1 65  ARG n 
1 66  GLY n 
1 67  HIS n 
1 68  PHE n 
1 69  LEU n 
1 70  THR n 
1 71  LEU n 
1 72  LYS n 
1 73  GLY n 
1 74  LYS n 
1 75  GLU n 
1 76  ILE n 
1 77  ARG n 
1 78  ASP n 
1 79  LYS n 
1 80  LEU n 
1 81  LEU n 
1 82  SER n 
1 83  MET n 
1 84  PHE n 
1 85  SER n 
1 86  GLU n 
1 87  PRO n 
1 88  ILE n 
1 89  GLY n 
1 90  VAL n 
1 91  SER n 
1 92  VAL n 
1 93  ASP n 
1 94  GLY n 
1 95  TYR n 
1 96  PRO n 
1 97  GLY n 
1 98  ILE n 
1 99  ALA n 
1 100 ILE n 
1 101 VAL n 
1 102 VAL n 
1 103 LYS n 
1 104 ASN n 
1 105 PRO n 
1 106 PRO n 
1 107 GLU n 
1 108 PHE n 
1 109 LYS n 
1 110 SER n 
1 111 ILE n 
1 112 GLU n 
1 113 LEU n 
1 114 ARG n 
1 115 ASP n 
1 116 GLU n 
1 117 ALA n 
1 118 ILE n 
1 119 LYS n 
1 120 PHE n 
1 121 ASP n 
1 122 ALA n 
1 123 LYS n 
1 124 GLY n 
1 125 ALA n 
1 126 MET n 
1 127 ILE n 
1 128 LEU n 
1 129 THR n 
1 130 VAL n 
1 131 LYS n 
1 132 ASP n 
1 133 ASN n 
1 134 GLU n 
1 135 ILE n 
1 136 VAL n 
1 137 PHE n 
1 138 PRO n 
1 139 GLU n 
1 140 ASP n 
1 141 PHE n 
1 142 ARG n 
1 143 PRO n 
1 144 LEU n 
1 145 LYS n 
1 146 GLU n 
1 147 MET n 
1 148 TYR n 
1 149 PRO n 
1 150 GLU n 
1 151 VAL n 
1 152 ALA n 
1 153 LYS n 
1 154 LYS n 
1 155 ILE n 
1 156 VAL n 
1 157 ASP n 
1 158 TYR n 
1 159 GLU n 
1 160 ASP n 
1 161 GLY n 
1 162 ASP n 
1 163 ALA n 
1 164 VAL n 
1 165 ILE n 
1 166 ILE n 
1 167 THR n 
1 168 TRP n 
1 169 ALA n 
1 170 GLU n 
1 171 THR n 
1 172 PRO n 
1 173 ALA n 
1 174 LYS n 
1 175 ALA n 
1 176 LEU n 
1 177 LYS n 
1 178 SER n 
1 179 ALA n 
1 180 ILE n 
1 181 HIS n 
1 182 VAL n 
1 183 ALA n 
1 184 TYR n 
1 185 ILE n 
1 186 LEU n 
1 187 LYS n 
1 188 LYS n 
1 189 GLU n 
1 190 GLU n 
1 191 ILE n 
1 192 THR n 
1 193 PRO n 
1 194 GLU n 
1 195 ILE n 
1 196 LEU n 
1 197 GLU n 
1 198 VAL n 
1 199 VAL n 
1 200 LYS n 
# 
_entity_src_gen.entity_id                          1 
_entity_src_gen.pdbx_src_id                        1 
_entity_src_gen.pdbx_alt_source_flag               sample 
_entity_src_gen.pdbx_seq_type                      ? 
_entity_src_gen.pdbx_beg_seq_num                   ? 
_entity_src_gen.pdbx_end_seq_num                   ? 
_entity_src_gen.gene_src_common_name               ? 
_entity_src_gen.gene_src_genus                     Pyrococcus 
_entity_src_gen.pdbx_gene_src_gene                 PH0730 
_entity_src_gen.gene_src_species                   'Pyrococcus horikoshii' 
_entity_src_gen.gene_src_strain                    OT3 
_entity_src_gen.gene_src_tissue                    ? 
_entity_src_gen.gene_src_tissue_fraction           ? 
_entity_src_gen.gene_src_details                   ? 
_entity_src_gen.pdbx_gene_src_fragment             ? 
_entity_src_gen.pdbx_gene_src_scientific_name      'Pyrococcus horikoshii' 
_entity_src_gen.pdbx_gene_src_ncbi_taxonomy_id     70601 
_entity_src_gen.pdbx_gene_src_variant              ? 
_entity_src_gen.pdbx_gene_src_cell_line            ? 
_entity_src_gen.pdbx_gene_src_atcc                 ? 
_entity_src_gen.pdbx_gene_src_organ                ? 
_entity_src_gen.pdbx_gene_src_organelle            ? 
_entity_src_gen.pdbx_gene_src_cell                 ? 
_entity_src_gen.pdbx_gene_src_cellular_location    ? 
_entity_src_gen.host_org_common_name               ? 
_entity_src_gen.pdbx_host_org_scientific_name      'Escherichia coli' 
_entity_src_gen.pdbx_host_org_ncbi_taxonomy_id     562 
_entity_src_gen.host_org_genus                     Escherichia 
_entity_src_gen.pdbx_host_org_gene                 ? 
_entity_src_gen.pdbx_host_org_organ                ? 
_entity_src_gen.host_org_species                   ? 
_entity_src_gen.pdbx_host_org_tissue               ? 
_entity_src_gen.pdbx_host_org_tissue_fraction      ? 
_entity_src_gen.pdbx_host_org_strain               'BL21-CodonPlus(DE3)-RIL-X' 
_entity_src_gen.pdbx_host_org_variant              ? 
_entity_src_gen.pdbx_host_org_cell_line            ? 
_entity_src_gen.pdbx_host_org_atcc                 ? 
_entity_src_gen.pdbx_host_org_culture_collection   ? 
_entity_src_gen.pdbx_host_org_cell                 ? 
_entity_src_gen.pdbx_host_org_organelle            ? 
_entity_src_gen.pdbx_host_org_cellular_location    ? 
_entity_src_gen.pdbx_host_org_vector_type          Plasmid 
_entity_src_gen.pdbx_host_org_vector               ? 
_entity_src_gen.host_org_details                   ? 
_entity_src_gen.expression_system_id               ? 
_entity_src_gen.plasmid_name                       pET-11a 
_entity_src_gen.plasmid_details                    ? 
_entity_src_gen.pdbx_description                   ? 
# 
loop_
_chem_comp.id 
_chem_comp.type 
_chem_comp.mon_nstd_flag 
_chem_comp.name 
_chem_comp.pdbx_synonyms 
_chem_comp.formula 
_chem_comp.formula_weight 
ALA 'L-peptide linking' y ALANINE         ? 'C3 H7 N O2'     89.093  
ARG 'L-peptide linking' y ARGININE        ? 'C6 H15 N4 O2 1' 175.209 
ASN 'L-peptide linking' y ASPARAGINE      ? 'C4 H8 N2 O3'    132.118 
ASP 'L-peptide linking' y 'ASPARTIC ACID' ? 'C4 H7 N O4'     133.103 
GLN 'L-peptide linking' y GLUTAMINE       ? 'C5 H10 N2 O3'   146.144 
GLU 'L-peptide linking' y 'GLUTAMIC ACID' ? 'C5 H9 N O4'     147.129 
GLY 'peptide linking'   y GLYCINE         ? 'C2 H5 N O2'     75.067  
HIS 'L-peptide linking' y HISTIDINE       ? 'C6 H10 N3 O2 1' 156.162 
HOH non-polymer         . WATER           ? 'H2 O'           18.015  
ILE 'L-peptide linking' y ISOLEUCINE      ? 'C6 H13 N O2'    131.173 
LEU 'L-peptide linking' y LEUCINE         ? 'C6 H13 N O2'    131.173 
LYS 'L-peptide linking' y LYSINE          ? 'C6 H15 N2 O2 1' 147.195 
MET 'L-peptide linking' y METHIONINE      ? 'C5 H11 N O2 S'  149.211 
PHE 'L-peptide linking' y PHENYLALANINE   ? 'C9 H11 N O2'    165.189 
PRO 'L-peptide linking' y PROLINE         ? 'C5 H9 N O2'     115.130 
SER 'L-peptide linking' y SERINE          ? 'C3 H7 N O3'     105.093 
THR 'L-peptide linking' y THREONINE       ? 'C4 H9 N O3'     119.119 
TRP 'L-peptide linking' y TRYPTOPHAN      ? 'C11 H12 N2 O2'  204.225 
TYR 'L-peptide linking' y TYROSINE        ? 'C9 H11 N O3'    181.189 
VAL 'L-peptide linking' y VALINE          ? 'C5 H11 N O2'    117.146 
# 
loop_
_pdbx_poly_seq_scheme.asym_id 
_pdbx_poly_seq_scheme.entity_id 
_pdbx_poly_seq_scheme.seq_id 
_pdbx_poly_seq_scheme.mon_id 
_pdbx_poly_seq_scheme.ndb_seq_num 
_pdbx_poly_seq_scheme.pdb_seq_num 
_pdbx_poly_seq_scheme.auth_seq_num 
_pdbx_poly_seq_scheme.pdb_mon_id 
_pdbx_poly_seq_scheme.auth_mon_id 
_pdbx_poly_seq_scheme.pdb_strand_id 
_pdbx_poly_seq_scheme.pdb_ins_code 
_pdbx_poly_seq_scheme.hetero 
A 1 1   MET 1   1   ?   ?   ?   A . n 
A 1 2   VAL 2   2   ?   ?   ?   A . n 
A 1 3   GLY 3   3   ?   ?   ?   A . n 
A 1 4   GLN 4   4   ?   ?   ?   A . n 
A 1 5   VAL 5   5   ?   ?   ?   A . n 
A 1 6   ILE 6   6   ?   ?   ?   A . n 
A 1 7   ARG 7   7   ?   ?   ?   A . n 
A 1 8   LYS 8   8   ?   ?   ?   A . n 
A 1 9   ARG 9   9   ?   ?   ?   A . n 
A 1 10  GLY 10  10  ?   ?   ?   A . n 
A 1 11  ALA 11  11  ?   ?   ?   A . n 
A 1 12  TYR 12  12  ?   ?   ?   A . n 
A 1 13  PRO 13  13  ?   ?   ?   A . n 
A 1 14  GLU 14  14  14  GLU GLU A . n 
A 1 15  TYR 15  15  15  TYR TYR A . n 
A 1 16  THR 16  16  16  THR THR A . n 
A 1 17  VAL 17  17  17  VAL VAL A . n 
A 1 18  GLU 18  18  18  GLU GLU A . n 
A 1 19  ASP 19  19  19  ASP ASP A . n 
A 1 20  VAL 20  20  20  VAL VAL A . n 
A 1 21  LEU 21  21  21  LEU LEU A . n 
A 1 22  ALA 22  22  22  ALA ALA A . n 
A 1 23  VAL 23  23  23  VAL VAL A . n 
A 1 24  ILE 24  24  24  ILE ILE A . n 
A 1 25  PHE 25  25  25  PHE PHE A . n 
A 1 26  LEU 26  26  26  LEU LEU A . n 
A 1 27  LEU 27  27  27  LEU LEU A . n 
A 1 28  LYS 28  28  28  LYS LYS A . n 
A 1 29  GLU 29  29  29  GLU GLU A . n 
A 1 30  PRO 30  30  30  PRO PRO A . n 
A 1 31  LEU 31  31  31  LEU LEU A . n 
A 1 32  GLY 32  32  32  GLY GLY A . n 
A 1 33  ARG 33  33  33  ARG ARG A . n 
A 1 34  LYS 34  34  34  LYS LYS A . n 
A 1 35  GLN 35  35  35  GLN GLN A . n 
A 1 36  ILE 36  36  36  ILE ILE A . n 
A 1 37  SER 37  37  37  SER SER A . n 
A 1 38  GLU 38  38  38  GLU GLU A . n 
A 1 39  ARG 39  39  39  ARG ARG A . n 
A 1 40  LEU 40  40  40  LEU LEU A . n 
A 1 41  GLU 41  41  41  GLU GLU A . n 
A 1 42  LEU 42  42  42  LEU LEU A . n 
A 1 43  GLY 43  43  43  GLY GLY A . n 
A 1 44  GLU 44  44  44  GLU GLU A . n 
A 1 45  GLY 45  45  45  GLY GLY A . n 
A 1 46  SER 46  46  46  SER SER A . n 
A 1 47  VAL 47  47  47  VAL VAL A . n 
A 1 48  ARG 48  48  48  ARG ARG A . n 
A 1 49  THR 49  49  49  THR THR A . n 
A 1 50  LEU 50  50  50  LEU LEU A . n 
A 1 51  LEU 51  51  51  LEU LEU A . n 
A 1 52  ARG 52  52  52  ARG ARG A . n 
A 1 53  LYS 53  53  53  LYS LYS A . n 
A 1 54  LEU 54  54  54  LEU LEU A . n 
A 1 55  SER 55  55  55  SER SER A . n 
A 1 56  HIS 56  56  56  HIS HIS A . n 
A 1 57  LEU 57  57  57  LEU LEU A . n 
A 1 58  ASP 58  58  58  ASP ASP A . n 
A 1 59  ILE 59  59  59  ILE ILE A . n 
A 1 60  ILE 60  60  60  ILE ILE A . n 
A 1 61  ARG 61  61  61  ARG ARG A . n 
A 1 62  SER 62  62  62  SER SER A . n 
A 1 63  LYS 63  63  63  LYS LYS A . n 
A 1 64  GLN 64  64  ?   ?   ?   A . n 
A 1 65  ARG 65  65  ?   ?   ?   A . n 
A 1 66  GLY 66  66  66  GLY GLY A . n 
A 1 67  HIS 67  67  67  HIS HIS A . n 
A 1 68  PHE 68  68  68  PHE PHE A . n 
A 1 69  LEU 69  69  69  LEU LEU A . n 
A 1 70  THR 70  70  70  THR THR A . n 
A 1 71  LEU 71  71  71  LEU LEU A . n 
A 1 72  LYS 72  72  72  LYS LYS A . n 
A 1 73  GLY 73  73  73  GLY GLY A . n 
A 1 74  LYS 74  74  74  LYS LYS A . n 
A 1 75  GLU 75  75  75  GLU GLU A . n 
A 1 76  ILE 76  76  76  ILE ILE A . n 
A 1 77  ARG 77  77  77  ARG ARG A . n 
A 1 78  ASP 78  78  78  ASP ASP A . n 
A 1 79  LYS 79  79  79  LYS LYS A . n 
A 1 80  LEU 80  80  80  LEU LEU A . n 
A 1 81  LEU 81  81  81  LEU LEU A . n 
A 1 82  SER 82  82  82  SER SER A . n 
A 1 83  MET 83  83  83  MET MET A . n 
A 1 84  PHE 84  84  84  PHE PHE A . n 
A 1 85  SER 85  85  85  SER SER A . n 
A 1 86  GLU 86  86  86  GLU GLU A . n 
A 1 87  PRO 87  87  87  PRO PRO A . n 
A 1 88  ILE 88  88  88  ILE ILE A . n 
A 1 89  GLY 89  89  89  GLY GLY A . n 
A 1 90  VAL 90  90  90  VAL VAL A . n 
A 1 91  SER 91  91  91  SER SER A . n 
A 1 92  VAL 92  92  92  VAL VAL A . n 
A 1 93  ASP 93  93  93  ASP ASP A . n 
A 1 94  GLY 94  94  94  GLY GLY A . n 
A 1 95  TYR 95  95  95  TYR TYR A . n 
A 1 96  PRO 96  96  96  PRO PRO A . n 
A 1 97  GLY 97  97  97  GLY GLY A . n 
A 1 98  ILE 98  98  98  ILE ILE A . n 
A 1 99  ALA 99  99  99  ALA ALA A . n 
A 1 100 ILE 100 100 100 ILE ILE A . n 
A 1 101 VAL 101 101 101 VAL VAL A . n 
A 1 102 VAL 102 102 102 VAL VAL A . n 
A 1 103 LYS 103 103 103 LYS LYS A . n 
A 1 104 ASN 104 104 104 ASN ASN A . n 
A 1 105 PRO 105 105 105 PRO PRO A . n 
A 1 106 PRO 106 106 106 PRO PRO A . n 
A 1 107 GLU 107 107 107 GLU GLU A . n 
A 1 108 PHE 108 108 108 PHE PHE A . n 
A 1 109 LYS 109 109 109 LYS LYS A . n 
A 1 110 SER 110 110 110 SER SER A . n 
A 1 111 ILE 111 111 111 ILE ILE A . n 
A 1 112 GLU 112 112 112 GLU GLU A . n 
A 1 113 LEU 113 113 113 LEU LEU A . n 
A 1 114 ARG 114 114 114 ARG ARG A . n 
A 1 115 ASP 115 115 115 ASP ASP A . n 
A 1 116 GLU 116 116 116 GLU GLU A . n 
A 1 117 ALA 117 117 117 ALA ALA A . n 
A 1 118 ILE 118 118 118 ILE ILE A . n 
A 1 119 LYS 119 119 119 LYS LYS A . n 
A 1 120 PHE 120 120 120 PHE PHE A . n 
A 1 121 ASP 121 121 121 ASP ASP A . n 
A 1 122 ALA 122 122 122 ALA ALA A . n 
A 1 123 LYS 123 123 123 LYS LYS A . n 
A 1 124 GLY 124 124 124 GLY GLY A . n 
A 1 125 ALA 125 125 125 ALA ALA A . n 
A 1 126 MET 126 126 126 MET MET A . n 
A 1 127 ILE 127 127 127 ILE ILE A . n 
A 1 128 LEU 128 128 128 LEU LEU A . n 
A 1 129 THR 129 129 129 THR THR A . n 
A 1 130 VAL 130 130 130 VAL VAL A . n 
A 1 131 LYS 131 131 131 LYS LYS A . n 
A 1 132 ASP 132 132 132 ASP ASP A . n 
A 1 133 ASN 133 133 133 ASN ASN A . n 
A 1 134 GLU 134 134 134 GLU GLU A . n 
A 1 135 ILE 135 135 135 ILE ILE A . n 
A 1 136 VAL 136 136 136 VAL VAL A . n 
A 1 137 PHE 137 137 137 PHE PHE A . n 
A 1 138 PRO 138 138 138 PRO PRO A . n 
A 1 139 GLU 139 139 139 GLU GLU A . n 
A 1 140 ASP 140 140 140 ASP ASP A . n 
A 1 141 PHE 141 141 141 PHE PHE A . n 
A 1 142 ARG 142 142 142 ARG ARG A . n 
A 1 143 PRO 143 143 143 PRO PRO A . n 
A 1 144 LEU 144 144 144 LEU LEU A . n 
A 1 145 LYS 145 145 145 LYS LYS A . n 
A 1 146 GLU 146 146 146 GLU GLU A . n 
A 1 147 MET 147 147 147 MET MET A . n 
A 1 148 TYR 148 148 148 TYR TYR A . n 
A 1 149 PRO 149 149 149 PRO PRO A . n 
A 1 150 GLU 150 150 150 GLU GLU A . n 
A 1 151 VAL 151 151 151 VAL VAL A . n 
A 1 152 ALA 152 152 152 ALA ALA A . n 
A 1 153 LYS 153 153 153 LYS LYS A . n 
A 1 154 LYS 154 154 154 LYS LYS A . n 
A 1 155 ILE 155 155 155 ILE ILE A . n 
A 1 156 VAL 156 156 156 VAL VAL A . n 
A 1 157 ASP 157 157 157 ASP ASP A . n 
A 1 158 TYR 158 158 158 TYR TYR A . n 
A 1 159 GLU 159 159 159 GLU GLU A . n 
A 1 160 ASP 160 160 160 ASP ASP A . n 
A 1 161 GLY 161 161 161 GLY GLY A . n 
A 1 162 ASP 162 162 162 ASP ASP A . n 
A 1 163 ALA 163 163 163 ALA ALA A . n 
A 1 164 VAL 164 164 164 VAL VAL A . n 
A 1 165 ILE 165 165 165 ILE ILE A . n 
A 1 166 ILE 166 166 166 ILE ILE A . n 
A 1 167 THR 167 167 167 THR THR A . n 
A 1 168 TRP 168 168 168 TRP TRP A . n 
A 1 169 ALA 169 169 169 ALA ALA A . n 
A 1 170 GLU 170 170 170 GLU GLU A . n 
A 1 171 THR 171 171 171 THR THR A . n 
A 1 172 PRO 172 172 172 PRO PRO A . n 
A 1 173 ALA 173 173 173 ALA ALA A . n 
A 1 174 LYS 174 174 174 LYS LYS A . n 
A 1 175 ALA 175 175 175 ALA ALA A . n 
A 1 176 LEU 176 176 176 LEU LEU A . n 
A 1 177 LYS 177 177 177 LYS LYS A . n 
A 1 178 SER 178 178 178 SER SER A . n 
A 1 179 ALA 179 179 179 ALA ALA A . n 
A 1 180 ILE 180 180 180 ILE ILE A . n 
A 1 181 HIS 181 181 181 HIS HIS A . n 
A 1 182 VAL 182 182 182 VAL VAL A . n 
A 1 183 ALA 183 183 183 ALA ALA A . n 
A 1 184 TYR 184 184 184 TYR TYR A . n 
A 1 185 ILE 185 185 185 ILE ILE A . n 
A 1 186 LEU 186 186 186 LEU LEU A . n 
A 1 187 LYS 187 187 187 LYS LYS A . n 
A 1 188 LYS 188 188 188 LYS LYS A . n 
A 1 189 GLU 189 189 189 GLU GLU A . n 
A 1 190 GLU 190 190 190 GLU GLU A . n 
A 1 191 ILE 191 191 191 ILE ILE A . n 
A 1 192 THR 192 192 192 THR THR A . n 
A 1 193 PRO 193 193 193 PRO PRO A . n 
A 1 194 GLU 194 194 194 GLU GLU A . n 
A 1 195 ILE 195 195 195 ILE ILE A . n 
A 1 196 LEU 196 196 196 LEU LEU A . n 
A 1 197 GLU 197 197 197 GLU GLU A . n 
A 1 198 VAL 198 198 198 VAL VAL A . n 
A 1 199 VAL 199 199 199 VAL VAL A . n 
A 1 200 LYS 200 200 ?   ?   ?   A . n 
# 
loop_
_pdbx_nonpoly_scheme.asym_id 
_pdbx_nonpoly_scheme.entity_id 
_pdbx_nonpoly_scheme.mon_id 
_pdbx_nonpoly_scheme.ndb_seq_num 
_pdbx_nonpoly_scheme.pdb_seq_num 
_pdbx_nonpoly_scheme.auth_seq_num 
_pdbx_nonpoly_scheme.pdb_mon_id 
_pdbx_nonpoly_scheme.auth_mon_id 
_pdbx_nonpoly_scheme.pdb_strand_id 
_pdbx_nonpoly_scheme.pdb_ins_code 
B 2 HOH 1   201 1   HOH HOH A . 
B 2 HOH 2   202 2   HOH HOH A . 
B 2 HOH 3   203 3   HOH HOH A . 
B 2 HOH 4   204 4   HOH HOH A . 
B 2 HOH 5   205 5   HOH HOH A . 
B 2 HOH 6   206 6   HOH HOH A . 
B 2 HOH 7   207 7   HOH HOH A . 
B 2 HOH 8   208 8   HOH HOH A . 
B 2 HOH 9   209 9   HOH HOH A . 
B 2 HOH 10  210 10  HOH HOH A . 
B 2 HOH 11  211 11  HOH HOH A . 
B 2 HOH 12  212 12  HOH HOH A . 
B 2 HOH 13  213 13  HOH HOH A . 
B 2 HOH 14  214 14  HOH HOH A . 
B 2 HOH 15  215 15  HOH HOH A . 
B 2 HOH 16  216 16  HOH HOH A . 
B 2 HOH 17  217 17  HOH HOH A . 
B 2 HOH 18  218 18  HOH HOH A . 
B 2 HOH 19  219 20  HOH HOH A . 
B 2 HOH 20  220 22  HOH HOH A . 
B 2 HOH 21  221 23  HOH HOH A . 
B 2 HOH 22  222 24  HOH HOH A . 
B 2 HOH 23  223 25  HOH HOH A . 
B 2 HOH 24  224 26  HOH HOH A . 
B 2 HOH 25  225 27  HOH HOH A . 
B 2 HOH 26  226 28  HOH HOH A . 
B 2 HOH 27  227 29  HOH HOH A . 
B 2 HOH 28  228 30  HOH HOH A . 
B 2 HOH 29  229 31  HOH HOH A . 
B 2 HOH 30  230 32  HOH HOH A . 
B 2 HOH 31  231 33  HOH HOH A . 
B 2 HOH 32  232 34  HOH HOH A . 
B 2 HOH 33  233 35  HOH HOH A . 
B 2 HOH 34  234 36  HOH HOH A . 
B 2 HOH 35  235 37  HOH HOH A . 
B 2 HOH 36  236 38  HOH HOH A . 
B 2 HOH 37  237 39  HOH HOH A . 
B 2 HOH 38  238 40  HOH HOH A . 
B 2 HOH 39  239 41  HOH HOH A . 
B 2 HOH 40  240 42  HOH HOH A . 
B 2 HOH 41  241 43  HOH HOH A . 
B 2 HOH 42  242 44  HOH HOH A . 
B 2 HOH 43  243 45  HOH HOH A . 
B 2 HOH 44  244 46  HOH HOH A . 
B 2 HOH 45  245 47  HOH HOH A . 
B 2 HOH 46  246 48  HOH HOH A . 
B 2 HOH 47  247 49  HOH HOH A . 
B 2 HOH 48  248 50  HOH HOH A . 
B 2 HOH 49  249 51  HOH HOH A . 
B 2 HOH 50  250 53  HOH HOH A . 
B 2 HOH 51  251 54  HOH HOH A . 
B 2 HOH 52  252 55  HOH HOH A . 
B 2 HOH 53  253 56  HOH HOH A . 
B 2 HOH 54  254 57  HOH HOH A . 
B 2 HOH 55  255 58  HOH HOH A . 
B 2 HOH 56  256 59  HOH HOH A . 
B 2 HOH 57  257 60  HOH HOH A . 
B 2 HOH 58  258 61  HOH HOH A . 
B 2 HOH 59  259 62  HOH HOH A . 
B 2 HOH 60  260 63  HOH HOH A . 
B 2 HOH 61  261 66  HOH HOH A . 
B 2 HOH 62  262 67  HOH HOH A . 
B 2 HOH 63  263 68  HOH HOH A . 
B 2 HOH 64  264 69  HOH HOH A . 
B 2 HOH 65  265 70  HOH HOH A . 
B 2 HOH 66  266 71  HOH HOH A . 
B 2 HOH 67  267 72  HOH HOH A . 
B 2 HOH 68  268 73  HOH HOH A . 
B 2 HOH 69  269 74  HOH HOH A . 
B 2 HOH 70  270 75  HOH HOH A . 
B 2 HOH 71  271 77  HOH HOH A . 
B 2 HOH 72  272 78  HOH HOH A . 
B 2 HOH 73  273 79  HOH HOH A . 
B 2 HOH 74  274 80  HOH HOH A . 
B 2 HOH 75  275 81  HOH HOH A . 
B 2 HOH 76  276 82  HOH HOH A . 
B 2 HOH 77  277 83  HOH HOH A . 
B 2 HOH 78  278 84  HOH HOH A . 
B 2 HOH 79  279 85  HOH HOH A . 
B 2 HOH 80  280 86  HOH HOH A . 
B 2 HOH 81  281 87  HOH HOH A . 
B 2 HOH 82  282 88  HOH HOH A . 
B 2 HOH 83  283 89  HOH HOH A . 
B 2 HOH 84  284 91  HOH HOH A . 
B 2 HOH 85  285 92  HOH HOH A . 
B 2 HOH 86  286 93  HOH HOH A . 
B 2 HOH 87  287 94  HOH HOH A . 
B 2 HOH 88  288 95  HOH HOH A . 
B 2 HOH 89  289 96  HOH HOH A . 
B 2 HOH 90  290 97  HOH HOH A . 
B 2 HOH 91  291 98  HOH HOH A . 
B 2 HOH 92  292 99  HOH HOH A . 
B 2 HOH 93  293 101 HOH HOH A . 
B 2 HOH 94  294 102 HOH HOH A . 
B 2 HOH 95  295 103 HOH HOH A . 
B 2 HOH 96  296 104 HOH HOH A . 
B 2 HOH 97  297 105 HOH HOH A . 
B 2 HOH 98  298 106 HOH HOH A . 
B 2 HOH 99  299 107 HOH HOH A . 
B 2 HOH 100 300 108 HOH HOH A . 
B 2 HOH 101 301 109 HOH HOH A . 
B 2 HOH 102 302 110 HOH HOH A . 
B 2 HOH 103 303 111 HOH HOH A . 
B 2 HOH 104 304 112 HOH HOH A . 
B 2 HOH 105 305 113 HOH HOH A . 
B 2 HOH 106 306 114 HOH HOH A . 
B 2 HOH 107 307 115 HOH HOH A . 
B 2 HOH 108 308 116 HOH HOH A . 
B 2 HOH 109 309 117 HOH HOH A . 
B 2 HOH 110 310 118 HOH HOH A . 
B 2 HOH 111 311 119 HOH HOH A . 
B 2 HOH 112 312 120 HOH HOH A . 
B 2 HOH 113 313 123 HOH HOH A . 
B 2 HOH 114 314 125 HOH HOH A . 
B 2 HOH 115 315 126 HOH HOH A . 
B 2 HOH 116 316 127 HOH HOH A . 
B 2 HOH 117 317 128 HOH HOH A . 
# 
loop_
_software.name 
_software.version 
_software.date 
_software.type 
_software.contact_author 
_software.contact_author_email 
_software.classification 
_software.location 
_software.language 
_software.citation_id 
_software.pdbx_ordinal 
DENZO       .        ?                package 'Zbyszek Otwinowski' zbyszek@mix.swmed.edu    'data reduction'  
http://www.lnls.br/infra/linhasluz/denzo-hkl.htm ?          ? 1 
SCALEPACK   .        ?                package 'Zbyszek Otwinowski' zbyszek@mix.swmed.edu    'data scaling'    
http://www.lnls.br/infra/linhasluz/denzo-hkl.htm ?          ? 2 
REFMAC      5.2.0019 ?                program 'Murshudov, G.N.'    ccp4@dl.ac.uk            refinement        
http://www.ccp4.ac.uk/main.html                  Fortran_77 ? 3 
PDB_EXTRACT 2.000    'April. 3, 2006' package PDB                  sw-help@rcsb.rutgers.edu 'data extraction' 
http://pdb.rutgers.edu/software/                 C++        ? 4 
SERGUI      .        ?                ?       ?                    ?                        'data collection' ? ?          ? 5 
HKL-2000    .        ?                ?       ?                    ?                        'data reduction'  ? ?          ? 6 
ISAS        PIPELINE ?                ?       ?                    ?                        phasing           ? ?          ? 7 
# 
_cell.length_a           34.709 
_cell.length_b           60.971 
_cell.length_c           84.434 
_cell.angle_alpha        90.000 
_cell.angle_beta         90.000 
_cell.angle_gamma        90.000 
_cell.entry_id           2P8T 
_cell.pdbx_unique_axis   ? 
_cell.Z_PDB              4 
_cell.length_a_esd       ? 
_cell.length_b_esd       ? 
_cell.length_c_esd       ? 
_cell.angle_alpha_esd    ? 
_cell.angle_beta_esd     ? 
_cell.angle_gamma_esd    ? 
# 
_symmetry.space_group_name_H-M             'P 21 21 21' 
_symmetry.entry_id                         2P8T 
_symmetry.Int_Tables_number                19 
_symmetry.pdbx_full_space_group_name_H-M   ? 
_symmetry.cell_setting                     ? 
_symmetry.space_group_name_Hall            ? 
# 
_exptl.crystals_number   1 
_exptl.entry_id          2P8T 
_exptl.method            'X-RAY DIFFRACTION' 
# 
_exptl_crystal.id                    1 
_exptl_crystal.density_Matthews      1.97 
_exptl_crystal.density_meas          ? 
_exptl_crystal.density_percent_sol   37.57 
_exptl_crystal.description           ? 
_exptl_crystal.F_000                 ? 
_exptl_crystal.preparation           ? 
# 
_exptl_crystal_grow.crystal_id      1 
_exptl_crystal_grow.method          'VAPOR DIFFUSION, SITTING DROP' 
_exptl_crystal_grow.pH              8.4 
_exptl_crystal_grow.temp            293 
_exptl_crystal_grow.temp_details    ? 
_exptl_crystal_grow.pdbx_details    
;USING 2 MICROLITER DROPS CONTAINING EQUAL VOLUMES OF PROTEIN CONCENTRATE (7.8 mg/ml) AND RESERVOIR SOLUTION CONTAINING 30% w/v PEG4000, 0.2M Mg chloride, 0.1M Tris-HCl (pH 8.4) , VAPOR DIFFUSION, SITTING DROP, temperature 293K
;
_exptl_crystal_grow.pdbx_pH_range   . 
# 
_diffrn.id                     1 
_diffrn.ambient_temp           100 
_diffrn.ambient_temp_details   ? 
_diffrn.crystal_id             1 
# 
_diffrn_detector.diffrn_id              1 
_diffrn_detector.detector               CCD 
_diffrn_detector.type                   'MARMOSAIC 300 mm CCD' 
_diffrn_detector.pdbx_collection_date   2007-01-31 
_diffrn_detector.details                ROSENBAUM 
# 
_diffrn_radiation.diffrn_id                        1 
_diffrn_radiation.wavelength_id                    1 
_diffrn_radiation.pdbx_diffrn_protocol             'SINGLE WAVELENGTH' 
_diffrn_radiation.monochromator                    'SI CHANNEL 220' 
_diffrn_radiation.pdbx_monochromatic_or_laue_m_l   M 
_diffrn_radiation.pdbx_scattering_type             x-ray 
# 
_diffrn_radiation_wavelength.id           1 
_diffrn_radiation_wavelength.wavelength   0.97243 
_diffrn_radiation_wavelength.wt           1.0 
# 
_diffrn_source.diffrn_id                   1 
_diffrn_source.source                      SYNCHROTRON 
_diffrn_source.type                        'APS BEAMLINE 22-ID' 
_diffrn_source.pdbx_wavelength             ? 
_diffrn_source.pdbx_wavelength_list        0.97243 
_diffrn_source.pdbx_synchrotron_site       APS 
_diffrn_source.pdbx_synchrotron_beamline   22-ID 
# 
_reflns.entry_id                     2P8T 
_reflns.d_resolution_high            1.790 
_reflns.d_resolution_low             50.000 
_reflns.number_obs                   17130 
_reflns.pdbx_Rmerge_I_obs            ? 
_reflns.pdbx_netI_over_sigmaI        17.700 
_reflns.pdbx_chi_squared             2.558 
_reflns.pdbx_redundancy              13.100 
_reflns.percent_possible_obs         96.900 
_reflns.observed_criterion_sigma_F   ? 
_reflns.observed_criterion_sigma_I   0 
_reflns.number_all                   17130 
_reflns.pdbx_Rsym_value              0.079 
_reflns.B_iso_Wilson_estimate        ? 
_reflns.R_free_details               ? 
_reflns.limit_h_max                  ? 
_reflns.limit_h_min                  ? 
_reflns.limit_k_max                  ? 
_reflns.limit_k_min                  ? 
_reflns.limit_l_max                  ? 
_reflns.limit_l_min                  ? 
_reflns.observed_criterion_F_max     ? 
_reflns.observed_criterion_F_min     ? 
_reflns.pdbx_scaling_rejects         ? 
_reflns.pdbx_ordinal                 1 
_reflns.pdbx_diffrn_id               1 
_reflns.pdbx_CC_half                 ? 
_reflns.pdbx_Rpim_I_all              ? 
_reflns.pdbx_Rrim_I_all              ? 
# 
loop_
_reflns_shell.d_res_high 
_reflns_shell.d_res_low 
_reflns_shell.number_measured_obs 
_reflns_shell.number_measured_all 
_reflns_shell.number_unique_obs 
_reflns_shell.Rmerge_I_obs 
_reflns_shell.meanI_over_sigI_obs 
_reflns_shell.pdbx_Rsym_value 
_reflns_shell.pdbx_chi_squared 
_reflns_shell.pdbx_redundancy 
_reflns_shell.percent_possible_obs 
_reflns_shell.number_unique_all 
_reflns_shell.percent_possible_all 
_reflns_shell.pdbx_ordinal 
_reflns_shell.pdbx_diffrn_id 
_reflns_shell.pdbx_CC_half 
_reflns_shell.pdbx_Rpim_I_all 
_reflns_shell.pdbx_Rrim_I_all 
1.79 1.85  ? ? ? 0.24  ? ? 1.455 9.30  ? 1331 76.90  1  1 ? ? ? 
1.85 1.93  ? ? ? 0.21  ? ? 1.543 11.40 ? 1628 93.40  2  1 ? ? ? 
1.93 2.02  ? ? ? 0.184 ? ? 1.707 12.70 ? 1701 99.20  3  1 ? ? ? 
2.02 2.12  ? ? ? 0.146 ? ? 2.015 13.80 ? 1732 99.80  4  1 ? ? ? 
2.12 2.26  ? ? ? 0.122 ? ? 2.382 14.20 ? 1729 100.00 5  1 ? ? ? 
2.26 2.43  ? ? ? 0.105 ? ? 2.943 14.00 ? 1759 100.00 6  1 ? ? ? 
2.43 2.67  ? ? ? 0.096 ? ? 3.265 14.00 ? 1780 100.00 7  1 ? ? ? 
2.67 3.06  ? ? ? 0.08  ? ? 3.641 13.90 ? 1767 100.00 8  1 ? ? ? 
3.06 3.86  ? ? ? 0.073 ? ? 3.106 13.70 ? 1798 100.00 9  1 ? ? ? 
3.86 50.00 ? ? ? 0.065 ? ? 2.556 12.70 ? 1905 99.50  10 1 ? ? ? 
# 
_refine.entry_id                                 2P8T 
_refine.ls_d_res_high                            1.800 
_refine.ls_d_res_low                             30.000 
_refine.pdbx_ls_sigma_F                          0.00 
_refine.ls_percent_reflns_obs                    97.910 
_refine.ls_number_reflns_obs                     16882 
_refine.pdbx_ls_cross_valid_method               THROUGHOUT 
_refine.pdbx_R_Free_selection_details            RANDOM 
_refine.details                                  'HYDROGENS HAVE BEEN ADDED IN THE RIDING POSITIONS' 
_refine.ls_R_factor_obs                          0.229 
_refine.ls_R_factor_R_work                       0.227 
_refine.ls_R_factor_R_free                       0.279 
_refine.ls_percent_reflns_R_free                 5.000 
_refine.ls_number_reflns_R_free                  852 
_refine.B_iso_mean                               28.451 
_refine.aniso_B[1][1]                            -1.760 
_refine.aniso_B[2][2]                            3.100 
_refine.aniso_B[3][3]                            -1.350 
_refine.aniso_B[1][2]                            0.000 
_refine.aniso_B[1][3]                            0.000 
_refine.aniso_B[2][3]                            0.000 
_refine.correlation_coeff_Fo_to_Fc               0.941 
_refine.correlation_coeff_Fo_to_Fc_free          0.914 
_refine.pdbx_overall_ESU_R                       0.169 
_refine.pdbx_overall_ESU_R_Free                  0.162 
_refine.overall_SU_ML                            0.111 
_refine.overall_SU_B                             3.459 
_refine.solvent_model_details                    MASK 
_refine.pdbx_solvent_vdw_probe_radii             1.200 
_refine.pdbx_solvent_ion_probe_radii             0.800 
_refine.pdbx_solvent_shrinkage_radii             0.800 
_refine.pdbx_stereochemistry_target_values       'MAXIMUM LIKELIHOOD' 
_refine.pdbx_ls_sigma_I                          ? 
_refine.ls_number_reflns_all                     ? 
_refine.ls_R_factor_all                          ? 
_refine.ls_redundancy_reflns_obs                 ? 
_refine.pdbx_data_cutoff_high_absF               ? 
_refine.pdbx_data_cutoff_low_absF                ? 
_refine.ls_number_parameters                     ? 
_refine.ls_number_restraints                     ? 
_refine.ls_R_factor_R_free_error                 ? 
_refine.ls_R_factor_R_free_error_details         ? 
_refine.pdbx_method_to_determine_struct          SAD 
_refine.pdbx_starting_model                      ? 
_refine.pdbx_stereochem_target_val_spec_case     ? 
_refine.solvent_model_param_bsol                 ? 
_refine.solvent_model_param_ksol                 ? 
_refine.occupancy_max                            ? 
_refine.occupancy_min                            ? 
_refine.pdbx_isotropic_thermal_model             ? 
_refine.B_iso_min                                ? 
_refine.B_iso_max                                ? 
_refine.overall_SU_R_Cruickshank_DPI             ? 
_refine.overall_SU_R_free                        ? 
_refine.pdbx_data_cutoff_high_rms_absF           ? 
_refine.ls_wR_factor_R_free                      ? 
_refine.ls_wR_factor_R_work                      ? 
_refine.overall_FOM_free_R_set                   ? 
_refine.overall_FOM_work_R_set                   ? 
_refine.pdbx_refine_id                           'X-RAY DIFFRACTION' 
_refine.pdbx_diffrn_id                           1 
_refine.pdbx_TLS_residual_ADP_flag               ? 
_refine.pdbx_overall_phase_error                 ? 
_refine.pdbx_overall_SU_R_free_Cruickshank_DPI   ? 
_refine.pdbx_overall_SU_R_Blow_DPI               ? 
_refine.pdbx_overall_SU_R_free_Blow_DPI          ? 
# 
_refine_hist.pdbx_refine_id                   'X-RAY DIFFRACTION' 
_refine_hist.cycle_id                         LAST 
_refine_hist.pdbx_number_atoms_protein        1463 
_refine_hist.pdbx_number_atoms_nucleic_acid   0 
_refine_hist.pdbx_number_atoms_ligand         0 
_refine_hist.number_atoms_solvent             117 
_refine_hist.number_atoms_total               1580 
_refine_hist.d_res_high                       1.800 
_refine_hist.d_res_low                        30.000 
# 
loop_
_refine_ls_restr.type 
_refine_ls_restr.number 
_refine_ls_restr.dev_ideal 
_refine_ls_restr.dev_ideal_target 
_refine_ls_restr.weight 
_refine_ls_restr.pdbx_refine_id 
_refine_ls_restr.pdbx_restraint_function 
r_bond_refined_d         1488 0.011  0.022  ? 'X-RAY DIFFRACTION' ? 
r_angle_refined_deg      2007 1.238  2.007  ? 'X-RAY DIFFRACTION' ? 
r_dihedral_angle_1_deg   182  5.499  5.000  ? 'X-RAY DIFFRACTION' ? 
r_dihedral_angle_2_deg   59   34.299 24.576 ? 'X-RAY DIFFRACTION' ? 
r_dihedral_angle_3_deg   292  14.892 15.000 ? 'X-RAY DIFFRACTION' ? 
r_dihedral_angle_4_deg   8    17.597 15.000 ? 'X-RAY DIFFRACTION' ? 
r_chiral_restr           236  0.088  0.200  ? 'X-RAY DIFFRACTION' ? 
r_gen_planes_refined     1065 0.005  0.020  ? 'X-RAY DIFFRACTION' ? 
r_nbd_refined            752  0.211  0.200  ? 'X-RAY DIFFRACTION' ? 
r_nbtor_refined          1062 0.306  0.200  ? 'X-RAY DIFFRACTION' ? 
r_xyhbond_nbd_refined    97   0.131  0.200  ? 'X-RAY DIFFRACTION' ? 
r_symmetry_vdw_refined   23   0.307  0.200  ? 'X-RAY DIFFRACTION' ? 
r_symmetry_hbond_refined 9    0.226  0.200  ? 'X-RAY DIFFRACTION' ? 
r_mcbond_it              951  0.924  1.500  ? 'X-RAY DIFFRACTION' ? 
r_mcangle_it             1496 1.515  2.000  ? 'X-RAY DIFFRACTION' ? 
r_scbond_it              597  2.320  3.000  ? 'X-RAY DIFFRACTION' ? 
r_scangle_it             511  3.699  4.500  ? 'X-RAY DIFFRACTION' ? 
# 
_refine_ls_shell.d_res_high                       1.800 
_refine_ls_shell.d_res_low                        1.847 
_refine_ls_shell.pdbx_total_number_of_bins_used   20 
_refine_ls_shell.percent_reflns_obs               82.830 
_refine_ls_shell.number_reflns_R_work             980 
_refine_ls_shell.R_factor_all                     ? 
_refine_ls_shell.R_factor_R_work                  0.255 
_refine_ls_shell.R_factor_R_free                  0.365 
_refine_ls_shell.percent_reflns_R_free            ? 
_refine_ls_shell.number_reflns_R_free             57 
_refine_ls_shell.R_factor_R_free_error            ? 
_refine_ls_shell.number_reflns_all                ? 
_refine_ls_shell.number_reflns_obs                1037 
_refine_ls_shell.redundancy_reflns_obs            ? 
_refine_ls_shell.pdbx_refine_id                   'X-RAY DIFFRACTION' 
_refine_ls_shell.R_factor_obs                     ? 
# 
_struct.entry_id                  2P8T 
_struct.title                     'Hypothetical protein PH0730 from Pyrococcus horikoshii OT3' 
_struct.pdbx_model_details        ? 
_struct.pdbx_CASP_flag            ? 
_struct.pdbx_model_type_details   ? 
# 
_struct_keywords.entry_id        2P8T 
_struct_keywords.pdbx_keywords   'STRUCTURAL GENOMICS, UNKNOWN FUNCTION' 
_struct_keywords.text            
;hypothetical protein, PH0730, Pyrococcus horikoshii OT3, Structural Genomics, PSI, Protein Structure Initiative, Southeast Collaboratory for Structural Genomics, SECSG, NPPSFA, National Project on Protein Structural and Functional Analyses, RIKEN STRUCTURAL GENOMICS/PROTEOMICS INITIATIVE, RSGI, UNKNOWN FUNCTION
;
# 
loop_
_struct_asym.id 
_struct_asym.pdbx_blank_PDB_chainid_flag 
_struct_asym.pdbx_modified 
_struct_asym.entity_id 
_struct_asym.details 
A N N 1 ? 
B N N 2 ? 
# 
_struct_ref.id                         1 
_struct_ref.db_name                    UNP 
_struct_ref.db_code                    O58461_PYRHO 
_struct_ref.pdbx_db_accession          O58461 
_struct_ref.entity_id                  1 
_struct_ref.pdbx_seq_one_letter_code   
;MVGQVIRKRGAYPEYTVEDVLAVIFLLKEPLGRKQISERLELGEGSVRTLLRKLSHLDIIRSKQRGHFLTLKGKEIRDKL
LSMFSEPIGVSVDGYPGIAIVVKNPPEFKSIELRDEAIKFDAKGAMILTVKDNEIVFPEDFRPLKEMYPEVAKKIVDYED
GDAVIITWAETPAKALKSAIHVAYILKKEEITPEILEVVK
;
_struct_ref.pdbx_align_begin           15 
_struct_ref.pdbx_db_isoform            ? 
# 
_struct_ref_seq.align_id                      1 
_struct_ref_seq.ref_id                        1 
_struct_ref_seq.pdbx_PDB_id_code              2P8T 
_struct_ref_seq.pdbx_strand_id                A 
_struct_ref_seq.seq_align_beg                 1 
_struct_ref_seq.pdbx_seq_align_beg_ins_code   ? 
_struct_ref_seq.seq_align_end                 200 
_struct_ref_seq.pdbx_seq_align_end_ins_code   ? 
_struct_ref_seq.pdbx_db_accession             O58461 
_struct_ref_seq.db_align_beg                  15 
_struct_ref_seq.pdbx_db_align_beg_ins_code    ? 
_struct_ref_seq.db_align_end                  214 
_struct_ref_seq.pdbx_db_align_end_ins_code    ? 
_struct_ref_seq.pdbx_auth_seq_align_beg       1 
_struct_ref_seq.pdbx_auth_seq_align_end       200 
# 
_pdbx_struct_assembly.id                   1 
_pdbx_struct_assembly.details              author_defined_assembly 
_pdbx_struct_assembly.method_details       ? 
_pdbx_struct_assembly.oligomeric_details   monomeric 
_pdbx_struct_assembly.oligomeric_count     1 
# 
_pdbx_struct_assembly_gen.assembly_id       1 
_pdbx_struct_assembly_gen.oper_expression   1 
_pdbx_struct_assembly_gen.asym_id_list      A,B 
# 
_pdbx_struct_oper_list.id                   1 
_pdbx_struct_oper_list.type                 'identity operation' 
_pdbx_struct_oper_list.name                 1_555 
_pdbx_struct_oper_list.symmetry_operation   x,y,z 
_pdbx_struct_oper_list.matrix[1][1]         1.0000000000 
_pdbx_struct_oper_list.matrix[1][2]         0.0000000000 
_pdbx_struct_oper_list.matrix[1][3]         0.0000000000 
_pdbx_struct_oper_list.vector[1]            0.0000000000 
_pdbx_struct_oper_list.matrix[2][1]         0.0000000000 
_pdbx_struct_oper_list.matrix[2][2]         1.0000000000 
_pdbx_struct_oper_list.matrix[2][3]         0.0000000000 
_pdbx_struct_oper_list.vector[2]            0.0000000000 
_pdbx_struct_oper_list.matrix[3][1]         0.0000000000 
_pdbx_struct_oper_list.matrix[3][2]         0.0000000000 
_pdbx_struct_oper_list.matrix[3][3]         1.0000000000 
_pdbx_struct_oper_list.vector[3]            0.0000000000 
# 
_struct_biol.id                    1 
_struct_biol.details               'The biological assembly is a monomer' 
_struct_biol.pdbx_parent_biol_id   ? 
# 
loop_
_struct_conf.conf_type_id 
_struct_conf.id 
_struct_conf.pdbx_PDB_helix_id 
_struct_conf.beg_label_comp_id 
_struct_conf.beg_label_asym_id 
_struct_conf.beg_label_seq_id 
_struct_conf.pdbx_beg_PDB_ins_code 
_struct_conf.end_label_comp_id 
_struct_conf.end_label_asym_id 
_struct_conf.end_label_seq_id 
_struct_conf.pdbx_end_PDB_ins_code 
_struct_conf.beg_auth_comp_id 
_struct_conf.beg_auth_asym_id 
_struct_conf.beg_auth_seq_id 
_struct_conf.end_auth_comp_id 
_struct_conf.end_auth_asym_id 
_struct_conf.end_auth_seq_id 
_struct_conf.pdbx_PDB_helix_class 
_struct_conf.details 
_struct_conf.pdbx_PDB_helix_length 
HELX_P HELX_P1  1  THR A 16  ? LEU A 27  ? THR A 16  LEU A 27  1 ? 12 
HELX_P HELX_P2  2  GLY A 32  ? GLU A 41  ? GLY A 32  GLU A 41  1 ? 10 
HELX_P HELX_P3  3  GLY A 43  ? LEU A 57  ? GLY A 43  LEU A 57  1 ? 15 
HELX_P HELX_P4  4  THR A 70  ? SER A 82  ? THR A 70  SER A 82  1 ? 13 
HELX_P HELX_P5  5  LYS A 109 ? PHE A 120 ? LYS A 109 PHE A 120 1 ? 12 
HELX_P HELX_P6  6  PRO A 143 ? MET A 147 ? PRO A 143 MET A 147 5 ? 5  
HELX_P HELX_P7  7  TYR A 148 ? ILE A 155 ? TYR A 148 ILE A 155 1 ? 8  
HELX_P HELX_P8  8  THR A 171 ? LYS A 188 ? THR A 171 LYS A 188 1 ? 18 
HELX_P HELX_P9  9  GLU A 189 ? ILE A 191 ? GLU A 189 ILE A 191 5 ? 3  
HELX_P HELX_P10 10 THR A 192 ? GLU A 197 ? THR A 192 GLU A 197 1 ? 6  
# 
_struct_conf_type.id          HELX_P 
_struct_conf_type.criteria    ? 
_struct_conf_type.reference   ? 
# 
loop_
_struct_sheet.id 
_struct_sheet.type 
_struct_sheet.number_strands 
_struct_sheet.details 
A ? 2 ? 
B ? 5 ? 
# 
loop_
_struct_sheet_order.sheet_id 
_struct_sheet_order.range_id_1 
_struct_sheet_order.range_id_2 
_struct_sheet_order.offset 
_struct_sheet_order.sense 
A 1 2 ? anti-parallel 
B 1 2 ? anti-parallel 
B 2 3 ? anti-parallel 
B 3 4 ? anti-parallel 
B 4 5 ? anti-parallel 
# 
loop_
_struct_sheet_range.sheet_id 
_struct_sheet_range.id 
_struct_sheet_range.beg_label_comp_id 
_struct_sheet_range.beg_label_asym_id 
_struct_sheet_range.beg_label_seq_id 
_struct_sheet_range.pdbx_beg_PDB_ins_code 
_struct_sheet_range.end_label_comp_id 
_struct_sheet_range.end_label_asym_id 
_struct_sheet_range.end_label_seq_id 
_struct_sheet_range.pdbx_end_PDB_ins_code 
_struct_sheet_range.beg_auth_comp_id 
_struct_sheet_range.beg_auth_asym_id 
_struct_sheet_range.beg_auth_seq_id 
_struct_sheet_range.end_auth_comp_id 
_struct_sheet_range.end_auth_asym_id 
_struct_sheet_range.end_auth_seq_id 
A 1 ILE A 60  ? ARG A 61  ? ILE A 60  ARG A 61  
A 2 PHE A 68  ? LEU A 69  ? PHE A 68  LEU A 69  
B 1 ILE A 88  ? VAL A 92  ? ILE A 88  VAL A 92  
B 2 TYR A 95  ? VAL A 102 ? TYR A 95  VAL A 102 
B 3 ALA A 163 ? TRP A 168 ? ALA A 163 TRP A 168 
B 4 GLY A 124 ? LYS A 131 ? GLY A 124 LYS A 131 
B 5 GLU A 134 ? VAL A 136 ? GLU A 134 VAL A 136 
# 
loop_
_pdbx_struct_sheet_hbond.sheet_id 
_pdbx_struct_sheet_hbond.range_id_1 
_pdbx_struct_sheet_hbond.range_id_2 
_pdbx_struct_sheet_hbond.range_1_label_atom_id 
_pdbx_struct_sheet_hbond.range_1_label_comp_id 
_pdbx_struct_sheet_hbond.range_1_label_asym_id 
_pdbx_struct_sheet_hbond.range_1_label_seq_id 
_pdbx_struct_sheet_hbond.range_1_PDB_ins_code 
_pdbx_struct_sheet_hbond.range_1_auth_atom_id 
_pdbx_struct_sheet_hbond.range_1_auth_comp_id 
_pdbx_struct_sheet_hbond.range_1_auth_asym_id 
_pdbx_struct_sheet_hbond.range_1_auth_seq_id 
_pdbx_struct_sheet_hbond.range_2_label_atom_id 
_pdbx_struct_sheet_hbond.range_2_label_comp_id 
_pdbx_struct_sheet_hbond.range_2_label_asym_id 
_pdbx_struct_sheet_hbond.range_2_label_seq_id 
_pdbx_struct_sheet_hbond.range_2_PDB_ins_code 
_pdbx_struct_sheet_hbond.range_2_auth_atom_id 
_pdbx_struct_sheet_hbond.range_2_auth_comp_id 
_pdbx_struct_sheet_hbond.range_2_auth_asym_id 
_pdbx_struct_sheet_hbond.range_2_auth_seq_id 
A 1 2 N ARG A 61  ? N ARG A 61  O PHE A 68  ? O PHE A 68  
B 1 2 N VAL A 90  ? N VAL A 90  O GLY A 97  ? O GLY A 97  
B 2 3 N ILE A 100 ? N ILE A 100 O ILE A 165 ? O ILE A 165 
B 3 4 O ILE A 166 ? O ILE A 166 N MET A 126 ? N MET A 126 
B 4 5 N THR A 129 ? N THR A 129 O VAL A 136 ? O VAL A 136 
# 
loop_
_pdbx_validate_torsion.id 
_pdbx_validate_torsion.PDB_model_num 
_pdbx_validate_torsion.auth_comp_id 
_pdbx_validate_torsion.auth_asym_id 
_pdbx_validate_torsion.auth_seq_id 
_pdbx_validate_torsion.PDB_ins_code 
_pdbx_validate_torsion.label_alt_id 
_pdbx_validate_torsion.phi 
_pdbx_validate_torsion.psi 
1 1 LEU A 27  ? ? -77.55 28.20 
2 1 ASN A 104 ? ? 35.76  63.85 
# 
loop_
_pdbx_SG_project.id 
_pdbx_SG_project.project_name 
_pdbx_SG_project.full_name_of_center 
_pdbx_SG_project.initial_of_center 
1 'PSI, Protein Structure Initiative'                                      'Southeast Collaboratory for Structural Genomics' SECSG 
2 'NPPSFA, National Project on Protein Structural and Functional Analyses' 'RIKEN Structural Genomics/Proteomics Initiative' RSGI  
# 
_diffrn_reflns.diffrn_id                   1 
_diffrn_reflns.pdbx_d_res_high             1.790 
_diffrn_reflns.pdbx_d_res_low              50.000 
_diffrn_reflns.pdbx_number_obs             17130 
_diffrn_reflns.pdbx_Rmerge_I_obs           0.079 
_diffrn_reflns.pdbx_Rsym_value             ? 
_diffrn_reflns.pdbx_chi_squared            2.56 
_diffrn_reflns.av_sigmaI_over_netI         17.70 
_diffrn_reflns.pdbx_redundancy             13.10 
_diffrn_reflns.pdbx_percent_possible_obs   96.90 
_diffrn_reflns.number                      223902 
_diffrn_reflns.pdbx_observed_criterion     ? 
_diffrn_reflns.limit_h_max                 ? 
_diffrn_reflns.limit_h_min                 ? 
_diffrn_reflns.limit_k_max                 ? 
_diffrn_reflns.limit_k_min                 ? 
_diffrn_reflns.limit_l_max                 ? 
_diffrn_reflns.limit_l_min                 ? 
# 
loop_
_pdbx_diffrn_reflns_shell.diffrn_id 
_pdbx_diffrn_reflns_shell.d_res_high 
_pdbx_diffrn_reflns_shell.d_res_low 
_pdbx_diffrn_reflns_shell.number_obs 
_pdbx_diffrn_reflns_shell.rejects 
_pdbx_diffrn_reflns_shell.Rmerge_I_obs 
_pdbx_diffrn_reflns_shell.Rsym_value 
_pdbx_diffrn_reflns_shell.chi_squared 
_pdbx_diffrn_reflns_shell.redundancy 
_pdbx_diffrn_reflns_shell.percent_possible_obs 
1 3.86 50.00 ? ? 0.065 ? 2.556 12.70 99.50  
1 3.06 3.86  ? ? 0.073 ? 3.106 13.70 100.00 
1 2.67 3.06  ? ? 0.080 ? 3.641 13.90 100.00 
1 2.43 2.67  ? ? 0.096 ? 3.265 14.00 100.00 
1 2.26 2.43  ? ? 0.105 ? 2.943 14.00 100.00 
1 2.12 2.26  ? ? 0.122 ? 2.382 14.20 100.00 
1 2.02 2.12  ? ? 0.146 ? 2.015 13.80 99.80  
1 1.93 2.02  ? ? 0.184 ? 1.707 12.70 99.20  
1 1.85 1.93  ? ? 0.210 ? 1.543 11.40 93.40  
1 1.79 1.85  ? ? 0.240 ? 1.455 9.30  76.90  
# 
loop_
_pdbx_unobs_or_zero_occ_residues.id 
_pdbx_unobs_or_zero_occ_residues.PDB_model_num 
_pdbx_unobs_or_zero_occ_residues.polymer_flag 
_pdbx_unobs_or_zero_occ_residues.occupancy_flag 
_pdbx_unobs_or_zero_occ_residues.auth_asym_id 
_pdbx_unobs_or_zero_occ_residues.auth_comp_id 
_pdbx_unobs_or_zero_occ_residues.auth_seq_id 
_pdbx_unobs_or_zero_occ_residues.PDB_ins_code 
_pdbx_unobs_or_zero_occ_residues.label_asym_id 
_pdbx_unobs_or_zero_occ_residues.label_comp_id 
_pdbx_unobs_or_zero_occ_residues.label_seq_id 
1  1 Y 1 A MET 1   ? A MET 1   
2  1 Y 1 A VAL 2   ? A VAL 2   
3  1 Y 1 A GLY 3   ? A GLY 3   
4  1 Y 1 A GLN 4   ? A GLN 4   
5  1 Y 1 A VAL 5   ? A VAL 5   
6  1 Y 1 A ILE 6   ? A ILE 6   
7  1 Y 1 A ARG 7   ? A ARG 7   
8  1 Y 1 A LYS 8   ? A LYS 8   
9  1 Y 1 A ARG 9   ? A ARG 9   
10 1 Y 1 A GLY 10  ? A GLY 10  
11 1 Y 1 A ALA 11  ? A ALA 11  
12 1 Y 1 A TYR 12  ? A TYR 12  
13 1 Y 1 A PRO 13  ? A PRO 13  
14 1 Y 1 A GLN 64  ? A GLN 64  
15 1 Y 1 A ARG 65  ? A ARG 65  
16 1 Y 1 A LYS 200 ? A LYS 200 
# 
loop_
_chem_comp_atom.comp_id 
_chem_comp_atom.atom_id 
_chem_comp_atom.type_symbol 
_chem_comp_atom.pdbx_aromatic_flag 
_chem_comp_atom.pdbx_stereo_config 
_chem_comp_atom.pdbx_ordinal 
ALA N    N N N 1   
ALA CA   C N S 2   
ALA C    C N N 3   
ALA O    O N N 4   
ALA CB   C N N 5   
ALA OXT  O N N 6   
ALA H    H N N 7   
ALA H2   H N N 8   
ALA HA   H N N 9   
ALA HB1  H N N 10  
ALA HB2  H N N 11  
ALA HB3  H N N 12  
ALA HXT  H N N 13  
ARG N    N N N 14  
ARG CA   C N S 15  
ARG C    C N N 16  
ARG O    O N N 17  
ARG CB   C N N 18  
ARG CG   C N N 19  
ARG CD   C N N 20  
ARG NE   N N N 21  
ARG CZ   C N N 22  
ARG NH1  N N N 23  
ARG NH2  N N N 24  
ARG OXT  O N N 25  
ARG H    H N N 26  
ARG H2   H N N 27  
ARG HA   H N N 28  
ARG HB2  H N N 29  
ARG HB3  H N N 30  
ARG HG2  H N N 31  
ARG HG3  H N N 32  
ARG HD2  H N N 33  
ARG HD3  H N N 34  
ARG HE   H N N 35  
ARG HH11 H N N 36  
ARG HH12 H N N 37  
ARG HH21 H N N 38  
ARG HH22 H N N 39  
ARG HXT  H N N 40  
ASN N    N N N 41  
ASN CA   C N S 42  
ASN C    C N N 43  
ASN O    O N N 44  
ASN CB   C N N 45  
ASN CG   C N N 46  
ASN OD1  O N N 47  
ASN ND2  N N N 48  
ASN OXT  O N N 49  
ASN H    H N N 50  
ASN H2   H N N 51  
ASN HA   H N N 52  
ASN HB2  H N N 53  
ASN HB3  H N N 54  
ASN HD21 H N N 55  
ASN HD22 H N N 56  
ASN HXT  H N N 57  
ASP N    N N N 58  
ASP CA   C N S 59  
ASP C    C N N 60  
ASP O    O N N 61  
ASP CB   C N N 62  
ASP CG   C N N 63  
ASP OD1  O N N 64  
ASP OD2  O N N 65  
ASP OXT  O N N 66  
ASP H    H N N 67  
ASP H2   H N N 68  
ASP HA   H N N 69  
ASP HB2  H N N 70  
ASP HB3  H N N 71  
ASP HD2  H N N 72  
ASP HXT  H N N 73  
GLN N    N N N 74  
GLN CA   C N S 75  
GLN C    C N N 76  
GLN O    O N N 77  
GLN CB   C N N 78  
GLN CG   C N N 79  
GLN CD   C N N 80  
GLN OE1  O N N 81  
GLN NE2  N N N 82  
GLN OXT  O N N 83  
GLN H    H N N 84  
GLN H2   H N N 85  
GLN HA   H N N 86  
GLN HB2  H N N 87  
GLN HB3  H N N 88  
GLN HG2  H N N 89  
GLN HG3  H N N 90  
GLN HE21 H N N 91  
GLN HE22 H N N 92  
GLN HXT  H N N 93  
GLU N    N N N 94  
GLU CA   C N S 95  
GLU C    C N N 96  
GLU O    O N N 97  
GLU CB   C N N 98  
GLU CG   C N N 99  
GLU CD   C N N 100 
GLU OE1  O N N 101 
GLU OE2  O N N 102 
GLU OXT  O N N 103 
GLU H    H N N 104 
GLU H2   H N N 105 
GLU HA   H N N 106 
GLU HB2  H N N 107 
GLU HB3  H N N 108 
GLU HG2  H N N 109 
GLU HG3  H N N 110 
GLU HE2  H N N 111 
GLU HXT  H N N 112 
GLY N    N N N 113 
GLY CA   C N N 114 
GLY C    C N N 115 
GLY O    O N N 116 
GLY OXT  O N N 117 
GLY H    H N N 118 
GLY H2   H N N 119 
GLY HA2  H N N 120 
GLY HA3  H N N 121 
GLY HXT  H N N 122 
HIS N    N N N 123 
HIS CA   C N S 124 
HIS C    C N N 125 
HIS O    O N N 126 
HIS CB   C N N 127 
HIS CG   C Y N 128 
HIS ND1  N Y N 129 
HIS CD2  C Y N 130 
HIS CE1  C Y N 131 
HIS NE2  N Y N 132 
HIS OXT  O N N 133 
HIS H    H N N 134 
HIS H2   H N N 135 
HIS HA   H N N 136 
HIS HB2  H N N 137 
HIS HB3  H N N 138 
HIS HD1  H N N 139 
HIS HD2  H N N 140 
HIS HE1  H N N 141 
HIS HE2  H N N 142 
HIS HXT  H N N 143 
HOH O    O N N 144 
HOH H1   H N N 145 
HOH H2   H N N 146 
ILE N    N N N 147 
ILE CA   C N S 148 
ILE C    C N N 149 
ILE O    O N N 150 
ILE CB   C N S 151 
ILE CG1  C N N 152 
ILE CG2  C N N 153 
ILE CD1  C N N 154 
ILE OXT  O N N 155 
ILE H    H N N 156 
ILE H2   H N N 157 
ILE HA   H N N 158 
ILE HB   H N N 159 
ILE HG12 H N N 160 
ILE HG13 H N N 161 
ILE HG21 H N N 162 
ILE HG22 H N N 163 
ILE HG23 H N N 164 
ILE HD11 H N N 165 
ILE HD12 H N N 166 
ILE HD13 H N N 167 
ILE HXT  H N N 168 
LEU N    N N N 169 
LEU CA   C N S 170 
LEU C    C N N 171 
LEU O    O N N 172 
LEU CB   C N N 173 
LEU CG   C N N 174 
LEU CD1  C N N 175 
LEU CD2  C N N 176 
LEU OXT  O N N 177 
LEU H    H N N 178 
LEU H2   H N N 179 
LEU HA   H N N 180 
LEU HB2  H N N 181 
LEU HB3  H N N 182 
LEU HG   H N N 183 
LEU HD11 H N N 184 
LEU HD12 H N N 185 
LEU HD13 H N N 186 
LEU HD21 H N N 187 
LEU HD22 H N N 188 
LEU HD23 H N N 189 
LEU HXT  H N N 190 
LYS N    N N N 191 
LYS CA   C N S 192 
LYS C    C N N 193 
LYS O    O N N 194 
LYS CB   C N N 195 
LYS CG   C N N 196 
LYS CD   C N N 197 
LYS CE   C N N 198 
LYS NZ   N N N 199 
LYS OXT  O N N 200 
LYS H    H N N 201 
LYS H2   H N N 202 
LYS HA   H N N 203 
LYS HB2  H N N 204 
LYS HB3  H N N 205 
LYS HG2  H N N 206 
LYS HG3  H N N 207 
LYS HD2  H N N 208 
LYS HD3  H N N 209 
LYS HE2  H N N 210 
LYS HE3  H N N 211 
LYS HZ1  H N N 212 
LYS HZ2  H N N 213 
LYS HZ3  H N N 214 
LYS HXT  H N N 215 
MET N    N N N 216 
MET CA   C N S 217 
MET C    C N N 218 
MET O    O N N 219 
MET CB   C N N 220 
MET CG   C N N 221 
MET SD   S N N 222 
MET CE   C N N 223 
MET OXT  O N N 224 
MET H    H N N 225 
MET H2   H N N 226 
MET HA   H N N 227 
MET HB2  H N N 228 
MET HB3  H N N 229 
MET HG2  H N N 230 
MET HG3  H N N 231 
MET HE1  H N N 232 
MET HE2  H N N 233 
MET HE3  H N N 234 
MET HXT  H N N 235 
PHE N    N N N 236 
PHE CA   C N S 237 
PHE C    C N N 238 
PHE O    O N N 239 
PHE CB   C N N 240 
PHE CG   C Y N 241 
PHE CD1  C Y N 242 
PHE CD2  C Y N 243 
PHE CE1  C Y N 244 
PHE CE2  C Y N 245 
PHE CZ   C Y N 246 
PHE OXT  O N N 247 
PHE H    H N N 248 
PHE H2   H N N 249 
PHE HA   H N N 250 
PHE HB2  H N N 251 
PHE HB3  H N N 252 
PHE HD1  H N N 253 
PHE HD2  H N N 254 
PHE HE1  H N N 255 
PHE HE2  H N N 256 
PHE HZ   H N N 257 
PHE HXT  H N N 258 
PRO N    N N N 259 
PRO CA   C N S 260 
PRO C    C N N 261 
PRO O    O N N 262 
PRO CB   C N N 263 
PRO CG   C N N 264 
PRO CD   C N N 265 
PRO OXT  O N N 266 
PRO H    H N N 267 
PRO HA   H N N 268 
PRO HB2  H N N 269 
PRO HB3  H N N 270 
PRO HG2  H N N 271 
PRO HG3  H N N 272 
PRO HD2  H N N 273 
PRO HD3  H N N 274 
PRO HXT  H N N 275 
SER N    N N N 276 
SER CA   C N S 277 
SER C    C N N 278 
SER O    O N N 279 
SER CB   C N N 280 
SER OG   O N N 281 
SER OXT  O N N 282 
SER H    H N N 283 
SER H2   H N N 284 
SER HA   H N N 285 
SER HB2  H N N 286 
SER HB3  H N N 287 
SER HG   H N N 288 
SER HXT  H N N 289 
THR N    N N N 290 
THR CA   C N S 291 
THR C    C N N 292 
THR O    O N N 293 
THR CB   C N R 294 
THR OG1  O N N 295 
THR CG2  C N N 296 
THR OXT  O N N 297 
THR H    H N N 298 
THR H2   H N N 299 
THR HA   H N N 300 
THR HB   H N N 301 
THR HG1  H N N 302 
THR HG21 H N N 303 
THR HG22 H N N 304 
THR HG23 H N N 305 
THR HXT  H N N 306 
TRP N    N N N 307 
TRP CA   C N S 308 
TRP C    C N N 309 
TRP O    O N N 310 
TRP CB   C N N 311 
TRP CG   C Y N 312 
TRP CD1  C Y N 313 
TRP CD2  C Y N 314 
TRP NE1  N Y N 315 
TRP CE2  C Y N 316 
TRP CE3  C Y N 317 
TRP CZ2  C Y N 318 
TRP CZ3  C Y N 319 
TRP CH2  C Y N 320 
TRP OXT  O N N 321 
TRP H    H N N 322 
TRP H2   H N N 323 
TRP HA   H N N 324 
TRP HB2  H N N 325 
TRP HB3  H N N 326 
TRP HD1  H N N 327 
TRP HE1  H N N 328 
TRP HE3  H N N 329 
TRP HZ2  H N N 330 
TRP HZ3  H N N 331 
TRP HH2  H N N 332 
TRP HXT  H N N 333 
TYR N    N N N 334 
TYR CA   C N S 335 
TYR C    C N N 336 
TYR O    O N N 337 
TYR CB   C N N 338 
TYR CG   C Y N 339 
TYR CD1  C Y N 340 
TYR CD2  C Y N 341 
TYR CE1  C Y N 342 
TYR CE2  C Y N 343 
TYR CZ   C Y N 344 
TYR OH   O N N 345 
TYR OXT  O N N 346 
TYR H    H N N 347 
TYR H2   H N N 348 
TYR HA   H N N 349 
TYR HB2  H N N 350 
TYR HB3  H N N 351 
TYR HD1  H N N 352 
TYR HD2  H N N 353 
TYR HE1  H N N 354 
TYR HE2  H N N 355 
TYR HH   H N N 356 
TYR HXT  H N N 357 
VAL N    N N N 358 
VAL CA   C N S 359 
VAL C    C N N 360 
VAL O    O N N 361 
VAL CB   C N N 362 
VAL CG1  C N N 363 
VAL CG2  C N N 364 
VAL OXT  O N N 365 
VAL H    H N N 366 
VAL H2   H N N 367 
VAL HA   H N N 368 
VAL HB   H N N 369 
VAL HG11 H N N 370 
VAL HG12 H N N 371 
VAL HG13 H N N 372 
VAL HG21 H N N 373 
VAL HG22 H N N 374 
VAL HG23 H N N 375 
VAL HXT  H N N 376 
# 
loop_
_chem_comp_bond.comp_id 
_chem_comp_bond.atom_id_1 
_chem_comp_bond.atom_id_2 
_chem_comp_bond.value_order 
_chem_comp_bond.pdbx_aromatic_flag 
_chem_comp_bond.pdbx_stereo_config 
_chem_comp_bond.pdbx_ordinal 
ALA N   CA   sing N N 1   
ALA N   H    sing N N 2   
ALA N   H2   sing N N 3   
ALA CA  C    sing N N 4   
ALA CA  CB   sing N N 5   
ALA CA  HA   sing N N 6   
ALA C   O    doub N N 7   
ALA C   OXT  sing N N 8   
ALA CB  HB1  sing N N 9   
ALA CB  HB2  sing N N 10  
ALA CB  HB3  sing N N 11  
ALA OXT HXT  sing N N 12  
ARG N   CA   sing N N 13  
ARG N   H    sing N N 14  
ARG N   H2   sing N N 15  
ARG CA  C    sing N N 16  
ARG CA  CB   sing N N 17  
ARG CA  HA   sing N N 18  
ARG C   O    doub N N 19  
ARG C   OXT  sing N N 20  
ARG CB  CG   sing N N 21  
ARG CB  HB2  sing N N 22  
ARG CB  HB3  sing N N 23  
ARG CG  CD   sing N N 24  
ARG CG  HG2  sing N N 25  
ARG CG  HG3  sing N N 26  
ARG CD  NE   sing N N 27  
ARG CD  HD2  sing N N 28  
ARG CD  HD3  sing N N 29  
ARG NE  CZ   sing N N 30  
ARG NE  HE   sing N N 31  
ARG CZ  NH1  sing N N 32  
ARG CZ  NH2  doub N N 33  
ARG NH1 HH11 sing N N 34  
ARG NH1 HH12 sing N N 35  
ARG NH2 HH21 sing N N 36  
ARG NH2 HH22 sing N N 37  
ARG OXT HXT  sing N N 38  
ASN N   CA   sing N N 39  
ASN N   H    sing N N 40  
ASN N   H2   sing N N 41  
ASN CA  C    sing N N 42  
ASN CA  CB   sing N N 43  
ASN CA  HA   sing N N 44  
ASN C   O    doub N N 45  
ASN C   OXT  sing N N 46  
ASN CB  CG   sing N N 47  
ASN CB  HB2  sing N N 48  
ASN CB  HB3  sing N N 49  
ASN CG  OD1  doub N N 50  
ASN CG  ND2  sing N N 51  
ASN ND2 HD21 sing N N 52  
ASN ND2 HD22 sing N N 53  
ASN OXT HXT  sing N N 54  
ASP N   CA   sing N N 55  
ASP N   H    sing N N 56  
ASP N   H2   sing N N 57  
ASP CA  C    sing N N 58  
ASP CA  CB   sing N N 59  
ASP CA  HA   sing N N 60  
ASP C   O    doub N N 61  
ASP C   OXT  sing N N 62  
ASP CB  CG   sing N N 63  
ASP CB  HB2  sing N N 64  
ASP CB  HB3  sing N N 65  
ASP CG  OD1  doub N N 66  
ASP CG  OD2  sing N N 67  
ASP OD2 HD2  sing N N 68  
ASP OXT HXT  sing N N 69  
GLN N   CA   sing N N 70  
GLN N   H    sing N N 71  
GLN N   H2   sing N N 72  
GLN CA  C    sing N N 73  
GLN CA  CB   sing N N 74  
GLN CA  HA   sing N N 75  
GLN C   O    doub N N 76  
GLN C   OXT  sing N N 77  
GLN CB  CG   sing N N 78  
GLN CB  HB2  sing N N 79  
GLN CB  HB3  sing N N 80  
GLN CG  CD   sing N N 81  
GLN CG  HG2  sing N N 82  
GLN CG  HG3  sing N N 83  
GLN CD  OE1  doub N N 84  
GLN CD  NE2  sing N N 85  
GLN NE2 HE21 sing N N 86  
GLN NE2 HE22 sing N N 87  
GLN OXT HXT  sing N N 88  
GLU N   CA   sing N N 89  
GLU N   H    sing N N 90  
GLU N   H2   sing N N 91  
GLU CA  C    sing N N 92  
GLU CA  CB   sing N N 93  
GLU CA  HA   sing N N 94  
GLU C   O    doub N N 95  
GLU C   OXT  sing N N 96  
GLU CB  CG   sing N N 97  
GLU CB  HB2  sing N N 98  
GLU CB  HB3  sing N N 99  
GLU CG  CD   sing N N 100 
GLU CG  HG2  sing N N 101 
GLU CG  HG3  sing N N 102 
GLU CD  OE1  doub N N 103 
GLU CD  OE2  sing N N 104 
GLU OE2 HE2  sing N N 105 
GLU OXT HXT  sing N N 106 
GLY N   CA   sing N N 107 
GLY N   H    sing N N 108 
GLY N   H2   sing N N 109 
GLY CA  C    sing N N 110 
GLY CA  HA2  sing N N 111 
GLY CA  HA3  sing N N 112 
GLY C   O    doub N N 113 
GLY C   OXT  sing N N 114 
GLY OXT HXT  sing N N 115 
HIS N   CA   sing N N 116 
HIS N   H    sing N N 117 
HIS N   H2   sing N N 118 
HIS CA  C    sing N N 119 
HIS CA  CB   sing N N 120 
HIS CA  HA   sing N N 121 
HIS C   O    doub N N 122 
HIS C   OXT  sing N N 123 
HIS CB  CG   sing N N 124 
HIS CB  HB2  sing N N 125 
HIS CB  HB3  sing N N 126 
HIS CG  ND1  sing Y N 127 
HIS CG  CD2  doub Y N 128 
HIS ND1 CE1  doub Y N 129 
HIS ND1 HD1  sing N N 130 
HIS CD2 NE2  sing Y N 131 
HIS CD2 HD2  sing N N 132 
HIS CE1 NE2  sing Y N 133 
HIS CE1 HE1  sing N N 134 
HIS NE2 HE2  sing N N 135 
HIS OXT HXT  sing N N 136 
HOH O   H1   sing N N 137 
HOH O   H2   sing N N 138 
ILE N   CA   sing N N 139 
ILE N   H    sing N N 140 
ILE N   H2   sing N N 141 
ILE CA  C    sing N N 142 
ILE CA  CB   sing N N 143 
ILE CA  HA   sing N N 144 
ILE C   O    doub N N 145 
ILE C   OXT  sing N N 146 
ILE CB  CG1  sing N N 147 
ILE CB  CG2  sing N N 148 
ILE CB  HB   sing N N 149 
ILE CG1 CD1  sing N N 150 
ILE CG1 HG12 sing N N 151 
ILE CG1 HG13 sing N N 152 
ILE CG2 HG21 sing N N 153 
ILE CG2 HG22 sing N N 154 
ILE CG2 HG23 sing N N 155 
ILE CD1 HD11 sing N N 156 
ILE CD1 HD12 sing N N 157 
ILE CD1 HD13 sing N N 158 
ILE OXT HXT  sing N N 159 
LEU N   CA   sing N N 160 
LEU N   H    sing N N 161 
LEU N   H2   sing N N 162 
LEU CA  C    sing N N 163 
LEU CA  CB   sing N N 164 
LEU CA  HA   sing N N 165 
LEU C   O    doub N N 166 
LEU C   OXT  sing N N 167 
LEU CB  CG   sing N N 168 
LEU CB  HB2  sing N N 169 
LEU CB  HB3  sing N N 170 
LEU CG  CD1  sing N N 171 
LEU CG  CD2  sing N N 172 
LEU CG  HG   sing N N 173 
LEU CD1 HD11 sing N N 174 
LEU CD1 HD12 sing N N 175 
LEU CD1 HD13 sing N N 176 
LEU CD2 HD21 sing N N 177 
LEU CD2 HD22 sing N N 178 
LEU CD2 HD23 sing N N 179 
LEU OXT HXT  sing N N 180 
LYS N   CA   sing N N 181 
LYS N   H    sing N N 182 
LYS N   H2   sing N N 183 
LYS CA  C    sing N N 184 
LYS CA  CB   sing N N 185 
LYS CA  HA   sing N N 186 
LYS C   O    doub N N 187 
LYS C   OXT  sing N N 188 
LYS CB  CG   sing N N 189 
LYS CB  HB2  sing N N 190 
LYS CB  HB3  sing N N 191 
LYS CG  CD   sing N N 192 
LYS CG  HG2  sing N N 193 
LYS CG  HG3  sing N N 194 
LYS CD  CE   sing N N 195 
LYS CD  HD2  sing N N 196 
LYS CD  HD3  sing N N 197 
LYS CE  NZ   sing N N 198 
LYS CE  HE2  sing N N 199 
LYS CE  HE3  sing N N 200 
LYS NZ  HZ1  sing N N 201 
LYS NZ  HZ2  sing N N 202 
LYS NZ  HZ3  sing N N 203 
LYS OXT HXT  sing N N 204 
MET N   CA   sing N N 205 
MET N   H    sing N N 206 
MET N   H2   sing N N 207 
MET CA  C    sing N N 208 
MET CA  CB   sing N N 209 
MET CA  HA   sing N N 210 
MET C   O    doub N N 211 
MET C   OXT  sing N N 212 
MET CB  CG   sing N N 213 
MET CB  HB2  sing N N 214 
MET CB  HB3  sing N N 215 
MET CG  SD   sing N N 216 
MET CG  HG2  sing N N 217 
MET CG  HG3  sing N N 218 
MET SD  CE   sing N N 219 
MET CE  HE1  sing N N 220 
MET CE  HE2  sing N N 221 
MET CE  HE3  sing N N 222 
MET OXT HXT  sing N N 223 
PHE N   CA   sing N N 224 
PHE N   H    sing N N 225 
PHE N   H2   sing N N 226 
PHE CA  C    sing N N 227 
PHE CA  CB   sing N N 228 
PHE CA  HA   sing N N 229 
PHE C   O    doub N N 230 
PHE C   OXT  sing N N 231 
PHE CB  CG   sing N N 232 
PHE CB  HB2  sing N N 233 
PHE CB  HB3  sing N N 234 
PHE CG  CD1  doub Y N 235 
PHE CG  CD2  sing Y N 236 
PHE CD1 CE1  sing Y N 237 
PHE CD1 HD1  sing N N 238 
PHE CD2 CE2  doub Y N 239 
PHE CD2 HD2  sing N N 240 
PHE CE1 CZ   doub Y N 241 
PHE CE1 HE1  sing N N 242 
PHE CE2 CZ   sing Y N 243 
PHE CE2 HE2  sing N N 244 
PHE CZ  HZ   sing N N 245 
PHE OXT HXT  sing N N 246 
PRO N   CA   sing N N 247 
PRO N   CD   sing N N 248 
PRO N   H    sing N N 249 
PRO CA  C    sing N N 250 
PRO CA  CB   sing N N 251 
PRO CA  HA   sing N N 252 
PRO C   O    doub N N 253 
PRO C   OXT  sing N N 254 
PRO CB  CG   sing N N 255 
PRO CB  HB2  sing N N 256 
PRO CB  HB3  sing N N 257 
PRO CG  CD   sing N N 258 
PRO CG  HG2  sing N N 259 
PRO CG  HG3  sing N N 260 
PRO CD  HD2  sing N N 261 
PRO CD  HD3  sing N N 262 
PRO OXT HXT  sing N N 263 
SER N   CA   sing N N 264 
SER N   H    sing N N 265 
SER N   H2   sing N N 266 
SER CA  C    sing N N 267 
SER CA  CB   sing N N 268 
SER CA  HA   sing N N 269 
SER C   O    doub N N 270 
SER C   OXT  sing N N 271 
SER CB  OG   sing N N 272 
SER CB  HB2  sing N N 273 
SER CB  HB3  sing N N 274 
SER OG  HG   sing N N 275 
SER OXT HXT  sing N N 276 
THR N   CA   sing N N 277 
THR N   H    sing N N 278 
THR N   H2   sing N N 279 
THR CA  C    sing N N 280 
THR CA  CB   sing N N 281 
THR CA  HA   sing N N 282 
THR C   O    doub N N 283 
THR C   OXT  sing N N 284 
THR CB  OG1  sing N N 285 
THR CB  CG2  sing N N 286 
THR CB  HB   sing N N 287 
THR OG1 HG1  sing N N 288 
THR CG2 HG21 sing N N 289 
THR CG2 HG22 sing N N 290 
THR CG2 HG23 sing N N 291 
THR OXT HXT  sing N N 292 
TRP N   CA   sing N N 293 
TRP N   H    sing N N 294 
TRP N   H2   sing N N 295 
TRP CA  C    sing N N 296 
TRP CA  CB   sing N N 297 
TRP CA  HA   sing N N 298 
TRP C   O    doub N N 299 
TRP C   OXT  sing N N 300 
TRP CB  CG   sing N N 301 
TRP CB  HB2  sing N N 302 
TRP CB  HB3  sing N N 303 
TRP CG  CD1  doub Y N 304 
TRP CG  CD2  sing Y N 305 
TRP CD1 NE1  sing Y N 306 
TRP CD1 HD1  sing N N 307 
TRP CD2 CE2  doub Y N 308 
TRP CD2 CE3  sing Y N 309 
TRP NE1 CE2  sing Y N 310 
TRP NE1 HE1  sing N N 311 
TRP CE2 CZ2  sing Y N 312 
TRP CE3 CZ3  doub Y N 313 
TRP CE3 HE3  sing N N 314 
TRP CZ2 CH2  doub Y N 315 
TRP CZ2 HZ2  sing N N 316 
TRP CZ3 CH2  sing Y N 317 
TRP CZ3 HZ3  sing N N 318 
TRP CH2 HH2  sing N N 319 
TRP OXT HXT  sing N N 320 
TYR N   CA   sing N N 321 
TYR N   H    sing N N 322 
TYR N   H2   sing N N 323 
TYR CA  C    sing N N 324 
TYR CA  CB   sing N N 325 
TYR CA  HA   sing N N 326 
TYR C   O    doub N N 327 
TYR C   OXT  sing N N 328 
TYR CB  CG   sing N N 329 
TYR CB  HB2  sing N N 330 
TYR CB  HB3  sing N N 331 
TYR CG  CD1  doub Y N 332 
TYR CG  CD2  sing Y N 333 
TYR CD1 CE1  sing Y N 334 
TYR CD1 HD1  sing N N 335 
TYR CD2 CE2  doub Y N 336 
TYR CD2 HD2  sing N N 337 
TYR CE1 CZ   doub Y N 338 
TYR CE1 HE1  sing N N 339 
TYR CE2 CZ   sing Y N 340 
TYR CE2 HE2  sing N N 341 
TYR CZ  OH   sing N N 342 
TYR OH  HH   sing N N 343 
TYR OXT HXT  sing N N 344 
VAL N   CA   sing N N 345 
VAL N   H    sing N N 346 
VAL N   H2   sing N N 347 
VAL CA  C    sing N N 348 
VAL CA  CB   sing N N 349 
VAL CA  HA   sing N N 350 
VAL C   O    doub N N 351 
VAL C   OXT  sing N N 352 
VAL CB  CG1  sing N N 353 
VAL CB  CG2  sing N N 354 
VAL CB  HB   sing N N 355 
VAL CG1 HG11 sing N N 356 
VAL CG1 HG12 sing N N 357 
VAL CG1 HG13 sing N N 358 
VAL CG2 HG21 sing N N 359 
VAL CG2 HG22 sing N N 360 
VAL CG2 HG23 sing N N 361 
VAL OXT HXT  sing N N 362 
# 
_atom_sites.entry_id                    2P8T 
_atom_sites.fract_transf_matrix[1][1]   -0.00240028 
_atom_sites.fract_transf_matrix[1][2]   -0.02837500 
_atom_sites.fract_transf_matrix[1][3]   0.00437858 
_atom_sites.fract_transf_matrix[2][1]   0.00396229 
_atom_sites.fract_transf_matrix[2][2]   0.00209926 
_atom_sites.fract_transf_matrix[2][3]   0.01577613 
_atom_sites.fract_transf_matrix[3][1]   -0.01145073 
_atom_sites.fract_transf_matrix[3][2]   0.00138400 
_atom_sites.fract_transf_matrix[3][3]   0.00269177 
_atom_sites.fract_transf_vector[1]      0.400571 
_atom_sites.fract_transf_vector[2]      0.028331 
_atom_sites.fract_transf_vector[3]      0.052631 
# 
loop_
_atom_type.symbol 
C 
N 
O 
S 
# 
loop_
_atom_site.group_PDB 
_atom_site.id 
_atom_site.type_symbol 
_atom_site.label_atom_id 
_atom_site.label_alt_id 
_atom_site.label_comp_id 
_atom_site.label_asym_id 
_atom_site.label_entity_id 
_atom_site.label_seq_id 
_atom_site.pdbx_PDB_ins_code 
_atom_site.Cartn_x 
_atom_site.Cartn_y 
_atom_site.Cartn_z 
_atom_site.occupancy 
_atom_site.B_iso_or_equiv 
_atom_site.pdbx_formal_charge 
_atom_site.auth_seq_id 
_atom_site.auth_comp_id 
_atom_site.auth_asym_id 
_atom_site.auth_atom_id 
_atom_site.pdbx_PDB_model_num 
ATOM   1    N N   . GLU A 1 14  ? 10.526  14.630  -7.296  1.00 36.40  ? 14  GLU A N   1 
ATOM   2    C CA  . GLU A 1 14  ? 9.809   14.059  -8.479  1.00 36.07  ? 14  GLU A CA  1 
ATOM   3    C C   . GLU A 1 14  ? 9.225   12.670  -8.197  1.00 34.66  ? 14  GLU A C   1 
ATOM   4    O O   . GLU A 1 14  ? 8.402   12.174  -8.973  1.00 35.56  ? 14  GLU A O   1 
ATOM   5    C CB  . GLU A 1 14  ? 10.711  14.008  -9.716  1.00 36.78  ? 14  GLU A CB  1 
ATOM   6    C CG  . GLU A 1 14  ? 11.142  15.361  -10.268 1.00 39.70  ? 14  GLU A CG  1 
ATOM   7    C CD  . GLU A 1 14  ? 11.527  15.308  -11.750 1.00 42.46  ? 14  GLU A CD  1 
ATOM   8    O OE1 . GLU A 1 14  ? 10.865  14.581  -12.529 1.00 43.50  ? 14  GLU A OE1 1 
ATOM   9    O OE2 . GLU A 1 14  ? 12.493  16.000  -12.142 1.00 43.79  ? 14  GLU A OE2 1 
ATOM   10   N N   . TYR A 1 15  ? 9.674   12.040  -7.113  1.00 33.03  ? 15  TYR A N   1 
ATOM   11   C CA  . TYR A 1 15  ? 9.042   10.808  -6.588  1.00 30.64  ? 15  TYR A CA  1 
ATOM   12   C C   . TYR A 1 15  ? 9.092   10.809  -5.068  1.00 29.58  ? 15  TYR A C   1 
ATOM   13   O O   . TYR A 1 15  ? 9.964   11.446  -4.471  1.00 29.74  ? 15  TYR A O   1 
ATOM   14   C CB  . TYR A 1 15  ? 9.682   9.526   -7.160  1.00 29.88  ? 15  TYR A CB  1 
ATOM   15   C CG  . TYR A 1 15  ? 11.157  9.301   -6.820  1.00 28.26  ? 15  TYR A CG  1 
ATOM   16   C CD1 . TYR A 1 15  ? 11.549  8.751   -5.598  1.00 27.12  ? 15  TYR A CD1 1 
ATOM   17   C CD2 . TYR A 1 15  ? 12.156  9.595   -7.756  1.00 28.70  ? 15  TYR A CD2 1 
ATOM   18   C CE1 . TYR A 1 15  ? 12.902  8.534   -5.298  1.00 26.35  ? 15  TYR A CE1 1 
ATOM   19   C CE2 . TYR A 1 15  ? 13.516  9.381   -7.465  1.00 27.12  ? 15  TYR A CE2 1 
ATOM   20   C CZ  . TYR A 1 15  ? 13.878  8.854   -6.239  1.00 27.39  ? 15  TYR A CZ  1 
ATOM   21   O OH  . TYR A 1 15  ? 15.208  8.634   -5.970  1.00 26.44  ? 15  TYR A OH  1 
ATOM   22   N N   . THR A 1 16  ? 8.166   10.074  -4.449  1.00 28.57  ? 16  THR A N   1 
ATOM   23   C CA  . THR A 1 16  ? 8.012   10.070  -2.996  1.00 27.31  ? 16  THR A CA  1 
ATOM   24   C C   . THR A 1 16  ? 8.339   8.691   -2.402  1.00 26.19  ? 16  THR A C   1 
ATOM   25   O O   . THR A 1 16  ? 8.475   7.727   -3.143  1.00 25.23  ? 16  THR A O   1 
ATOM   26   C CB  . THR A 1 16  ? 6.563   10.459  -2.614  1.00 27.38  ? 16  THR A CB  1 
ATOM   27   O OG1 . THR A 1 16  ? 5.668   9.440   -3.075  1.00 28.94  ? 16  THR A OG1 1 
ATOM   28   C CG2 . THR A 1 16  ? 6.169   11.774  -3.301  1.00 27.83  ? 16  THR A CG2 1 
ATOM   29   N N   . VAL A 1 17  ? 8.467   8.608   -1.069  1.00 24.99  ? 17  VAL A N   1 
ATOM   30   C CA  . VAL A 1 17  ? 8.642   7.309   -0.396  1.00 24.72  ? 17  VAL A CA  1 
ATOM   31   C C   . VAL A 1 17  ? 7.471   6.366   -0.741  1.00 24.45  ? 17  VAL A C   1 
ATOM   32   O O   . VAL A 1 17  ? 7.658   5.153   -0.862  1.00 23.47  ? 17  VAL A O   1 
ATOM   33   C CB  . VAL A 1 17  ? 8.854   7.461   1.144   1.00 24.42  ? 17  VAL A CB  1 
ATOM   34   C CG1 . VAL A 1 17  ? 7.596   7.988   1.825   1.00 24.90  ? 17  VAL A CG1 1 
ATOM   35   C CG2 . VAL A 1 17  ? 9.299   6.158   1.786   1.00 26.03  ? 17  VAL A CG2 1 
ATOM   36   N N   . GLU A 1 18  ? 6.281   6.931   -0.960  1.00 23.91  ? 18  GLU A N   1 
ATOM   37   C CA  . GLU A 1 18  ? 5.121   6.119   -1.289  1.00 24.01  ? 18  GLU A CA  1 
ATOM   38   C C   . GLU A 1 18  ? 5.301   5.514   -2.664  1.00 23.61  ? 18  GLU A C   1 
ATOM   39   O O   . GLU A 1 18  ? 4.882   4.398   -2.897  1.00 22.29  ? 18  GLU A O   1 
ATOM   40   C CB  . GLU A 1 18  ? 3.814   6.930   -1.216  1.00 24.70  ? 18  GLU A CB  1 
ATOM   41   C CG  . GLU A 1 18  ? 3.377   7.266   0.208   1.00 26.49  ? 18  GLU A CG  1 
ATOM   42   C CD  . GLU A 1 18  ? 3.988   8.535   0.755   1.00 29.12  ? 18  GLU A CD  1 
ATOM   43   O OE1 . GLU A 1 18  ? 4.711   9.223   -0.001  1.00 28.86  ? 18  GLU A OE1 1 
ATOM   44   O OE2 . GLU A 1 18  ? 3.728   8.853   1.942   1.00 28.56  ? 18  GLU A OE2 1 
ATOM   45   N N   . ASP A 1 19  ? 5.930   6.260   -3.583  1.00 23.90  ? 19  ASP A N   1 
ATOM   46   C CA  . ASP A 1 19  ? 6.247   5.718   -4.897  1.00 24.35  ? 19  ASP A CA  1 
ATOM   47   C C   . ASP A 1 19  ? 7.289   4.596   -4.788  1.00 22.89  ? 19  ASP A C   1 
ATOM   48   O O   . ASP A 1 19  ? 7.181   3.595   -5.480  1.00 23.42  ? 19  ASP A O   1 
ATOM   49   C CB  . ASP A 1 19  ? 6.772   6.816   -5.844  1.00 25.27  ? 19  ASP A CB  1 
ATOM   50   C CG  . ASP A 1 19  ? 5.750   7.910   -6.116  1.00 27.94  ? 19  ASP A CG  1 
ATOM   51   O OD1 . ASP A 1 19  ? 4.551   7.597   -6.368  1.00 32.26  ? 19  ASP A OD1 1 
ATOM   52   O OD2 . ASP A 1 19  ? 6.156   9.091   -6.092  1.00 32.33  ? 19  ASP A OD2 1 
ATOM   53   N N   . VAL A 1 20  ? 8.298   4.774   -3.939  1.00 22.13  ? 20  VAL A N   1 
ATOM   54   C CA  . VAL A 1 20  ? 9.322   3.733   -3.717  1.00 21.67  ? 20  VAL A CA  1 
ATOM   55   C C   . VAL A 1 20  ? 8.607   2.493   -3.201  1.00 21.15  ? 20  VAL A C   1 
ATOM   56   O O   . VAL A 1 20  ? 8.731   1.410   -3.795  1.00 21.04  ? 20  VAL A O   1 
ATOM   57   C CB  . VAL A 1 20  ? 10.411  4.165   -2.710  1.00 21.58  ? 20  VAL A CB  1 
ATOM   58   C CG1 . VAL A 1 20  ? 11.429  3.023   -2.447  1.00 21.27  ? 20  VAL A CG1 1 
ATOM   59   C CG2 . VAL A 1 20  ? 11.128  5.456   -3.177  1.00 21.62  ? 20  VAL A CG2 1 
ATOM   60   N N   . LEU A 1 21  ? 7.811   2.660   -2.144  1.00 19.79  ? 21  LEU A N   1 
ATOM   61   C CA  . LEU A 1 21  ? 7.093   1.503   -1.574  1.00 18.89  ? 21  LEU A CA  1 
ATOM   62   C C   . LEU A 1 21  ? 6.206   0.819   -2.610  1.00 18.95  ? 21  LEU A C   1 
ATOM   63   O O   . LEU A 1 21  ? 6.216   -0.410  -2.717  1.00 19.79  ? 21  LEU A O   1 
ATOM   64   C CB  . LEU A 1 21  ? 6.297   1.881   -0.322  1.00 17.99  ? 21  LEU A CB  1 
ATOM   65   C CG  . LEU A 1 21  ? 7.093   2.360   0.900   1.00 18.84  ? 21  LEU A CG  1 
ATOM   66   C CD1 . LEU A 1 21  ? 6.226   3.125   1.885   1.00 18.88  ? 21  LEU A CD1 1 
ATOM   67   C CD2 . LEU A 1 21  ? 7.798   1.189   1.562   1.00 18.27  ? 21  LEU A CD2 1 
ATOM   68   N N   . ALA A 1 22  ? 5.470   1.612   -3.401  1.00 20.05  ? 22  ALA A N   1 
ATOM   69   C CA  . ALA A 1 22  ? 4.621   1.082   -4.461  1.00 19.98  ? 22  ALA A CA  1 
ATOM   70   C C   . ALA A 1 22  ? 5.377   0.227   -5.472  1.00 20.95  ? 22  ALA A C   1 
ATOM   71   O O   . ALA A 1 22  ? 4.909   -0.854  -5.840  1.00 20.50  ? 22  ALA A O   1 
ATOM   72   C CB  . ALA A 1 22  ? 3.848   2.203   -5.173  1.00 20.18  ? 22  ALA A CB  1 
ATOM   73   N N   . VAL A 1 23  ? 6.534   0.709   -5.928  1.00 21.15  ? 23  VAL A N   1 
ATOM   74   C CA  . VAL A 1 23  ? 7.321   -0.041  -6.913  1.00 21.50  ? 23  VAL A CA  1 
ATOM   75   C C   . VAL A 1 23  ? 7.725   -1.410  -6.350  1.00 21.49  ? 23  VAL A C   1 
ATOM   76   O O   . VAL A 1 23  ? 7.615   -2.422  -7.029  1.00 21.68  ? 23  VAL A O   1 
ATOM   77   C CB  . VAL A 1 23  ? 8.578   0.766   -7.387  1.00 21.46  ? 23  VAL A CB  1 
ATOM   78   C CG1 . VAL A 1 23  ? 9.597   -0.149  -8.055  1.00 21.70  ? 23  VAL A CG1 1 
ATOM   79   C CG2 . VAL A 1 23  ? 8.158   1.904   -8.300  1.00 22.39  ? 23  VAL A CG2 1 
ATOM   80   N N   . ILE A 1 24  ? 8.162   -1.430  -5.099  1.00 21.20  ? 24  ILE A N   1 
ATOM   81   C CA  . ILE A 1 24  ? 8.571   -2.663  -4.439  1.00 22.52  ? 24  ILE A CA  1 
ATOM   82   C C   . ILE A 1 24  ? 7.392   -3.625  -4.274  1.00 22.98  ? 24  ILE A C   1 
ATOM   83   O O   . ILE A 1 24  ? 7.552   -4.828  -4.500  1.00 22.99  ? 24  ILE A O   1 
ATOM   84   C CB  . ILE A 1 24  ? 9.273   -2.383  -3.087  1.00 22.17  ? 24  ILE A CB  1 
ATOM   85   C CG1 . ILE A 1 24  ? 10.489  -1.451  -3.316  1.00 22.10  ? 24  ILE A CG1 1 
ATOM   86   C CG2 . ILE A 1 24  ? 9.709   -3.685  -2.396  1.00 23.64  ? 24  ILE A CG2 1 
ATOM   87   C CD1 . ILE A 1 24  ? 11.299  -1.175  -2.071  1.00 24.04  ? 24  ILE A CD1 1 
ATOM   88   N N   . PHE A 1 25  ? 6.233   -3.104  -3.889  1.00 23.77  ? 25  PHE A N   1 
ATOM   89   C CA  . PHE A 1 25  ? 5.005   -3.918  -3.938  1.00 24.47  ? 25  PHE A CA  1 
ATOM   90   C C   . PHE A 1 25  ? 4.718   -4.458  -5.346  1.00 25.37  ? 25  PHE A C   1 
ATOM   91   O O   . PHE A 1 25  ? 4.367   -5.632  -5.514  1.00 25.00  ? 25  PHE A O   1 
ATOM   92   C CB  . PHE A 1 25  ? 3.792   -3.161  -3.398  1.00 23.71  ? 25  PHE A CB  1 
ATOM   93   C CG  . PHE A 1 25  ? 3.726   -3.116  -1.899  1.00 23.01  ? 25  PHE A CG  1 
ATOM   94   C CD1 . PHE A 1 25  ? 3.653   -4.299  -1.154  1.00 23.77  ? 25  PHE A CD1 1 
ATOM   95   C CD2 . PHE A 1 25  ? 3.731   -1.906  -1.231  1.00 20.49  ? 25  PHE A CD2 1 
ATOM   96   C CE1 . PHE A 1 25  ? 3.588   -4.271  0.231   1.00 25.30  ? 25  PHE A CE1 1 
ATOM   97   C CE2 . PHE A 1 25  ? 3.660   -1.859  0.152   1.00 23.61  ? 25  PHE A CE2 1 
ATOM   98   C CZ  . PHE A 1 25  ? 3.592   -3.048  0.893   1.00 23.61  ? 25  PHE A CZ  1 
ATOM   99   N N   . LEU A 1 26  ? 4.866   -3.605  -6.360  1.00 26.41  ? 26  LEU A N   1 
ATOM   100  C CA  . LEU A 1 26  ? 4.516   -3.992  -7.735  1.00 27.60  ? 26  LEU A CA  1 
ATOM   101  C C   . LEU A 1 26  ? 5.434   -5.055  -8.309  1.00 28.99  ? 26  LEU A C   1 
ATOM   102  O O   . LEU A 1 26  ? 4.981   -5.947  -9.032  1.00 29.22  ? 26  LEU A O   1 
ATOM   103  C CB  . LEU A 1 26  ? 4.481   -2.772  -8.665  1.00 27.56  ? 26  LEU A CB  1 
ATOM   104  C CG  . LEU A 1 26  ? 3.289   -1.823  -8.532  1.00 28.91  ? 26  LEU A CG  1 
ATOM   105  C CD1 . LEU A 1 26  ? 3.510   -0.549  -9.358  1.00 30.56  ? 26  LEU A CD1 1 
ATOM   106  C CD2 . LEU A 1 26  ? 1.973   -2.496  -8.913  1.00 30.29  ? 26  LEU A CD2 1 
ATOM   107  N N   . LEU A 1 27  ? 6.719   -4.964  -7.972  1.00 29.58  ? 27  LEU A N   1 
ATOM   108  C CA  . LEU A 1 27  ? 7.742   -5.852  -8.531  1.00 31.39  ? 27  LEU A CA  1 
ATOM   109  C C   . LEU A 1 27  ? 7.786   -7.266  -7.926  1.00 32.54  ? 27  LEU A C   1 
ATOM   110  O O   . LEU A 1 27  ? 8.837   -7.913  -7.901  1.00 33.28  ? 27  LEU A O   1 
ATOM   111  C CB  . LEU A 1 27  ? 9.122   -5.163  -8.496  1.00 30.53  ? 27  LEU A CB  1 
ATOM   112  C CG  . LEU A 1 27  ? 9.340   -4.004  -9.482  1.00 30.18  ? 27  LEU A CG  1 
ATOM   113  C CD1 . LEU A 1 27  ? 10.733  -3.404  -9.339  1.00 28.78  ? 27  LEU A CD1 1 
ATOM   114  C CD2 . LEU A 1 27  ? 9.109   -4.418  -10.936 1.00 30.58  ? 27  LEU A CD2 1 
ATOM   115  N N   . LYS A 1 28  ? 6.644   -7.752  -7.441  1.00 34.60  ? 28  LYS A N   1 
ATOM   116  C CA  . LYS A 1 28  ? 6.509   -9.168  -7.078  1.00 36.91  ? 28  LYS A CA  1 
ATOM   117  C C   . LYS A 1 28  ? 6.719   -10.016 -8.329  1.00 38.57  ? 28  LYS A C   1 
ATOM   118  O O   . LYS A 1 28  ? 7.150   -11.181 -8.249  1.00 39.09  ? 28  LYS A O   1 
ATOM   119  C CB  . LYS A 1 28  ? 5.138   -9.453  -6.460  1.00 37.05  ? 28  LYS A CB  1 
ATOM   120  C CG  . LYS A 1 28  ? 3.949   -9.154  -7.370  1.00 37.43  ? 28  LYS A CG  1 
ATOM   121  C CD  . LYS A 1 28  ? 2.648   -9.017  -6.580  1.00 39.05  ? 28  LYS A CD  1 
ATOM   122  C CE  . LYS A 1 28  ? 2.209   -10.329 -5.932  1.00 40.41  ? 28  LYS A CE  1 
ATOM   123  N NZ  . LYS A 1 28  ? 1.617   -11.279 -6.927  1.00 41.42  ? 28  LYS A NZ  1 
ATOM   124  N N   . GLU A 1 29  ? 6.399   -9.411  -9.474  1.00 40.09  ? 29  GLU A N   1 
ATOM   125  C CA  . GLU A 1 29  ? 6.698   -9.959  -10.793 1.00 42.20  ? 29  GLU A CA  1 
ATOM   126  C C   . GLU A 1 29  ? 7.587   -8.968  -11.572 1.00 42.78  ? 29  GLU A C   1 
ATOM   127  O O   . GLU A 1 29  ? 7.450   -7.745  -11.400 1.00 42.58  ? 29  GLU A O   1 
ATOM   128  C CB  . GLU A 1 29  ? 5.399   -10.237 -11.565 1.00 42.00  ? 29  GLU A CB  1 
ATOM   129  C CG  . GLU A 1 29  ? 4.688   -8.992  -12.128 1.00 43.08  ? 29  GLU A CG  1 
ATOM   130  C CD  . GLU A 1 29  ? 3.316   -9.294  -12.715 1.00 44.08  ? 29  GLU A CD  1 
ATOM   131  O OE1 . GLU A 1 29  ? 2.992   -10.493 -12.904 1.00 46.67  ? 29  GLU A OE1 1 
ATOM   132  O OE2 . GLU A 1 29  ? 2.555   -8.328  -12.985 1.00 46.31  ? 29  GLU A OE2 1 
ATOM   133  N N   . PRO A 1 30  ? 8.506   -9.486  -12.419 1.00 43.59  ? 30  PRO A N   1 
ATOM   134  C CA  . PRO A 1 30  ? 9.289   -8.597  -13.285 1.00 44.13  ? 30  PRO A CA  1 
ATOM   135  C C   . PRO A 1 30  ? 8.377   -7.709  -14.125 1.00 44.73  ? 30  PRO A C   1 
ATOM   136  O O   . PRO A 1 30  ? 7.395   -8.199  -14.682 1.00 45.47  ? 30  PRO A O   1 
ATOM   137  C CB  . PRO A 1 30  ? 10.078  -9.568  -14.179 1.00 44.13  ? 30  PRO A CB  1 
ATOM   138  C CG  . PRO A 1 30  ? 9.423   -10.911 -14.003 1.00 43.48  ? 30  PRO A CG  1 
ATOM   139  C CD  . PRO A 1 30  ? 8.894   -10.898 -12.603 1.00 43.56  ? 30  PRO A CD  1 
ATOM   140  N N   . LEU A 1 31  ? 8.676   -6.412  -14.183 1.00 45.26  ? 31  LEU A N   1 
ATOM   141  C CA  . LEU A 1 31  ? 7.843   -5.448  -14.916 1.00 45.69  ? 31  LEU A CA  1 
ATOM   142  C C   . LEU A 1 31  ? 8.669   -4.463  -15.739 1.00 46.20  ? 31  LEU A C   1 
ATOM   143  O O   . LEU A 1 31  ? 9.778   -4.097  -15.351 1.00 45.97  ? 31  LEU A O   1 
ATOM   144  C CB  . LEU A 1 31  ? 6.934   -4.656  -13.964 1.00 45.76  ? 31  LEU A CB  1 
ATOM   145  C CG  . LEU A 1 31  ? 5.620   -5.231  -13.410 1.00 45.37  ? 31  LEU A CG  1 
ATOM   146  C CD1 . LEU A 1 31  ? 4.922   -4.191  -12.542 1.00 45.14  ? 31  LEU A CD1 1 
ATOM   147  C CD2 . LEU A 1 31  ? 4.687   -5.686  -14.515 1.00 44.90  ? 31  LEU A CD2 1 
ATOM   148  N N   . GLY A 1 32  ? 8.109   -4.027  -16.863 1.00 46.69  ? 32  GLY A N   1 
ATOM   149  C CA  . GLY A 1 32  ? 8.738   -3.013  -17.704 1.00 47.46  ? 32  GLY A CA  1 
ATOM   150  C C   . GLY A 1 32  ? 8.449   -1.611  -17.208 1.00 47.97  ? 32  GLY A C   1 
ATOM   151  O O   . GLY A 1 32  ? 7.486   -1.394  -16.471 1.00 47.85  ? 32  GLY A O   1 
ATOM   152  N N   . ARG A 1 33  ? 9.285   -0.660  -17.621 1.00 48.32  ? 33  ARG A N   1 
ATOM   153  C CA  . ARG A 1 33  ? 9.178   0.737   -17.183 1.00 48.90  ? 33  ARG A CA  1 
ATOM   154  C C   . ARG A 1 33  ? 7.862   1.437   -17.535 1.00 48.76  ? 33  ARG A C   1 
ATOM   155  O O   . ARG A 1 33  ? 7.384   2.280   -16.771 1.00 48.30  ? 33  ARG A O   1 
ATOM   156  C CB  . ARG A 1 33  ? 10.380  1.561   -17.668 1.00 49.10  ? 33  ARG A CB  1 
ATOM   157  C CG  . ARG A 1 33  ? 11.006  1.085   -18.977 1.00 50.26  ? 33  ARG A CG  1 
ATOM   158  C CD  . ARG A 1 33  ? 12.121  2.022   -19.437 1.00 50.25  ? 33  ARG A CD  1 
ATOM   159  N NE  . ARG A 1 33  ? 11.621  3.380   -19.653 1.00 54.28  ? 33  ARG A NE  1 
ATOM   160  C CZ  . ARG A 1 33  ? 11.076  3.810   -20.790 1.00 54.59  ? 33  ARG A CZ  1 
ATOM   161  N NH1 . ARG A 1 33  ? 10.963  2.994   -21.832 1.00 55.27  ? 33  ARG A NH1 1 
ATOM   162  N NH2 . ARG A 1 33  ? 10.642  5.059   -20.883 1.00 54.46  ? 33  ARG A NH2 1 
ATOM   163  N N   . LYS A 1 34  ? 7.275   1.088   -18.678 1.00 48.91  ? 34  LYS A N   1 
ATOM   164  C CA  . LYS A 1 34  ? 6.009   1.696   -19.098 1.00 49.37  ? 34  LYS A CA  1 
ATOM   165  C C   . LYS A 1 34  ? 4.811   1.143   -18.311 1.00 49.01  ? 34  LYS A C   1 
ATOM   166  O O   . LYS A 1 34  ? 3.874   1.888   -18.013 1.00 49.23  ? 34  LYS A O   1 
ATOM   167  C CB  . LYS A 1 34  ? 5.800   1.556   -20.614 1.00 49.32  ? 34  LYS A CB  1 
ATOM   168  C CG  . LYS A 1 34  ? 4.790   2.540   -21.197 1.00 50.23  ? 34  LYS A CG  1 
ATOM   169  C CD  . LYS A 1 34  ? 4.760   2.493   -22.723 1.00 50.23  ? 34  LYS A CD  1 
ATOM   170  C CE  . LYS A 1 34  ? 3.494   3.145   -23.279 1.00 51.86  ? 34  LYS A CE  1 
ATOM   171  N NZ  . LYS A 1 34  ? 2.261   2.366   -22.944 1.00 52.13  ? 34  LYS A NZ  1 
ATOM   172  N N   . GLN A 1 35  ? 4.852   -0.148  -17.974 1.00 48.99  ? 35  GLN A N   1 
ATOM   173  C CA  . GLN A 1 35  ? 3.861   -0.765  -17.076 1.00 48.80  ? 35  GLN A CA  1 
ATOM   174  C C   . GLN A 1 35  ? 3.887   -0.124  -15.685 1.00 48.58  ? 35  GLN A C   1 
ATOM   175  O O   . GLN A 1 35  ? 2.840   0.157   -15.100 1.00 48.50  ? 35  GLN A O   1 
ATOM   176  C CB  . GLN A 1 35  ? 4.107   -2.266  -16.934 1.00 48.99  ? 35  GLN A CB  1 
ATOM   177  C CG  . GLN A 1 35  ? 3.842   -3.083  -18.188 1.00 49.97  ? 35  GLN A CG  1 
ATOM   178  C CD  . GLN A 1 35  ? 4.425   -4.480  -18.095 1.00 51.03  ? 35  GLN A CD  1 
ATOM   179  O OE1 . GLN A 1 35  ? 5.644   -4.658  -18.059 1.00 51.74  ? 35  GLN A OE1 1 
ATOM   180  N NE2 . GLN A 1 35  ? 3.555   -5.482  -18.068 1.00 51.03  ? 35  GLN A NE2 1 
ATOM   181  N N   . ILE A 1 36  ? 5.088   0.100   -15.162 1.00 48.12  ? 36  ILE A N   1 
ATOM   182  C CA  . ILE A 1 36  ? 5.256   0.791   -13.889 1.00 47.82  ? 36  ILE A CA  1 
ATOM   183  C C   . ILE A 1 36  ? 4.644   2.198   -13.964 1.00 47.88  ? 36  ILE A C   1 
ATOM   184  O O   . ILE A 1 36  ? 3.879   2.595   -13.079 1.00 47.24  ? 36  ILE A O   1 
ATOM   185  C CB  . ILE A 1 36  ? 6.759   0.845   -13.460 1.00 47.92  ? 36  ILE A CB  1 
ATOM   186  C CG1 . ILE A 1 36  ? 7.361   -0.565  -13.329 1.00 47.70  ? 36  ILE A CG1 1 
ATOM   187  C CG2 . ILE A 1 36  ? 6.940   1.645   -12.182 1.00 47.17  ? 36  ILE A CG2 1 
ATOM   188  C CD1 . ILE A 1 36  ? 6.963   -1.338  -12.066 1.00 49.31  ? 36  ILE A CD1 1 
ATOM   189  N N   . SER A 1 37  ? 4.971   2.933   -15.030 1.00 48.04  ? 37  SER A N   1 
ATOM   190  C CA  . SER A 1 37  ? 4.450   4.287   -15.261 1.00 48.67  ? 37  SER A CA  1 
ATOM   191  C C   . SER A 1 37  ? 2.925   4.367   -15.222 1.00 48.76  ? 37  SER A C   1 
ATOM   192  O O   . SER A 1 37  ? 2.366   5.304   -14.647 1.00 48.47  ? 37  SER A O   1 
ATOM   193  C CB  . SER A 1 37  ? 4.939   4.836   -16.605 1.00 48.70  ? 37  SER A CB  1 
ATOM   194  O OG  . SER A 1 37  ? 6.318   5.144   -16.562 1.00 50.18  ? 37  SER A OG  1 
ATOM   195  N N   . GLU A 1 38  ? 2.268   3.387   -15.842 1.00 49.14  ? 38  GLU A N   1 
ATOM   196  C CA  . GLU A 1 38  ? 0.807   3.350   -15.920 1.00 49.98  ? 38  GLU A CA  1 
ATOM   197  C C   . GLU A 1 38  ? 0.172   3.050   -14.557 1.00 49.61  ? 38  GLU A C   1 
ATOM   198  O O   . GLU A 1 38  ? -0.814  3.678   -14.170 1.00 49.76  ? 38  GLU A O   1 
ATOM   199  C CB  . GLU A 1 38  ? 0.328   2.345   -16.987 1.00 49.86  ? 38  GLU A CB  1 
ATOM   200  C CG  . GLU A 1 38  ? 0.501   0.871   -16.606 1.00 51.17  ? 38  GLU A CG  1 
ATOM   201  C CD  . GLU A 1 38  ? -0.299  -0.106  -17.467 1.00 51.37  ? 38  GLU A CD  1 
ATOM   202  O OE1 . GLU A 1 38  ? -0.373  0.091   -18.706 1.00 53.45  ? 38  GLU A OE1 1 
ATOM   203  O OE2 . GLU A 1 38  ? -0.828  -1.091  -16.899 1.00 51.48  ? 38  GLU A OE2 1 
ATOM   204  N N   . ARG A 1 39  ? 0.766   2.105   -13.832 1.00 49.44  ? 39  ARG A N   1 
ATOM   205  C CA  . ARG A 1 39  ? 0.217   1.629   -12.561 1.00 49.23  ? 39  ARG A CA  1 
ATOM   206  C C   . ARG A 1 39  ? 0.480   2.575   -11.388 1.00 48.68  ? 39  ARG A C   1 
ATOM   207  O O   . ARG A 1 39  ? -0.268  2.574   -10.403 1.00 48.63  ? 39  ARG A O   1 
ATOM   208  C CB  . ARG A 1 39  ? 0.728   0.217   -12.257 1.00 49.57  ? 39  ARG A CB  1 
ATOM   209  C CG  . ARG A 1 39  ? 0.261   -0.823  -13.272 1.00 51.01  ? 39  ARG A CG  1 
ATOM   210  C CD  . ARG A 1 39  ? 0.241   -2.232  -12.711 1.00 54.63  ? 39  ARG A CD  1 
ATOM   211  N NE  . ARG A 1 39  ? -0.432  -2.317  -11.412 1.00 57.24  ? 39  ARG A NE  1 
ATOM   212  C CZ  . ARG A 1 39  ? -1.173  -3.347  -11.007 1.00 58.44  ? 39  ARG A CZ  1 
ATOM   213  N NH1 . ARG A 1 39  ? -1.373  -4.391  -11.807 1.00 58.55  ? 39  ARG A NH1 1 
ATOM   214  N NH2 . ARG A 1 39  ? -1.731  -3.323  -9.803  1.00 58.30  ? 39  ARG A NH2 1 
ATOM   215  N N   . LEU A 1 40  ? 1.539   3.375   -11.490 1.00 47.95  ? 40  LEU A N   1 
ATOM   216  C CA  . LEU A 1 40  ? 1.857   4.379   -10.471 1.00 47.24  ? 40  LEU A CA  1 
ATOM   217  C C   . LEU A 1 40  ? 1.218   5.725   -10.784 1.00 46.79  ? 40  LEU A C   1 
ATOM   218  O O   . LEU A 1 40  ? 1.005   6.537   -9.882  1.00 46.74  ? 40  LEU A O   1 
ATOM   219  C CB  . LEU A 1 40  ? 3.366   4.592   -10.361 1.00 47.07  ? 40  LEU A CB  1 
ATOM   220  C CG  . LEU A 1 40  ? 4.375   3.513   -9.968  1.00 47.46  ? 40  LEU A CG  1 
ATOM   221  C CD1 . LEU A 1 40  ? 5.771   4.101   -10.125 1.00 47.13  ? 40  LEU A CD1 1 
ATOM   222  C CD2 . LEU A 1 40  ? 4.159   3.036   -8.548  1.00 46.68  ? 40  LEU A CD2 1 
ATOM   223  N N   . GLU A 1 41  ? 0.939   5.958   -12.068 1.00 46.57  ? 41  GLU A N   1 
ATOM   224  C CA  . GLU A 1 41  ? 0.474   7.256   -12.563 1.00 46.24  ? 41  GLU A CA  1 
ATOM   225  C C   . GLU A 1 41  ? 1.560   8.304   -12.293 1.00 45.86  ? 41  GLU A C   1 
ATOM   226  O O   . GLU A 1 41  ? 1.288   9.373   -11.739 1.00 46.16  ? 41  GLU A O   1 
ATOM   227  C CB  . GLU A 1 41  ? -0.863  7.653   -11.910 1.00 46.31  ? 41  GLU A CB  1 
ATOM   228  C CG  . GLU A 1 41  ? -1.971  8.048   -12.874 1.00 46.32  ? 41  GLU A CG  1 
ATOM   229  C CD  . GLU A 1 41  ? -3.367  7.810   -12.293 1.00 46.17  ? 41  GLU A CD  1 
ATOM   230  O OE1 . GLU A 1 41  ? -3.788  8.564   -11.391 1.00 45.14  ? 41  GLU A OE1 1 
ATOM   231  O OE2 . GLU A 1 41  ? -4.042  6.862   -12.746 1.00 46.91  ? 41  GLU A OE2 1 
ATOM   232  N N   . LEU A 1 42  ? 2.791   7.967   -12.672 1.00 45.38  ? 42  LEU A N   1 
ATOM   233  C CA  . LEU A 1 42  ? 3.945   8.857   -12.519 1.00 45.14  ? 42  LEU A CA  1 
ATOM   234  C C   . LEU A 1 42  ? 4.548   9.226   -13.869 1.00 44.66  ? 42  LEU A C   1 
ATOM   235  O O   . LEU A 1 42  ? 4.521   8.428   -14.811 1.00 44.28  ? 42  LEU A O   1 
ATOM   236  C CB  . LEU A 1 42  ? 5.027   8.200   -11.658 1.00 45.32  ? 42  LEU A CB  1 
ATOM   237  C CG  . LEU A 1 42  ? 5.164   8.587   -10.184 1.00 45.70  ? 42  LEU A CG  1 
ATOM   238  C CD1 . LEU A 1 42  ? 3.952   8.124   -9.400  1.00 46.11  ? 42  LEU A CD1 1 
ATOM   239  C CD2 . LEU A 1 42  ? 6.458   8.000   -9.603  1.00 45.39  ? 42  LEU A CD2 1 
ATOM   240  N N   . GLY A 1 43  ? 5.106   10.432  -13.943 1.00 44.62  ? 43  GLY A N   1 
ATOM   241  C CA  . GLY A 1 43  ? 5.757   10.923  -15.160 1.00 44.32  ? 43  GLY A CA  1 
ATOM   242  C C   . GLY A 1 43  ? 6.917   10.056  -15.609 1.00 44.29  ? 43  GLY A C   1 
ATOM   243  O O   . GLY A 1 43  ? 7.521   9.345   -14.797 1.00 44.17  ? 43  GLY A O   1 
ATOM   244  N N   . GLU A 1 44  ? 7.231   10.108  -16.905 1.00 44.02  ? 44  GLU A N   1 
ATOM   245  C CA  . GLU A 1 44  ? 8.337   9.321   -17.456 1.00 43.87  ? 44  GLU A CA  1 
ATOM   246  C C   . GLU A 1 44  ? 9.675   9.693   -16.810 1.00 42.42  ? 44  GLU A C   1 
ATOM   247  O O   . GLU A 1 44  ? 10.471  8.820   -16.480 1.00 42.30  ? 44  GLU A O   1 
ATOM   248  C CB  . GLU A 1 44  ? 8.417   9.463   -18.977 1.00 44.09  ? 44  GLU A CB  1 
ATOM   249  C CG  . GLU A 1 44  ? 9.319   8.405   -19.623 1.00 45.80  ? 44  GLU A CG  1 
ATOM   250  C CD  . GLU A 1 44  ? 9.414   8.532   -21.132 1.00 46.31  ? 44  GLU A CD  1 
ATOM   251  O OE1 . GLU A 1 44  ? 9.521   9.676   -21.638 1.00 49.84  ? 44  GLU A OE1 1 
ATOM   252  O OE2 . GLU A 1 44  ? 9.397   7.476   -21.812 1.00 49.79  ? 44  GLU A OE2 1 
ATOM   253  N N   . GLY A 1 45  ? 9.906   10.991  -16.619 1.00 41.17  ? 45  GLY A N   1 
ATOM   254  C CA  . GLY A 1 45  ? 11.125  11.470  -15.972 1.00 38.83  ? 45  GLY A CA  1 
ATOM   255  C C   . GLY A 1 45  ? 11.244  10.941  -14.557 1.00 37.44  ? 45  GLY A C   1 
ATOM   256  O O   . GLY A 1 45  ? 12.309  10.485  -14.147 1.00 36.73  ? 45  GLY A O   1 
ATOM   257  N N   . SER A 1 46  ? 10.134  11.004  -13.826 1.00 36.17  ? 46  SER A N   1 
ATOM   258  C CA  . SER A 1 46  ? 10.034  10.517  -12.449 1.00 35.08  ? 46  SER A CA  1 
ATOM   259  C C   . SER A 1 46  ? 10.246  9.001   -12.309 1.00 33.69  ? 46  SER A C   1 
ATOM   260  O O   . SER A 1 46  ? 10.987  8.562   -11.434 1.00 32.99  ? 46  SER A O   1 
ATOM   261  C CB  . SER A 1 46  ? 8.684   10.918  -11.852 1.00 35.40  ? 46  SER A CB  1 
ATOM   262  O OG  . SER A 1 46  ? 8.666   12.308  -11.568 1.00 36.70  ? 46  SER A OG  1 
ATOM   263  N N   . VAL A 1 47  ? 9.589   8.219   -13.159 1.00 32.49  ? 47  VAL A N   1 
ATOM   264  C CA  . VAL A 1 47  ? 9.775   6.767   -13.157 1.00 31.78  ? 47  VAL A CA  1 
ATOM   265  C C   . VAL A 1 47  ? 11.211  6.392   -13.538 1.00 30.86  ? 47  VAL A C   1 
ATOM   266  O O   . VAL A 1 47  ? 11.807  5.520   -12.918 1.00 30.34  ? 47  VAL A O   1 
ATOM   267  C CB  . VAL A 1 47  ? 8.762   6.034   -14.079 1.00 31.71  ? 47  VAL A CB  1 
ATOM   268  C CG1 . VAL A 1 47  ? 9.114   4.542   -14.215 1.00 31.39  ? 47  VAL A CG1 1 
ATOM   269  C CG2 . VAL A 1 47  ? 7.361   6.183   -13.544 1.00 32.25  ? 47  VAL A CG2 1 
ATOM   270  N N   . ARG A 1 48  ? 11.756  7.046   -14.561 1.00 29.97  ? 48  ARG A N   1 
ATOM   271  C CA  . ARG A 1 48  ? 13.123  6.769   -15.004 1.00 28.82  ? 48  ARG A CA  1 
ATOM   272  C C   . ARG A 1 48  ? 14.103  6.980   -13.870 1.00 26.70  ? 48  ARG A C   1 
ATOM   273  O O   . ARG A 1 48  ? 14.977  6.139   -13.634 1.00 26.73  ? 48  ARG A O   1 
ATOM   274  C CB  . ARG A 1 48  ? 13.504  7.668   -16.184 1.00 28.98  ? 48  ARG A CB  1 
ATOM   275  C CG  . ARG A 1 48  ? 13.167  7.097   -17.539 1.00 33.74  ? 48  ARG A CG  1 
ATOM   276  C CD  . ARG A 1 48  ? 14.457  6.708   -18.277 1.00 38.63  ? 48  ARG A CD  1 
ATOM   277  N NE  . ARG A 1 48  ? 14.235  6.041   -19.563 1.00 43.02  ? 48  ARG A NE  1 
ATOM   278  C CZ  . ARG A 1 48  ? 13.618  6.576   -20.616 1.00 44.69  ? 48  ARG A CZ  1 
ATOM   279  N NH1 . ARG A 1 48  ? 13.117  7.804   -20.565 1.00 46.66  ? 48  ARG A NH1 1 
ATOM   280  N NH2 . ARG A 1 48  ? 13.484  5.865   -21.728 1.00 46.12  ? 48  ARG A NH2 1 
ATOM   281  N N   . THR A 1 49  ? 13.949  8.099   -13.167 1.00 24.69  ? 49  THR A N   1 
ATOM   282  C CA  . THR A 1 49  ? 14.860  8.470   -12.105 1.00 23.41  ? 49  THR A CA  1 
ATOM   283  C C   . THR A 1 49  ? 14.732  7.524   -10.916 1.00 22.26  ? 49  THR A C   1 
ATOM   284  O O   . THR A 1 49  ? 15.731  7.095   -10.348 1.00 20.80  ? 49  THR A O   1 
ATOM   285  C CB  . THR A 1 49  ? 14.617  9.927   -11.652 1.00 23.56  ? 49  THR A CB  1 
ATOM   286  O OG1 . THR A 1 49  ? 14.870  10.801  -12.768 1.00 24.63  ? 49  THR A OG1 1 
ATOM   287  C CG2 . THR A 1 49  ? 15.531  10.286  -10.527 1.00 24.02  ? 49  THR A CG2 1 
ATOM   288  N N   . LEU A 1 50  ? 13.490  7.216   -10.559 1.00 21.59  ? 50  LEU A N   1 
ATOM   289  C CA  . LEU A 1 50  ? 13.214  6.251   -9.507  1.00 20.81  ? 50  LEU A CA  1 
ATOM   290  C C   . LEU A 1 50  ? 13.865  4.898   -9.809  1.00 20.40  ? 50  LEU A C   1 
ATOM   291  O O   . LEU A 1 50  ? 14.565  4.374   -8.946  1.00 20.45  ? 50  LEU A O   1 
ATOM   292  C CB  . LEU A 1 50  ? 11.698  6.114   -9.281  1.00 20.80  ? 50  LEU A CB  1 
ATOM   293  C CG  . LEU A 1 50  ? 11.224  4.999   -8.355  1.00 21.64  ? 50  LEU A CG  1 
ATOM   294  C CD1 . LEU A 1 50  ? 11.904  5.052   -7.011  1.00 22.49  ? 50  LEU A CD1 1 
ATOM   295  C CD2 . LEU A 1 50  ? 9.699   5.110   -8.222  1.00 22.06  ? 50  LEU A CD2 1 
ATOM   296  N N   . LEU A 1 51  ? 13.669  4.365   -11.016 1.00 20.10  ? 51  LEU A N   1 
ATOM   297  C CA  . LEU A 1 51  ? 14.244  3.055   -11.398 1.00 20.35  ? 51  LEU A CA  1 
ATOM   298  C C   . LEU A 1 51  ? 15.769  3.089   -11.457 1.00 20.57  ? 51  LEU A C   1 
ATOM   299  O O   . LEU A 1 51  ? 16.448  2.131   -11.066 1.00 19.49  ? 51  LEU A O   1 
ATOM   300  C CB  . LEU A 1 51  ? 13.648  2.535   -12.705 1.00 21.54  ? 51  LEU A CB  1 
ATOM   301  C CG  . LEU A 1 51  ? 12.144  2.218   -12.706 1.00 22.30  ? 51  LEU A CG  1 
ATOM   302  C CD1 . LEU A 1 51  ? 11.728  1.704   -14.051 1.00 24.73  ? 51  LEU A CD1 1 
ATOM   303  C CD2 . LEU A 1 51  ? 11.771  1.204   -11.631 1.00 24.02  ? 51  LEU A CD2 1 
ATOM   304  N N   . ARG A 1 52  ? 16.321  4.215   -11.910 1.00 20.09  ? 52  ARG A N   1 
ATOM   305  C CA  . ARG A 1 52  ? 17.770  4.368   -11.864 1.00 19.76  ? 52  ARG A CA  1 
ATOM   306  C C   . ARG A 1 52  ? 18.303  4.380   -10.444 1.00 18.90  ? 52  ARG A C   1 
ATOM   307  O O   . ARG A 1 52  ? 19.299  3.722   -10.162 1.00 17.03  ? 52  ARG A O   1 
ATOM   308  C CB  . ARG A 1 52  ? 18.256  5.568   -12.676 1.00 20.86  ? 52  ARG A CB  1 
ATOM   309  C CG  . ARG A 1 52  ? 18.676  5.214   -14.103 1.00 24.79  ? 52  ARG A CG  1 
ATOM   310  C CD  . ARG A 1 52  ? 18.040  3.909   -14.589 1.00 35.16  ? 52  ARG A CD  1 
ATOM   311  N NE  . ARG A 1 52  ? 17.677  3.927   -16.003 1.00 39.82  ? 52  ARG A NE  1 
ATOM   312  C CZ  . ARG A 1 52  ? 16.428  4.042   -16.443 1.00 41.42  ? 52  ARG A CZ  1 
ATOM   313  N NH1 . ARG A 1 52  ? 15.429  4.162   -15.576 1.00 38.92  ? 52  ARG A NH1 1 
ATOM   314  N NH2 . ARG A 1 52  ? 16.185  4.044   -17.749 1.00 41.88  ? 52  ARG A NH2 1 
ATOM   315  N N   . LYS A 1 53  ? 17.642  5.095   -9.528  1.00 17.80  ? 53  LYS A N   1 
ATOM   316  C CA  . LYS A 1 53  ? 18.110  5.082   -8.151  1.00 17.17  ? 53  LYS A CA  1 
ATOM   317  C C   . LYS A 1 53  ? 18.030  3.672   -7.584  1.00 16.91  ? 53  LYS A C   1 
ATOM   318  O O   . LYS A 1 53  ? 18.964  3.219   -6.934  1.00 16.32  ? 53  LYS A O   1 
ATOM   319  C CB  . LYS A 1 53  ? 17.320  6.053   -7.257  1.00 17.58  ? 53  LYS A CB  1 
ATOM   320  C CG  . LYS A 1 53  ? 17.938  6.238   -5.874  1.00 18.70  ? 53  LYS A CG  1 
ATOM   321  C CD  . LYS A 1 53  ? 19.234  7.036   -5.943  1.00 24.15  ? 53  LYS A CD  1 
ATOM   322  C CE  . LYS A 1 53  ? 19.800  7.262   -4.548  1.00 26.74  ? 53  LYS A CE  1 
ATOM   323  N NZ  . LYS A 1 53  ? 21.031  8.100   -4.653  1.00 29.16  ? 53  LYS A NZ  1 
ATOM   324  N N   . LEU A 1 54  ? 16.915  2.989   -7.842  1.00 16.72  ? 54  LEU A N   1 
ATOM   325  C CA  . LEU A 1 54  ? 16.784  1.592   -7.382  1.00 17.14  ? 54  LEU A CA  1 
ATOM   326  C C   . LEU A 1 54  ? 17.894  0.716   -7.959  1.00 16.85  ? 54  LEU A C   1 
ATOM   327  O O   . LEU A 1 54  ? 18.480  -0.085  -7.228  1.00 17.92  ? 54  LEU A O   1 
ATOM   328  C CB  . LEU A 1 54  ? 15.405  1.031   -7.718  1.00 16.57  ? 54  LEU A CB  1 
ATOM   329  C CG  . LEU A 1 54  ? 14.258  1.652   -6.930  1.00 18.47  ? 54  LEU A CG  1 
ATOM   330  C CD1 . LEU A 1 54  ? 12.962  1.152   -7.494  1.00 19.37  ? 54  LEU A CD1 1 
ATOM   331  C CD2 . LEU A 1 54  ? 14.351  1.339   -5.424  1.00 18.21  ? 54  LEU A CD2 1 
ATOM   332  N N   . SER A 1 55  ? 18.251  0.939   -9.227  1.00 17.50  ? 55  SER A N   1 
ATOM   333  C CA  . SER A 1 55  ? 19.377  0.201   -9.843  1.00 18.10  ? 55  SER A CA  1 
ATOM   334  C C   . SER A 1 55  ? 20.739  0.482   -9.184  1.00 17.56  ? 55  SER A C   1 
ATOM   335  O O   . SER A 1 55  ? 21.516  -0.439  -8.914  1.00 16.54  ? 55  SER A O   1 
ATOM   336  C CB  . SER A 1 55  ? 19.462  0.490   -11.359 1.00 17.95  ? 55  SER A CB  1 
ATOM   337  O OG  . SER A 1 55  ? 20.477  -0.336  -11.937 1.00 23.04  ? 55  SER A OG  1 
ATOM   338  N N   . HIS A 1 56  ? 21.021  1.762   -8.912  1.00 17.21  ? 56  HIS A N   1 
ATOM   339  C CA  . HIS A 1 56  ? 22.278  2.159   -8.295  1.00 17.37  ? 56  HIS A CA  1 
ATOM   340  C C   . HIS A 1 56  ? 22.412  1.525   -6.933  1.00 17.76  ? 56  HIS A C   1 
ATOM   341  O O   . HIS A 1 56  ? 23.496  1.078   -6.554  1.00 17.86  ? 56  HIS A O   1 
ATOM   342  C CB  . HIS A 1 56  ? 22.391  3.694   -8.176  1.00 17.41  ? 56  HIS A CB  1 
ATOM   343  C CG  . HIS A 1 56  ? 22.367  4.388   -9.500  1.00 19.75  ? 56  HIS A CG  1 
ATOM   344  N ND1 . HIS A 1 56  ? 22.101  5.735   -9.631  1.00 20.09  ? 56  HIS A ND1 1 
ATOM   345  C CD2 . HIS A 1 56  ? 22.504  3.905   -10.756 1.00 18.79  ? 56  HIS A CD2 1 
ATOM   346  C CE1 . HIS A 1 56  ? 22.097  6.057   -10.913 1.00 22.33  ? 56  HIS A CE1 1 
ATOM   347  N NE2 . HIS A 1 56  ? 22.333  4.963   -11.620 1.00 21.84  ? 56  HIS A NE2 1 
ATOM   348  N N   . LEU A 1 57  ? 21.288  1.435   -6.229  1.00 16.93  ? 57  LEU A N   1 
ATOM   349  C CA  . LEU A 1 57  ? 21.263  0.901   -4.884  1.00 17.87  ? 57  LEU A CA  1 
ATOM   350  C C   . LEU A 1 57  ? 21.182  -0.636  -4.844  1.00 18.56  ? 57  LEU A C   1 
ATOM   351  O O   . LEU A 1 57  ? 21.083  -1.218  -3.764  1.00 18.37  ? 57  LEU A O   1 
ATOM   352  C CB  . LEU A 1 57  ? 20.097  1.532   -4.114  1.00 17.87  ? 57  LEU A CB  1 
ATOM   353  C CG  . LEU A 1 57  ? 20.370  2.968   -3.646  1.00 17.44  ? 57  LEU A CG  1 
ATOM   354  C CD1 . LEU A 1 57  ? 19.096  3.513   -3.064  1.00 21.04  ? 57  LEU A CD1 1 
ATOM   355  C CD2 . LEU A 1 57  ? 21.503  3.036   -2.629  1.00 19.48  ? 57  LEU A CD2 1 
ATOM   356  N N   . ASP A 1 58  ? 21.240  -1.262  -6.014  1.00 19.17  ? 58  ASP A N   1 
ATOM   357  C CA  . ASP A 1 58  ? 21.225  -2.740  -6.156  1.00 20.54  ? 58  ASP A CA  1 
ATOM   358  C C   . ASP A 1 58  ? 19.935  -3.320  -5.577  1.00 20.80  ? 58  ASP A C   1 
ATOM   359  O O   . ASP A 1 58  ? 19.936  -4.397  -4.962  1.00 20.82  ? 58  ASP A O   1 
ATOM   360  C CB  . ASP A 1 58  ? 22.440  -3.391  -5.489  1.00 21.03  ? 58  ASP A CB  1 
ATOM   361  C CG  . ASP A 1 58  ? 22.555  -4.892  -5.805  1.00 23.39  ? 58  ASP A CG  1 
ATOM   362  O OD1 . ASP A 1 58  ? 22.191  -5.284  -6.934  1.00 25.22  ? 58  ASP A OD1 1 
ATOM   363  O OD2 . ASP A 1 58  ? 22.986  -5.662  -4.906  1.00 25.66  ? 58  ASP A OD2 1 
ATOM   364  N N   . ILE A 1 59  ? 18.844  -2.586  -5.761  1.00 19.85  ? 59  ILE A N   1 
ATOM   365  C CA  . ILE A 1 59  ? 17.549  -3.046  -5.283  1.00 20.58  ? 59  ILE A CA  1 
ATOM   366  C C   . ILE A 1 59  ? 16.805  -3.718  -6.409  1.00 20.85  ? 59  ILE A C   1 
ATOM   367  O O   . ILE A 1 59  ? 16.082  -4.689  -6.187  1.00 21.66  ? 59  ILE A O   1 
ATOM   368  C CB  . ILE A 1 59  ? 16.741  -1.911  -4.625  1.00 19.96  ? 59  ILE A CB  1 
ATOM   369  C CG1 . ILE A 1 59  ? 17.424  -1.526  -3.306  1.00 19.28  ? 59  ILE A CG1 1 
ATOM   370  C CG2 . ILE A 1 59  ? 15.294  -2.323  -4.366  1.00 18.66  ? 59  ILE A CG2 1 
ATOM   371  C CD1 . ILE A 1 59  ? 16.846  -0.239  -2.649  1.00 20.90  ? 59  ILE A CD1 1 
ATOM   372  N N   . ILE A 1 60  ? 17.002  -3.210  -7.617  1.00 22.48  ? 60  ILE A N   1 
ATOM   373  C CA  . ILE A 1 60  ? 16.472  -3.838  -8.830  1.00 23.52  ? 60  ILE A CA  1 
ATOM   374  C C   . ILE A 1 60  ? 17.558  -4.013  -9.891  1.00 25.39  ? 60  ILE A C   1 
ATOM   375  O O   . ILE A 1 60  ? 18.618  -3.381  -9.832  1.00 25.14  ? 60  ILE A O   1 
ATOM   376  C CB  . ILE A 1 60  ? 15.294  -3.054  -9.460  1.00 23.32  ? 60  ILE A CB  1 
ATOM   377  C CG1 . ILE A 1 60  ? 15.775  -1.730  -10.091 1.00 22.52  ? 60  ILE A CG1 1 
ATOM   378  C CG2 . ILE A 1 60  ? 14.146  -2.854  -8.454  1.00 22.53  ? 60  ILE A CG2 1 
ATOM   379  C CD1 . ILE A 1 60  ? 14.706  -1.000  -10.841 1.00 23.32  ? 60  ILE A CD1 1 
ATOM   380  N N   . ARG A 1 61  ? 17.283  -4.900  -10.839 1.00 26.77  ? 61  ARG A N   1 
ATOM   381  C CA  . ARG A 1 61  ? 18.118  -5.076  -12.019 1.00 29.16  ? 61  ARG A CA  1 
ATOM   382  C C   . ARG A 1 61  ? 17.192  -5.192  -13.214 1.00 30.70  ? 61  ARG A C   1 
ATOM   383  O O   . ARG A 1 61  ? 16.024  -5.549  -13.055 1.00 30.26  ? 61  ARG A O   1 
ATOM   384  C CB  . ARG A 1 61  ? 19.018  -6.317  -11.886 1.00 28.62  ? 61  ARG A CB  1 
ATOM   385  C CG  . ARG A 1 61  ? 20.300  -6.112  -11.048 1.00 29.45  ? 61  ARG A CG  1 
ATOM   386  C CD  . ARG A 1 61  ? 21.362  -5.315  -11.823 1.00 28.02  ? 61  ARG A CD  1 
ATOM   387  N NE  . ARG A 1 61  ? 22.516  -4.894  -11.019 1.00 26.69  ? 61  ARG A NE  1 
ATOM   388  C CZ  . ARG A 1 61  ? 22.564  -3.779  -10.283 1.00 27.92  ? 61  ARG A CZ  1 
ATOM   389  N NH1 . ARG A 1 61  ? 21.503  -2.978  -10.192 1.00 26.44  ? 61  ARG A NH1 1 
ATOM   390  N NH2 . ARG A 1 61  ? 23.675  -3.472  -9.619  1.00 27.74  ? 61  ARG A NH2 1 
ATOM   391  N N   . SER A 1 62  ? 17.705  -4.864  -14.403 1.00 32.79  ? 62  SER A N   1 
ATOM   392  C CA  . SER A 1 62  ? 16.907  -4.871  -15.631 1.00 35.00  ? 62  SER A CA  1 
ATOM   393  C C   . SER A 1 62  ? 17.316  -5.999  -16.576 1.00 36.21  ? 62  SER A C   1 
ATOM   394  O O   . SER A 1 62  ? 18.508  -6.257  -16.757 1.00 35.76  ? 62  SER A O   1 
ATOM   395  C CB  . SER A 1 62  ? 17.019  -3.535  -16.357 1.00 35.02  ? 62  SER A CB  1 
ATOM   396  O OG  . SER A 1 62  ? 16.420  -3.611  -17.639 1.00 37.89  ? 62  SER A OG  1 
ATOM   397  N N   . LYS A 1 63  ? 16.310  -6.653  -17.166 1.00 37.68  ? 63  LYS A N   1 
ATOM   398  C CA  . LYS A 1 63  ? 16.487  -7.786  -18.099 1.00 39.36  ? 63  LYS A CA  1 
ATOM   399  C C   . LYS A 1 63  ? 17.383  -8.896  -17.563 1.00 39.56  ? 63  LYS A C   1 
ATOM   400  O O   . LYS A 1 63  ? 17.122  -9.444  -16.490 1.00 40.59  ? 63  LYS A O   1 
ATOM   401  C CB  . LYS A 1 63  ? 16.984  -7.313  -19.472 1.00 39.84  ? 63  LYS A CB  1 
ATOM   402  C CG  . LYS A 1 63  ? 15.871  -7.032  -20.480 1.00 41.72  ? 63  LYS A CG  1 
ATOM   403  C CD  . LYS A 1 63  ? 15.128  -8.319  -20.818 1.00 41.70  ? 63  LYS A CD  1 
ATOM   404  C CE  . LYS A 1 63  ? 13.652  -8.053  -21.049 1.00 43.11  ? 63  LYS A CE  1 
ATOM   405  N NZ  . LYS A 1 63  ? 12.852  -9.150  -20.441 1.00 42.06  ? 63  LYS A NZ  1 
ATOM   406  N N   . GLY A 1 66  ? 12.039  -6.890  -18.473 1.00 34.86  ? 66  GLY A N   1 
ATOM   407  C CA  . GLY A 1 66  ? 11.512  -6.112  -17.351 1.00 34.40  ? 66  GLY A CA  1 
ATOM   408  C C   . GLY A 1 66  ? 12.413  -6.071  -16.132 1.00 34.23  ? 66  GLY A C   1 
ATOM   409  O O   . GLY A 1 66  ? 13.386  -6.826  -16.019 1.00 34.84  ? 66  GLY A O   1 
ATOM   410  N N   . HIS A 1 67  ? 12.061  -5.185  -15.203 1.00 33.41  ? 67  HIS A N   1 
ATOM   411  C CA  . HIS A 1 67  ? 12.837  -4.964  -13.996 1.00 32.82  ? 67  HIS A CA  1 
ATOM   412  C C   . HIS A 1 67  ? 12.436  -5.959  -12.916 1.00 32.18  ? 67  HIS A C   1 
ATOM   413  O O   . HIS A 1 67  ? 11.261  -6.307  -12.772 1.00 32.22  ? 67  HIS A O   1 
ATOM   414  C CB  . HIS A 1 67  ? 12.655  -3.521  -13.510 1.00 32.82  ? 67  HIS A CB  1 
ATOM   415  C CG  . HIS A 1 67  ? 13.035  -2.492  -14.529 1.00 33.04  ? 67  HIS A CG  1 
ATOM   416  N ND1 . HIS A 1 67  ? 14.264  -1.872  -14.535 1.00 34.31  ? 67  HIS A ND1 1 
ATOM   417  C CD2 . HIS A 1 67  ? 12.361  -2.000  -15.595 1.00 34.40  ? 67  HIS A CD2 1 
ATOM   418  C CE1 . HIS A 1 67  ? 14.323  -1.023  -15.546 1.00 34.49  ? 67  HIS A CE1 1 
ATOM   419  N NE2 . HIS A 1 67  ? 13.185  -1.088  -16.211 1.00 34.20  ? 67  HIS A NE2 1 
ATOM   420  N N   . PHE A 1 68  ? 13.418  -6.445  -12.180 1.00 31.38  ? 68  PHE A N   1 
ATOM   421  C CA  . PHE A 1 68  ? 13.128  -7.372  -11.101 1.00 31.26  ? 68  PHE A CA  1 
ATOM   422  C C   . PHE A 1 68  ? 13.945  -7.038  -9.888  1.00 30.49  ? 68  PHE A C   1 
ATOM   423  O O   . PHE A 1 68  ? 14.974  -6.369  -9.976  1.00 29.83  ? 68  PHE A O   1 
ATOM   424  C CB  . PHE A 1 68  ? 13.407  -8.817  -11.516 1.00 32.15  ? 68  PHE A CB  1 
ATOM   425  C CG  . PHE A 1 68  ? 14.825  -9.056  -11.922 1.00 31.97  ? 68  PHE A CG  1 
ATOM   426  C CD1 . PHE A 1 68  ? 15.743  -9.571  -11.018 1.00 34.11  ? 68  PHE A CD1 1 
ATOM   427  C CD2 . PHE A 1 68  ? 15.248  -8.740  -13.208 1.00 34.78  ? 68  PHE A CD2 1 
ATOM   428  C CE1 . PHE A 1 68  ? 17.076  -9.781  -11.391 1.00 34.69  ? 68  PHE A CE1 1 
ATOM   429  C CE2 . PHE A 1 68  ? 16.565  -8.938  -13.591 1.00 34.33  ? 68  PHE A CE2 1 
ATOM   430  C CZ  . PHE A 1 68  ? 17.486  -9.472  -12.680 1.00 34.00  ? 68  PHE A CZ  1 
ATOM   431  N N   . LEU A 1 69  ? 13.481  -7.551  -8.760  1.00 29.30  ? 69  LEU A N   1 
ATOM   432  C CA  . LEU A 1 69  ? 14.124  -7.365  -7.486  1.00 28.17  ? 69  LEU A CA  1 
ATOM   433  C C   . LEU A 1 69  ? 15.361  -8.242  -7.377  1.00 27.36  ? 69  LEU A C   1 
ATOM   434  O O   . LEU A 1 69  ? 15.336  -9.424  -7.729  1.00 27.23  ? 69  LEU A O   1 
ATOM   435  C CB  . LEU A 1 69  ? 13.131  -7.666  -6.348  1.00 28.04  ? 69  LEU A CB  1 
ATOM   436  C CG  . LEU A 1 69  ? 11.995  -6.656  -6.142  1.00 29.09  ? 69  LEU A CG  1 
ATOM   437  C CD1 . LEU A 1 69  ? 10.939  -7.226  -5.198  1.00 30.59  ? 69  LEU A CD1 1 
ATOM   438  C CD2 . LEU A 1 69  ? 12.492  -5.326  -5.610  1.00 29.23  ? 69  LEU A CD2 1 
ATOM   439  N N   . THR A 1 70  ? 16.447  -7.638  -6.915  1.00 25.51  ? 70  THR A N   1 
ATOM   440  C CA  . THR A 1 70  ? 17.687  -8.345  -6.607  1.00 24.91  ? 70  THR A CA  1 
ATOM   441  C C   . THR A 1 70  ? 17.490  -9.083  -5.280  1.00 25.54  ? 70  THR A C   1 
ATOM   442  O O   . THR A 1 70  ? 16.410  -9.006  -4.688  1.00 25.57  ? 70  THR A O   1 
ATOM   443  C CB  . THR A 1 70  ? 18.841  -7.354  -6.421  1.00 24.50  ? 70  THR A CB  1 
ATOM   444  O OG1 . THR A 1 70  ? 18.566  -6.538  -5.268  1.00 22.93  ? 70  THR A OG1 1 
ATOM   445  C CG2 . THR A 1 70  ? 19.019  -6.455  -7.671  1.00 23.93  ? 70  THR A CG2 1 
ATOM   446  N N   . LEU A 1 71  ? 18.534  -9.760  -4.800  1.00 25.41  ? 71  LEU A N   1 
ATOM   447  C CA  . LEU A 1 71  ? 18.485  -10.394 -3.476  1.00 24.88  ? 71  LEU A CA  1 
ATOM   448  C C   . LEU A 1 71  ? 18.254  -9.355  -2.367  1.00 24.67  ? 71  LEU A C   1 
ATOM   449  O O   . LEU A 1 71  ? 17.428  -9.561  -1.472  1.00 23.54  ? 71  LEU A O   1 
ATOM   450  C CB  . LEU A 1 71  ? 19.732  -11.237 -3.221  1.00 25.81  ? 71  LEU A CB  1 
ATOM   451  C CG  . LEU A 1 71  ? 19.943  -12.349 -4.269  1.00 27.96  ? 71  LEU A CG  1 
ATOM   452  C CD1 . LEU A 1 71  ? 21.265  -13.092 -4.036  1.00 29.10  ? 71  LEU A CD1 1 
ATOM   453  C CD2 . LEU A 1 71  ? 18.755  -13.324 -4.367  1.00 30.61  ? 71  LEU A CD2 1 
ATOM   454  N N   . LYS A 1 72  ? 18.938  -8.219  -2.469  1.00 23.07  ? 72  LYS A N   1 
ATOM   455  C CA  . LYS A 1 72  ? 18.662  -7.084  -1.570  1.00 22.75  ? 72  LYS A CA  1 
ATOM   456  C C   . LYS A 1 72  ? 17.203  -6.606  -1.686  1.00 21.53  ? 72  LYS A C   1 
ATOM   457  O O   . LYS A 1 72  ? 16.537  -6.397  -0.659  1.00 22.07  ? 72  LYS A O   1 
ATOM   458  C CB  . LYS A 1 72  ? 19.655  -5.944  -1.843  1.00 22.36  ? 72  LYS A CB  1 
ATOM   459  C CG  . LYS A 1 72  ? 19.448  -4.721  -0.964  1.00 24.20  ? 72  LYS A CG  1 
ATOM   460  C CD  . LYS A 1 72  ? 20.323  -3.582  -1.404  1.00 25.75  ? 72  LYS A CD  1 
ATOM   461  C CE  . LYS A 1 72  ? 19.947  -2.301  -0.646  1.00 25.11  ? 72  LYS A CE  1 
ATOM   462  N NZ  . LYS A 1 72  ? 20.883  -1.198  -1.019  1.00 25.93  ? 72  LYS A NZ  1 
ATOM   463  N N   . GLY A 1 73  ? 16.699  -6.453  -2.915  1.00 20.68  ? 73  GLY A N   1 
ATOM   464  C CA  . GLY A 1 73  ? 15.318  -6.024  -3.144  1.00 21.93  ? 73  GLY A CA  1 
ATOM   465  C C   . GLY A 1 73  ? 14.277  -7.000  -2.592  1.00 22.64  ? 73  GLY A C   1 
ATOM   466  O O   . GLY A 1 73  ? 13.259  -6.586  -2.033  1.00 21.61  ? 73  GLY A O   1 
ATOM   467  N N   . LYS A 1 74  ? 14.539  -8.301  -2.760  1.00 22.54  ? 74  LYS A N   1 
ATOM   468  C CA  . LYS A 1 74  ? 13.693  -9.350  -2.180  1.00 24.33  ? 74  LYS A CA  1 
ATOM   469  C C   . LYS A 1 74  ? 13.689  -9.366  -0.647  1.00 24.20  ? 74  LYS A C   1 
ATOM   470  O O   . LYS A 1 74  ? 12.642  -9.626  -0.035  1.00 24.44  ? 74  LYS A O   1 
ATOM   471  C CB  . LYS A 1 74  ? 14.129  -10.729 -2.707  1.00 24.68  ? 74  LYS A CB  1 
ATOM   472  C CG  . LYS A 1 74  ? 13.305  -11.892 -2.152  1.00 28.91  ? 74  LYS A CG  1 
ATOM   473  C CD  . LYS A 1 74  ? 11.927  -11.963 -2.838  1.00 33.29  ? 74  LYS A CD  1 
ATOM   474  C CE  . LYS A 1 74  ? 11.266  -13.322 -2.627  1.00 34.78  ? 74  LYS A CE  1 
ATOM   475  N NZ  . LYS A 1 74  ? 10.855  -13.532 -1.227  1.00 36.43  ? 74  LYS A NZ  1 
ATOM   476  N N   . GLU A 1 75  ? 14.838  -9.107  -0.030  1.00 24.06  ? 75  GLU A N   1 
ATOM   477  C CA  . GLU A 1 75  ? 14.933  -9.067  1.425   1.00 25.00  ? 75  GLU A CA  1 
ATOM   478  C C   . GLU A 1 75  ? 14.127  -7.866  1.920   1.00 23.66  ? 75  GLU A C   1 
ATOM   479  O O   . GLU A 1 75  ? 13.453  -7.932  2.947   1.00 22.99  ? 75  GLU A O   1 
ATOM   480  C CB  . GLU A 1 75  ? 16.380  -8.945  1.913   1.00 25.32  ? 75  GLU A CB  1 
ATOM   481  C CG  . GLU A 1 75  ? 17.263  -10.173 1.656   1.00 28.23  ? 75  GLU A CG  1 
ATOM   482  C CD  . GLU A 1 75  ? 18.700  -9.961  2.098   1.00 29.46  ? 75  GLU A CD  1 
ATOM   483  O OE1 . GLU A 1 75  ? 19.234  -8.836  1.911   1.00 35.16  ? 75  GLU A OE1 1 
ATOM   484  O OE2 . GLU A 1 75  ? 19.309  -10.924 2.621   1.00 36.56  ? 75  GLU A OE2 1 
ATOM   485  N N   . ILE A 1 76  ? 14.202  -6.767  1.176   1.00 22.34  ? 76  ILE A N   1 
ATOM   486  C CA  . ILE A 1 76  ? 13.413  -5.585  1.526   1.00 21.31  ? 76  ILE A CA  1 
ATOM   487  C C   . ILE A 1 76  ? 11.912  -5.851  1.443   1.00 20.93  ? 76  ILE A C   1 
ATOM   488  O O   . ILE A 1 76  ? 11.183  -5.533  2.378   1.00 20.34  ? 76  ILE A O   1 
ATOM   489  C CB  . ILE A 1 76  ? 13.807  -4.355  0.679   1.00 21.34  ? 76  ILE A CB  1 
ATOM   490  C CG1 . ILE A 1 76  ? 15.163  -3.830  1.147   1.00 21.18  ? 76  ILE A CG1 1 
ATOM   491  C CG2 . ILE A 1 76  ? 12.750  -3.239  0.821   1.00 20.25  ? 76  ILE A CG2 1 
ATOM   492  C CD1 . ILE A 1 76  ? 15.839  -2.846  0.144   1.00 21.44  ? 76  ILE A CD1 1 
ATOM   493  N N   . ARG A 1 77  ? 11.465  -6.432  0.329   1.00 20.32  ? 77  ARG A N   1 
ATOM   494  C CA  . ARG A 1 77  ? 10.057  -6.791  0.140   1.00 21.19  ? 77  ARG A CA  1 
ATOM   495  C C   . ARG A 1 77  ? 9.559   -7.766  1.205   1.00 21.76  ? 77  ARG A C   1 
ATOM   496  O O   . ARG A 1 77  ? 8.432   -7.642  1.700   1.00 20.39  ? 77  ARG A O   1 
ATOM   497  C CB  . ARG A 1 77  ? 9.839   -7.410  -1.237  1.00 21.46  ? 77  ARG A CB  1 
ATOM   498  C CG  . ARG A 1 77  ? 8.391   -7.287  -1.721  1.00 20.07  ? 77  ARG A CG  1 
ATOM   499  C CD  . ARG A 1 77  ? 8.154   -7.898  -3.111  1.00 21.89  ? 77  ARG A CD  1 
ATOM   500  N NE  . ARG A 1 77  ? 6.820   -7.511  -3.589  1.00 23.65  ? 77  ARG A NE  1 
ATOM   501  C CZ  . ARG A 1 77  ? 5.682   -8.074  -3.165  1.00 23.94  ? 77  ARG A CZ  1 
ATOM   502  N NH1 . ARG A 1 77  ? 5.722   -9.072  -2.298  1.00 25.79  ? 77  ARG A NH1 1 
ATOM   503  N NH2 . ARG A 1 77  ? 4.509   -7.655  -3.612  1.00 24.49  ? 77  ARG A NH2 1 
ATOM   504  N N   . ASP A 1 78  ? 10.391  -8.750  1.546   1.00 22.47  ? 78  ASP A N   1 
ATOM   505  C CA  . ASP A 1 78  ? 10.005  -9.718  2.579   1.00 24.04  ? 78  ASP A CA  1 
ATOM   506  C C   . ASP A 1 78  ? 9.786   -9.031  3.913   1.00 24.30  ? 78  ASP A C   1 
ATOM   507  O O   . ASP A 1 78  ? 8.812   -9.315  4.628   1.00 24.70  ? 78  ASP A O   1 
ATOM   508  C CB  . ASP A 1 78  ? 11.037  -10.848 2.702   1.00 24.78  ? 78  ASP A CB  1 
ATOM   509  C CG  . ASP A 1 78  ? 11.041  -11.771 1.504   1.00 27.21  ? 78  ASP A CG  1 
ATOM   510  O OD1 . ASP A 1 78  ? 10.114  -11.707 0.667   1.00 29.14  ? 78  ASP A OD1 1 
ATOM   511  O OD2 . ASP A 1 78  ? 11.982  -12.587 1.401   1.00 32.54  ? 78  ASP A OD2 1 
ATOM   512  N N   . LYS A 1 79  ? 10.678  -8.100  4.233   1.00 23.84  ? 79  LYS A N   1 
ATOM   513  C CA  . LYS A 1 79  ? 10.516  -7.252  5.390   1.00 25.19  ? 79  LYS A CA  1 
ATOM   514  C C   . LYS A 1 79  ? 9.212   -6.426  5.336   1.00 23.60  ? 79  LYS A C   1 
ATOM   515  O O   . LYS A 1 79  ? 8.550   -6.291  6.347   1.00 22.80  ? 79  LYS A O   1 
ATOM   516  C CB  . LYS A 1 79  ? 11.738  -6.360  5.568   1.00 25.61  ? 79  LYS A CB  1 
ATOM   517  C CG  . LYS A 1 79  ? 12.980  -7.120  6.076   1.00 28.69  ? 79  LYS A CG  1 
ATOM   518  C CD  . LYS A 1 79  ? 14.266  -6.287  5.959   1.00 28.78  ? 79  LYS A CD  1 
ATOM   519  C CE  . LYS A 1 79  ? 15.511  -7.165  6.119   1.00 32.42  ? 79  LYS A CE  1 
ATOM   520  N NZ  . LYS A 1 79  ? 15.513  -7.858  7.457   1.00 35.78  ? 79  LYS A NZ  1 
ATOM   521  N N   . LEU A 1 80  ? 8.851   -5.901  4.163   1.00 22.84  ? 80  LEU A N   1 
ATOM   522  C CA  . LEU A 1 80  ? 7.585   -5.155  4.026   1.00 22.84  ? 80  LEU A CA  1 
ATOM   523  C C   . LEU A 1 80  ? 6.375   -6.037  4.269   1.00 23.00  ? 80  LEU A C   1 
ATOM   524  O O   . LEU A 1 80  ? 5.422   -5.630  4.948   1.00 22.79  ? 80  LEU A O   1 
ATOM   525  C CB  . LEU A 1 80  ? 7.456   -4.490  2.649   1.00 23.11  ? 80  LEU A CB  1 
ATOM   526  C CG  . LEU A 1 80  ? 8.298   -3.235  2.432   1.00 24.29  ? 80  LEU A CG  1 
ATOM   527  C CD1 . LEU A 1 80  ? 8.127   -2.743  0.988   1.00 23.11  ? 80  LEU A CD1 1 
ATOM   528  C CD2 . LEU A 1 80  ? 7.891   -2.127  3.420   1.00 23.62  ? 80  LEU A CD2 1 
ATOM   529  N N   . LEU A 1 81  ? 6.442   -7.261  3.752   1.00 23.18  ? 81  LEU A N   1 
ATOM   530  C CA  . LEU A 1 81  ? 5.354   -8.215  3.904   1.00 24.39  ? 81  LEU A CA  1 
ATOM   531  C C   . LEU A 1 81  ? 5.254   -8.793  5.306   1.00 24.53  ? 81  LEU A C   1 
ATOM   532  O O   . LEU A 1 81  ? 4.251   -9.432  5.640   1.00 25.60  ? 81  LEU A O   1 
ATOM   533  C CB  . LEU A 1 81  ? 5.469   -9.325  2.880   1.00 24.32  ? 81  LEU A CB  1 
ATOM   534  C CG  . LEU A 1 81  ? 5.009   -8.982  1.476   1.00 25.98  ? 81  LEU A CG  1 
ATOM   535  C CD1 . LEU A 1 81  ? 5.310   -10.178 0.608   1.00 28.99  ? 81  LEU A CD1 1 
ATOM   536  C CD2 . LEU A 1 81  ? 3.522   -8.631  1.427   1.00 28.31  ? 81  LEU A CD2 1 
ATOM   537  N N   . SER A 1 82  ? 6.273   -8.574  6.131   1.00 24.67  ? 82  SER A N   1 
ATOM   538  C CA  . SER A 1 82  ? 6.170   -8.883  7.564   1.00 25.05  ? 82  SER A CA  1 
ATOM   539  C C   . SER A 1 82  ? 5.304   -7.872  8.327   1.00 24.92  ? 82  SER A C   1 
ATOM   540  O O   . SER A 1 82  ? 4.808   -8.185  9.409   1.00 25.47  ? 82  SER A O   1 
ATOM   541  C CB  . SER A 1 82  ? 7.552   -9.007  8.236   1.00 26.10  ? 82  SER A CB  1 
ATOM   542  O OG  . SER A 1 82  ? 8.138   -7.740  8.539   1.00 26.77  ? 82  SER A OG  1 
ATOM   543  N N   . MET A 1 83  ? 5.133   -6.668  7.783   1.00 23.45  ? 83  MET A N   1 
ATOM   544  C CA  . MET A 1 83  ? 4.377   -5.625  8.478   1.00 23.20  ? 83  MET A CA  1 
ATOM   545  C C   . MET A 1 83  ? 3.076   -5.224  7.769   1.00 22.72  ? 83  MET A C   1 
ATOM   546  O O   . MET A 1 83  ? 2.234   -4.529  8.348   1.00 22.35  ? 83  MET A O   1 
ATOM   547  C CB  . MET A 1 83  ? 5.266   -4.404  8.826   1.00 23.50  ? 83  MET A CB  1 
ATOM   548  C CG  . MET A 1 83  ? 5.899   -3.580  7.679   1.00 25.17  ? 83  MET A CG  1 
ATOM   549  S SD  . MET A 1 83  ? 7.211   -2.371  8.214   1.00 23.90  ? 83  MET A SD  1 
ATOM   550  C CE  . MET A 1 83  ? 8.572   -3.505  8.407   1.00 29.02  ? 83  MET A CE  1 
ATOM   551  N N   . PHE A 1 84  ? 2.947   -5.670  6.519   1.00 21.61  ? 84  PHE A N   1 
ATOM   552  C CA  . PHE A 1 84  ? 1.792   -5.405  5.654   1.00 21.54  ? 84  PHE A CA  1 
ATOM   553  C C   . PHE A 1 84  ? 1.369   -6.668  4.925   1.00 22.16  ? 84  PHE A C   1 
ATOM   554  O O   . PHE A 1 84  ? 2.170   -7.583  4.708   1.00 22.45  ? 84  PHE A O   1 
ATOM   555  C CB  . PHE A 1 84  ? 2.128   -4.357  4.583   1.00 21.04  ? 84  PHE A CB  1 
ATOM   556  C CG  . PHE A 1 84  ? 2.682   -3.078  5.132   1.00 20.68  ? 84  PHE A CG  1 
ATOM   557  C CD1 . PHE A 1 84  ? 1.929   -2.290  6.002   1.00 19.30  ? 84  PHE A CD1 1 
ATOM   558  C CD2 . PHE A 1 84  ? 3.962   -2.660  4.775   1.00 20.65  ? 84  PHE A CD2 1 
ATOM   559  C CE1 . PHE A 1 84  ? 2.442   -1.114  6.518   1.00 17.34  ? 84  PHE A CE1 1 
ATOM   560  C CE2 . PHE A 1 84  ? 4.475   -1.479  5.254   1.00 19.34  ? 84  PHE A CE2 1 
ATOM   561  C CZ  . PHE A 1 84  ? 3.719   -0.703  6.143   1.00 19.54  ? 84  PHE A CZ  1 
ATOM   562  N N   . SER A 1 85  ? 0.104   -6.719  4.529   1.00 21.97  ? 85  SER A N   1 
ATOM   563  C CA  . SER A 1 85  ? -0.357  -7.764  3.619   1.00 22.22  ? 85  SER A CA  1 
ATOM   564  C C   . SER A 1 85  ? -0.003  -7.357  2.200   1.00 22.25  ? 85  SER A C   1 
ATOM   565  O O   . SER A 1 85  ? 0.356   -6.204  1.961   1.00 22.94  ? 85  SER A O   1 
ATOM   566  C CB  . SER A 1 85  ? -1.864  -7.950  3.749   1.00 22.82  ? 85  SER A CB  1 
ATOM   567  O OG  . SER A 1 85  ? -2.566  -6.753  3.415   1.00 22.22  ? 85  SER A OG  1 
ATOM   568  N N   . GLU A 1 86  ? -0.069  -8.293  1.257   1.00 22.44  ? 86  GLU A N   1 
ATOM   569  C CA  . GLU A 1 86  ? -0.060  -7.925  -0.160  1.00 23.04  ? 86  GLU A CA  1 
ATOM   570  C C   . GLU A 1 86  ? -1.243  -6.978  -0.447  1.00 22.84  ? 86  GLU A C   1 
ATOM   571  O O   . GLU A 1 86  ? -2.372  -7.333  -0.154  1.00 23.26  ? 86  GLU A O   1 
ATOM   572  C CB  . GLU A 1 86  ? -0.193  -9.172  -1.048  1.00 23.26  ? 86  GLU A CB  1 
ATOM   573  C CG  . GLU A 1 86  ? 1.020   -10.114 -1.031  1.00 25.02  ? 86  GLU A CG  1 
ATOM   574  C CD  . GLU A 1 86  ? 2.210   -9.603  -1.854  1.00 27.61  ? 86  GLU A CD  1 
ATOM   575  O OE1 . GLU A 1 86  ? 2.085   -8.552  -2.533  1.00 29.11  ? 86  GLU A OE1 1 
ATOM   576  O OE2 . GLU A 1 86  ? 3.269   -10.291 -1.837  1.00 29.10  ? 86  GLU A OE2 1 
ATOM   577  N N   . PRO A 1 87  ? -0.991  -5.779  -1.029  1.00 23.25  ? 87  PRO A N   1 
ATOM   578  C CA  . PRO A 1 87  ? -2.129  -4.903  -1.396  1.00 22.85  ? 87  PRO A CA  1 
ATOM   579  C C   . PRO A 1 87  ? -3.071  -5.614  -2.362  1.00 23.48  ? 87  PRO A C   1 
ATOM   580  O O   . PRO A 1 87  ? -2.610  -6.292  -3.284  1.00 23.78  ? 87  PRO A O   1 
ATOM   581  C CB  . PRO A 1 87  ? -1.452  -3.701  -2.065  1.00 23.21  ? 87  PRO A CB  1 
ATOM   582  C CG  . PRO A 1 87  ? -0.073  -3.666  -1.429  1.00 23.42  ? 87  PRO A CG  1 
ATOM   583  C CD  . PRO A 1 87  ? 0.304   -5.139  -1.336  1.00 23.03  ? 87  PRO A CD  1 
ATOM   584  N N   . ILE A 1 88  ? -4.377  -5.494  -2.134  1.00 23.68  ? 88  ILE A N   1 
ATOM   585  C CA  . ILE A 1 88  ? -5.340  -6.192  -2.983  1.00 24.70  ? 88  ILE A CA  1 
ATOM   586  C C   . ILE A 1 88  ? -6.388  -5.240  -3.542  1.00 23.68  ? 88  ILE A C   1 
ATOM   587  O O   . ILE A 1 88  ? -6.841  -4.337  -2.856  1.00 23.47  ? 88  ILE A O   1 
ATOM   588  C CB  . ILE A 1 88  ? -5.963  -7.424  -2.264  1.00 25.60  ? 88  ILE A CB  1 
ATOM   589  C CG1 . ILE A 1 88  ? -6.850  -8.254  -3.206  1.00 27.72  ? 88  ILE A CG1 1 
ATOM   590  C CG2 . ILE A 1 88  ? -6.706  -7.017  -1.023  1.00 26.27  ? 88  ILE A CG2 1 
ATOM   591  C CD1 . ILE A 1 88  ? -6.100  -8.969  -4.281  1.00 31.30  ? 88  ILE A CD1 1 
ATOM   592  N N   . GLY A 1 89  ? -6.726  -5.437  -4.809  1.00 23.98  ? 89  GLY A N   1 
ATOM   593  C CA  . GLY A 1 89  ? -7.699  -4.586  -5.481  1.00 23.68  ? 89  GLY A CA  1 
ATOM   594  C C   . GLY A 1 89  ? -9.098  -4.936  -5.039  1.00 23.73  ? 89  GLY A C   1 
ATOM   595  O O   . GLY A 1 89  ? -9.484  -6.102  -5.031  1.00 24.17  ? 89  GLY A O   1 
ATOM   596  N N   . VAL A 1 90  ? -9.870  -3.913  -4.689  1.00 23.96  ? 90  VAL A N   1 
ATOM   597  C CA  . VAL A 1 90  ? -11.270 -4.071  -4.338  1.00 23.78  ? 90  VAL A CA  1 
ATOM   598  C C   . VAL A 1 90  ? -12.085 -3.016  -5.102  1.00 24.43  ? 90  VAL A C   1 
ATOM   599  O O   . VAL A 1 90  ? -11.536 -2.226  -5.876  1.00 23.76  ? 90  VAL A O   1 
ATOM   600  C CB  . VAL A 1 90  ? -11.520 -3.948  -2.791  1.00 24.29  ? 90  VAL A CB  1 
ATOM   601  C CG1 . VAL A 1 90  ? -10.802 -5.052  -2.016  1.00 23.76  ? 90  VAL A CG1 1 
ATOM   602  C CG2 . VAL A 1 90  ? -11.093 -2.563  -2.262  1.00 23.06  ? 90  VAL A CG2 1 
ATOM   603  N N   . SER A 1 91  ? -13.391 -3.009  -4.885  1.00 25.25  ? 91  SER A N   1 
ATOM   604  C CA  . SER A 1 91  ? -14.252 -1.979  -5.457  1.00 26.26  ? 91  SER A CA  1 
ATOM   605  C C   . SER A 1 91  ? -15.182 -1.446  -4.364  1.00 26.16  ? 91  SER A C   1 
ATOM   606  O O   . SER A 1 91  ? -15.798 -2.220  -3.628  1.00 25.44  ? 91  SER A O   1 
ATOM   607  C CB  . SER A 1 91  ? -15.033 -2.555  -6.644  1.00 26.62  ? 91  SER A CB  1 
ATOM   608  O OG  . SER A 1 91  ? -16.218 -1.820  -6.878  1.00 30.03  ? 91  SER A OG  1 
ATOM   609  N N   . VAL A 1 92  ? -15.259 -0.121  -4.229  1.00 25.96  ? 92  VAL A N   1 
ATOM   610  C CA  . VAL A 1 92  ? -16.094 0.476   -3.190  1.00 26.88  ? 92  VAL A CA  1 
ATOM   611  C C   . VAL A 1 92  ? -17.063 1.422   -3.886  1.00 28.50  ? 92  VAL A C   1 
ATOM   612  O O   . VAL A 1 92  ? -16.631 2.376   -4.529  1.00 28.80  ? 92  VAL A O   1 
ATOM   613  C CB  . VAL A 1 92  ? -15.258 1.248   -2.115  1.00 26.31  ? 92  VAL A CB  1 
ATOM   614  C CG1 . VAL A 1 92  ? -16.171 1.868   -1.050  1.00 25.29  ? 92  VAL A CG1 1 
ATOM   615  C CG2 . VAL A 1 92  ? -14.242 0.329   -1.452  1.00 25.26  ? 92  VAL A CG2 1 
ATOM   616  N N   . ASP A 1 93  ? -18.360 1.119   -3.804  1.00 30.11  ? 93  ASP A N   1 
ATOM   617  C CA  . ASP A 1 93  ? -19.387 1.970   -4.402  1.00 31.69  ? 93  ASP A CA  1 
ATOM   618  C C   . ASP A 1 93  ? -19.029 2.295   -5.862  1.00 31.66  ? 93  ASP A C   1 
ATOM   619  O O   . ASP A 1 93  ? -19.191 3.430   -6.310  1.00 32.40  ? 93  ASP A O   1 
ATOM   620  C CB  . ASP A 1 93  ? -19.560 3.265   -3.576  1.00 31.94  ? 93  ASP A CB  1 
ATOM   621  C CG  . ASP A 1 93  ? -20.330 3.044   -2.263  1.00 34.34  ? 93  ASP A CG  1 
ATOM   622  O OD1 . ASP A 1 93  ? -21.398 2.395   -2.303  1.00 35.82  ? 93  ASP A OD1 1 
ATOM   623  O OD2 . ASP A 1 93  ? -19.874 3.532   -1.190  1.00 36.42  ? 93  ASP A OD2 1 
ATOM   624  N N   . GLY A 1 94  ? -18.496 1.302   -6.574  1.00 31.51  ? 94  GLY A N   1 
ATOM   625  C CA  . GLY A 1 94  ? -18.144 1.443   -7.990  1.00 30.60  ? 94  GLY A CA  1 
ATOM   626  C C   . GLY A 1 94  ? -16.818 2.111   -8.343  1.00 30.11  ? 94  GLY A C   1 
ATOM   627  O O   . GLY A 1 94  ? -16.510 2.253   -9.523  1.00 30.56  ? 94  GLY A O   1 
ATOM   628  N N   . TYR A 1 95  ? -16.051 2.538   -7.336  1.00 29.20  ? 95  TYR A N   1 
ATOM   629  C CA  . TYR A 1 95  ? -14.700 3.088   -7.536  1.00 28.78  ? 95  TYR A CA  1 
ATOM   630  C C   . TYR A 1 95  ? -13.621 2.035   -7.275  1.00 26.92  ? 95  TYR A C   1 
ATOM   631  O O   . TYR A 1 95  ? -13.792 1.201   -6.383  1.00 25.22  ? 95  TYR A O   1 
ATOM   632  C CB  . TYR A 1 95  ? -14.466 4.267   -6.587  1.00 30.58  ? 95  TYR A CB  1 
ATOM   633  C CG  . TYR A 1 95  ? -15.401 5.417   -6.828  1.00 33.06  ? 95  TYR A CG  1 
ATOM   634  C CD1 . TYR A 1 95  ? -15.160 6.325   -7.860  1.00 36.02  ? 95  TYR A CD1 1 
ATOM   635  C CD2 . TYR A 1 95  ? -16.528 5.592   -6.038  1.00 34.57  ? 95  TYR A CD2 1 
ATOM   636  C CE1 . TYR A 1 95  ? -16.029 7.372   -8.100  1.00 37.39  ? 95  TYR A CE1 1 
ATOM   637  C CE2 . TYR A 1 95  ? -17.400 6.637   -6.263  1.00 37.34  ? 95  TYR A CE2 1 
ATOM   638  C CZ  . TYR A 1 95  ? -17.144 7.529   -7.292  1.00 36.64  ? 95  TYR A CZ  1 
ATOM   639  O OH  . TYR A 1 95  ? -18.012 8.583   -7.512  1.00 37.74  ? 95  TYR A OH  1 
ATOM   640  N N   . PRO A 1 96  ? -12.501 2.082   -8.033  1.00 26.03  ? 96  PRO A N   1 
ATOM   641  C CA  . PRO A 1 96  ? -11.395 1.163   -7.700  1.00 24.77  ? 96  PRO A CA  1 
ATOM   642  C C   . PRO A 1 96  ? -10.819 1.462   -6.325  1.00 23.58  ? 96  PRO A C   1 
ATOM   643  O O   . PRO A 1 96  ? -10.633 2.620   -5.979  1.00 22.75  ? 96  PRO A O   1 
ATOM   644  C CB  . PRO A 1 96  ? -10.346 1.437   -8.791  1.00 25.08  ? 96  PRO A CB  1 
ATOM   645  C CG  . PRO A 1 96  ? -10.716 2.771   -9.378  1.00 25.88  ? 96  PRO A CG  1 
ATOM   646  C CD  . PRO A 1 96  ? -12.192 2.929   -9.205  1.00 25.96  ? 96  PRO A CD  1 
ATOM   647  N N   . GLY A 1 97  ? -10.520 0.410   -5.566  1.00 22.44  ? 97  GLY A N   1 
ATOM   648  C CA  . GLY A 1 97  ? -9.949  0.549   -4.243  1.00 21.76  ? 97  GLY A CA  1 
ATOM   649  C C   . GLY A 1 97  ? -8.788  -0.395  -3.982  1.00 20.83  ? 97  GLY A C   1 
ATOM   650  O O   . GLY A 1 97  ? -8.498  -1.284  -4.790  1.00 20.65  ? 97  GLY A O   1 
ATOM   651  N N   . ILE A 1 98  ? -8.144  -0.212  -2.831  1.00 19.91  ? 98  ILE A N   1 
ATOM   652  C CA  . ILE A 1 98  ? -7.033  -1.052  -2.413  1.00 18.81  ? 98  ILE A CA  1 
ATOM   653  C C   . ILE A 1 98  ? -7.163  -1.303  -0.902  1.00 18.83  ? 98  ILE A C   1 
ATOM   654  O O   . ILE A 1 98  ? -7.467  -0.388  -0.144  1.00 18.38  ? 98  ILE A O   1 
ATOM   655  C CB  . ILE A 1 98  ? -5.669  -0.362  -2.729  1.00 19.01  ? 98  ILE A CB  1 
ATOM   656  C CG1 . ILE A 1 98  ? -5.378  -0.394  -4.233  1.00 18.85  ? 98  ILE A CG1 1 
ATOM   657  C CG2 . ILE A 1 98  ? -4.514  -0.987  -1.917  1.00 18.82  ? 98  ILE A CG2 1 
ATOM   658  C CD1 . ILE A 1 98  ? -4.853  -1.758  -4.721  1.00 17.76  ? 98  ILE A CD1 1 
ATOM   659  N N   . ALA A 1 99  ? -6.965  -2.548  -0.489  1.00 17.68  ? 99  ALA A N   1 
ATOM   660  C CA  . ALA A 1 99  ? -6.945  -2.887  0.915   1.00 17.76  ? 99  ALA A CA  1 
ATOM   661  C C   . ALA A 1 99  ? -5.537  -3.350  1.270   1.00 16.98  ? 99  ALA A C   1 
ATOM   662  O O   . ALA A 1 99  ? -4.917  -4.122  0.512   1.00 16.37  ? 99  ALA A O   1 
ATOM   663  C CB  . ALA A 1 99  ? -7.976  -3.990  1.237   1.00 18.03  ? 99  ALA A CB  1 
ATOM   664  N N   . ILE A 1 100 ? -5.034  -2.824  2.384   1.00 16.83  ? 100 ILE A N   1 
ATOM   665  C CA  . ILE A 1 100 ? -3.760  -3.249  2.963   1.00 16.74  ? 100 ILE A CA  1 
ATOM   666  C C   . ILE A 1 100 ? -3.941  -3.504  4.463   1.00 16.89  ? 100 ILE A C   1 
ATOM   667  O O   . ILE A 1 100 ? -4.408  -2.637  5.211   1.00 17.35  ? 100 ILE A O   1 
ATOM   668  C CB  . ILE A 1 100 ? -2.620  -2.200  2.737   1.00 16.28  ? 100 ILE A CB  1 
ATOM   669  C CG1 . ILE A 1 100 ? -2.494  -1.822  1.254   1.00 16.39  ? 100 ILE A CG1 1 
ATOM   670  C CG2 . ILE A 1 100 ? -1.294  -2.710  3.327   1.00 16.75  ? 100 ILE A CG2 1 
ATOM   671  C CD1 . ILE A 1 100 ? -1.435  -0.721  0.955   1.00 17.15  ? 100 ILE A CD1 1 
ATOM   672  N N   . VAL A 1 101 ? -3.553  -4.695  4.905   1.00 17.15  ? 101 VAL A N   1 
ATOM   673  C CA  . VAL A 1 101 ? -3.559  -5.039  6.322   1.00 17.86  ? 101 VAL A CA  1 
ATOM   674  C C   . VAL A 1 101 ? -2.250  -4.530  6.898   1.00 19.11  ? 101 VAL A C   1 
ATOM   675  O O   . VAL A 1 101 ? -1.168  -4.777  6.324   1.00 18.45  ? 101 VAL A O   1 
ATOM   676  C CB  . VAL A 1 101 ? -3.639  -6.569  6.552   1.00 18.51  ? 101 VAL A CB  1 
ATOM   677  C CG1 . VAL A 1 101 ? -3.587  -6.927  8.054   1.00 18.79  ? 101 VAL A CG1 1 
ATOM   678  C CG2 . VAL A 1 101 ? -4.863  -7.157  5.888   1.00 17.90  ? 101 VAL A CG2 1 
ATOM   679  N N   . VAL A 1 102 ? -2.346  -3.820  8.015   1.00 18.42  ? 102 VAL A N   1 
ATOM   680  C CA  . VAL A 1 102 ? -1.163  -3.381  8.766   1.00 19.29  ? 102 VAL A CA  1 
ATOM   681  C C   . VAL A 1 102 ? -1.040  -4.245  10.027  1.00 20.41  ? 102 VAL A C   1 
ATOM   682  O O   . VAL A 1 102 ? -1.929  -4.258  10.882  1.00 19.56  ? 102 VAL A O   1 
ATOM   683  C CB  . VAL A 1 102 ? -1.247  -1.895  9.169   1.00 19.68  ? 102 VAL A CB  1 
ATOM   684  C CG1 . VAL A 1 102 ? 0.015   -1.474  9.903   1.00 18.39  ? 102 VAL A CG1 1 
ATOM   685  C CG2 . VAL A 1 102 ? -1.467  -1.019  7.937   1.00 19.51  ? 102 VAL A CG2 1 
ATOM   686  N N   . LYS A 1 103 ? 0.076   -4.964  10.121  1.00 21.33  ? 103 LYS A N   1 
ATOM   687  C CA  . LYS A 1 103 ? 0.292   -5.936  11.170  1.00 22.92  ? 103 LYS A CA  1 
ATOM   688  C C   . LYS A 1 103 ? 0.828   -5.257  12.400  1.00 24.25  ? 103 LYS A C   1 
ATOM   689  O O   . LYS A 1 103 ? 1.655   -4.359  12.296  1.00 23.52  ? 103 LYS A O   1 
ATOM   690  C CB  . LYS A 1 103 ? 1.234   -7.044  10.673  1.00 23.26  ? 103 LYS A CB  1 
ATOM   691  C CG  . LYS A 1 103 ? 0.559   -7.910  9.619   1.00 25.28  ? 103 LYS A CG  1 
ATOM   692  C CD  . LYS A 1 103 ? 1.503   -8.411  8.539   1.00 27.81  ? 103 LYS A CD  1 
ATOM   693  C CE  . LYS A 1 103 ? 0.763   -9.369  7.619   1.00 31.16  ? 103 LYS A CE  1 
ATOM   694  N NZ  . LYS A 1 103 ? 1.577   -9.883  6.479   1.00 28.56  ? 103 LYS A NZ  1 
ATOM   695  N N   . ASN A 1 104 ? 0.345   -5.694  13.562  1.00 26.12  ? 104 ASN A N   1 
ATOM   696  C CA  . ASN A 1 104 ? 0.641   -5.069  14.863  1.00 27.75  ? 104 ASN A CA  1 
ATOM   697  C C   . ASN A 1 104 ? 0.763   -3.539  14.801  1.00 28.00  ? 104 ASN A C   1 
ATOM   698  O O   . ASN A 1 104 ? 1.842   -2.999  15.068  1.00 28.56  ? 104 ASN A O   1 
ATOM   699  C CB  . ASN A 1 104 ? 1.875   -5.719  15.542  1.00 28.88  ? 104 ASN A CB  1 
ATOM   700  C CG  . ASN A 1 104 ? 2.152   -5.146  16.954  1.00 31.81  ? 104 ASN A CG  1 
ATOM   701  O OD1 . ASN A 1 104 ? 1.236   -4.996  17.771  1.00 36.39  ? 104 ASN A OD1 1 
ATOM   702  N ND2 . ASN A 1 104 ? 3.413   -4.810  17.224  1.00 33.66  ? 104 ASN A ND2 1 
ATOM   703  N N   . PRO A 1 105 ? -0.344  -2.835  14.450  1.00 27.75  ? 105 PRO A N   1 
ATOM   704  C CA  . PRO A 1 105 ? -0.313  -1.385  14.280  1.00 27.55  ? 105 PRO A CA  1 
ATOM   705  C C   . PRO A 1 105 ? -0.187  -0.658  15.611  1.00 28.11  ? 105 PRO A C   1 
ATOM   706  O O   . PRO A 1 105 ? -0.472  -1.244  16.660  1.00 27.96  ? 105 PRO A O   1 
ATOM   707  C CB  . PRO A 1 105 ? -1.683  -1.080  13.659  1.00 27.82  ? 105 PRO A CB  1 
ATOM   708  C CG  . PRO A 1 105 ? -2.566  -2.169  14.203  1.00 27.16  ? 105 PRO A CG  1 
ATOM   709  C CD  . PRO A 1 105 ? -1.696  -3.378  14.203  1.00 27.69  ? 105 PRO A CD  1 
ATOM   710  N N   . PRO A 1 106 ? 0.225   0.621   15.579  1.00 28.63  ? 106 PRO A N   1 
ATOM   711  C CA  . PRO A 1 106 ? 0.138   1.390   16.824  1.00 29.32  ? 106 PRO A CA  1 
ATOM   712  C C   . PRO A 1 106 ? -1.318  1.794   16.948  1.00 29.52  ? 106 PRO A C   1 
ATOM   713  O O   . PRO A 1 106 ? -2.114  1.488   16.051  1.00 29.53  ? 106 PRO A O   1 
ATOM   714  C CB  . PRO A 1 106 ? 1.006   2.613   16.542  1.00 29.30  ? 106 PRO A CB  1 
ATOM   715  C CG  . PRO A 1 106 ? 0.877   2.813   15.053  1.00 29.97  ? 106 PRO A CG  1 
ATOM   716  C CD  . PRO A 1 106 ? 0.723   1.432   14.448  1.00 28.47  ? 106 PRO A CD  1 
ATOM   717  N N   . GLU A 1 107 ? -1.699  2.479   18.015  1.00 30.51  ? 107 GLU A N   1 
ATOM   718  C CA  . GLU A 1 107 ? -3.050  3.011   17.995  1.00 30.91  ? 107 GLU A CA  1 
ATOM   719  C C   . GLU A 1 107 ? -3.123  4.230   17.064  1.00 30.52  ? 107 GLU A C   1 
ATOM   720  O O   . GLU A 1 107 ? -2.107  4.886   16.767  1.00 31.20  ? 107 GLU A O   1 
ATOM   721  C CB  . GLU A 1 107 ? -3.626  3.235   19.402  1.00 31.93  ? 107 GLU A CB  1 
ATOM   722  C CG  . GLU A 1 107 ? -5.036  3.867   19.467  1.00 34.72  ? 107 GLU A CG  1 
ATOM   723  C CD  . GLU A 1 107 ? -6.136  3.215   18.591  1.00 38.68  ? 107 GLU A CD  1 
ATOM   724  O OE1 . GLU A 1 107 ? -5.897  2.255   17.814  1.00 39.05  ? 107 GLU A OE1 1 
ATOM   725  O OE2 . GLU A 1 107 ? -7.283  3.695   18.689  1.00 41.34  ? 107 GLU A OE2 1 
ATOM   726  N N   . PHE A 1 108 ? -4.319  4.466   16.545  1.00 29.40  ? 108 PHE A N   1 
ATOM   727  C CA  . PHE A 1 108 ? -4.539  5.461   15.512  1.00 28.39  ? 108 PHE A CA  1 
ATOM   728  C C   . PHE A 1 108 ? -5.940  6.044   15.637  1.00 27.75  ? 108 PHE A C   1 
ATOM   729  O O   . PHE A 1 108 ? -6.812  5.489   16.329  1.00 27.16  ? 108 PHE A O   1 
ATOM   730  C CB  . PHE A 1 108 ? -4.359  4.826   14.117  1.00 28.11  ? 108 PHE A CB  1 
ATOM   731  C CG  . PHE A 1 108 ? -5.253  3.641   13.866  1.00 27.57  ? 108 PHE A CG  1 
ATOM   732  C CD1 . PHE A 1 108 ? -6.530  3.812   13.336  1.00 27.31  ? 108 PHE A CD1 1 
ATOM   733  C CD2 . PHE A 1 108 ? -4.817  2.346   14.160  1.00 27.85  ? 108 PHE A CD2 1 
ATOM   734  C CE1 . PHE A 1 108 ? -7.373  2.712   13.120  1.00 26.84  ? 108 PHE A CE1 1 
ATOM   735  C CE2 . PHE A 1 108 ? -5.645  1.243   13.942  1.00 28.40  ? 108 PHE A CE2 1 
ATOM   736  C CZ  . PHE A 1 108 ? -6.925  1.422   13.422  1.00 28.39  ? 108 PHE A CZ  1 
ATOM   737  N N   . LYS A 1 109 ? -6.144  7.149   14.932  1.00 26.91  ? 109 LYS A N   1 
ATOM   738  C CA  . LYS A 1 109 ? -7.449  7.754   14.805  1.00 27.07  ? 109 LYS A CA  1 
ATOM   739  C C   . LYS A 1 109 ? -7.867  7.623   13.355  1.00 26.15  ? 109 LYS A C   1 
ATOM   740  O O   . LYS A 1 109 ? -7.264  8.243   12.476  1.00 25.06  ? 109 LYS A O   1 
ATOM   741  C CB  . LYS A 1 109 ? -7.393  9.230   15.228  1.00 27.84  ? 109 LYS A CB  1 
ATOM   742  C CG  . LYS A 1 109 ? -6.698  9.475   16.569  1.00 30.85  ? 109 LYS A CG  1 
ATOM   743  C CD  . LYS A 1 109 ? -7.432  8.804   17.728  1.00 37.41  ? 109 LYS A CD  1 
ATOM   744  C CE  . LYS A 1 109 ? -8.858  9.355   17.897  1.00 39.99  ? 109 LYS A CE  1 
ATOM   745  N NZ  . LYS A 1 109 ? -9.813  8.287   18.320  1.00 42.76  ? 109 LYS A NZ  1 
ATOM   746  N N   . SER A 1 110 ? -8.895  6.812   13.112  1.00 25.49  ? 110 SER A N   1 
ATOM   747  C CA  . SER A 1 110 ? -9.338  6.509   11.759  1.00 25.37  ? 110 SER A CA  1 
ATOM   748  C C   . SER A 1 110 ? -9.677  7.768   10.973  1.00 24.53  ? 110 SER A C   1 
ATOM   749  O O   . SER A 1 110 ? -9.303  7.879   9.831   1.00 23.67  ? 110 SER A O   1 
ATOM   750  C CB  . SER A 1 110 ? -10.552 5.564   11.773  1.00 26.05  ? 110 SER A CB  1 
ATOM   751  O OG  . SER A 1 110 ? -10.214 4.325   12.375  1.00 30.67  ? 110 SER A OG  1 
ATOM   752  N N   . ILE A 1 111 ? -10.374 8.721   11.596  1.00 23.95  ? 111 ILE A N   1 
ATOM   753  C CA  . ILE A 1 111 ? -10.807 9.917   10.874  1.00 24.02  ? 111 ILE A CA  1 
ATOM   754  C C   . ILE A 1 111 ? -9.599  10.736  10.392  1.00 23.32  ? 111 ILE A C   1 
ATOM   755  O O   . ILE A 1 111 ? -9.606  11.272  9.286   1.00 21.74  ? 111 ILE A O   1 
ATOM   756  C CB  . ILE A 1 111 ? -11.813 10.787  11.709  1.00 23.92  ? 111 ILE A CB  1 
ATOM   757  C CG1 . ILE A 1 111 ? -12.503 11.821  10.807  1.00 26.49  ? 111 ILE A CG1 1 
ATOM   758  C CG2 . ILE A 1 111 ? -11.122 11.429  12.900  1.00 25.92  ? 111 ILE A CG2 1 
ATOM   759  C CD1 . ILE A 1 111 ? -13.876 12.270  11.312  1.00 28.61  ? 111 ILE A CD1 1 
ATOM   760  N N   . GLU A 1 112 ? -8.555  10.785  11.216  1.00 22.76  ? 112 GLU A N   1 
ATOM   761  C CA  . GLU A 1 112 ? -7.323  11.483  10.855  1.00 23.28  ? 112 GLU A CA  1 
ATOM   762  C C   . GLU A 1 112 ? -6.643  10.814  9.668   1.00 22.72  ? 112 GLU A C   1 
ATOM   763  O O   . GLU A 1 112 ? -6.211  11.473  8.718   1.00 21.90  ? 112 GLU A O   1 
ATOM   764  C CB  . GLU A 1 112 ? -6.385  11.563  12.068  1.00 24.18  ? 112 GLU A CB  1 
ATOM   765  C CG  . GLU A 1 112 ? -6.992  12.307  13.255  1.00 28.11  ? 112 GLU A CG  1 
ATOM   766  C CD  . GLU A 1 112 ? -5.972  12.706  14.303  1.00 32.61  ? 112 GLU A CD  1 
ATOM   767  O OE1 . GLU A 1 112 ? -4.776  12.382  14.135  1.00 34.42  ? 112 GLU A OE1 1 
ATOM   768  O OE2 . GLU A 1 112 ? -6.371  13.349  15.303  1.00 34.99  ? 112 GLU A OE2 1 
ATOM   769  N N   . LEU A 1 113 ? -6.585  9.484   9.692   1.00 21.55  ? 113 LEU A N   1 
ATOM   770  C CA  . LEU A 1 113 ? -5.958  8.759   8.593   1.00 20.73  ? 113 LEU A CA  1 
ATOM   771  C C   . LEU A 1 113 ? -6.769  8.892   7.301   1.00 20.50  ? 113 LEU A C   1 
ATOM   772  O O   . LEU A 1 113 ? -6.200  8.996   6.217   1.00 19.79  ? 113 LEU A O   1 
ATOM   773  C CB  . LEU A 1 113 ? -5.757  7.291   8.976   1.00 20.39  ? 113 LEU A CB  1 
ATOM   774  C CG  . LEU A 1 113 ? -4.811  7.038   10.162  1.00 20.45  ? 113 LEU A CG  1 
ATOM   775  C CD1 . LEU A 1 113 ? -4.737  5.555   10.466  1.00 20.68  ? 113 LEU A CD1 1 
ATOM   776  C CD2 . LEU A 1 113 ? -3.420  7.575   9.898   1.00 21.03  ? 113 LEU A CD2 1 
ATOM   777  N N   . ARG A 1 114 ? -8.099  8.903   7.429   1.00 20.18  ? 114 ARG A N   1 
ATOM   778  C CA  . ARG A 1 114 ? -8.948  9.095   6.273   1.00 20.85  ? 114 ARG A CA  1 
ATOM   779  C C   . ARG A 1 114 ? -8.631  10.436  5.608   1.00 20.98  ? 114 ARG A C   1 
ATOM   780  O O   . ARG A 1 114 ? -8.509  10.510  4.400   1.00 19.66  ? 114 ARG A O   1 
ATOM   781  C CB  . ARG A 1 114 ? -10.421 9.067   6.662   1.00 20.93  ? 114 ARG A CB  1 
ATOM   782  C CG  . ARG A 1 114 ? -11.332 9.293   5.462   1.00 22.48  ? 114 ARG A CG  1 
ATOM   783  C CD  . ARG A 1 114 ? -12.743 9.562   5.860   1.00 27.57  ? 114 ARG A CD  1 
ATOM   784  N NE  . ARG A 1 114 ? -12.948 10.650  6.829   1.00 33.42  ? 114 ARG A NE  1 
ATOM   785  C CZ  . ARG A 1 114 ? -13.087 11.933  6.523   1.00 33.90  ? 114 ARG A CZ  1 
ATOM   786  N NH1 . ARG A 1 114 ? -12.975 12.327  5.266   1.00 39.13  ? 114 ARG A NH1 1 
ATOM   787  N NH2 . ARG A 1 114 ? -13.312 12.832  7.479   1.00 30.24  ? 114 ARG A NH2 1 
ATOM   788  N N   . ASP A 1 115 ? -8.526  11.483  6.419   1.00 21.49  ? 115 ASP A N   1 
ATOM   789  C CA  . ASP A 1 115 ? -8.254  12.840  5.926   1.00 21.76  ? 115 ASP A CA  1 
ATOM   790  C C   . ASP A 1 115 ? -6.901  12.896  5.215   1.00 21.37  ? 115 ASP A C   1 
ATOM   791  O O   . ASP A 1 115 ? -6.771  13.534  4.157   1.00 21.16  ? 115 ASP A O   1 
ATOM   792  C CB  . ASP A 1 115 ? -8.300  13.839  7.086   1.00 22.58  ? 115 ASP A CB  1 
ATOM   793  C CG  . ASP A 1 115 ? -9.706  14.023  7.651   1.00 24.44  ? 115 ASP A CG  1 
ATOM   794  O OD1 . ASP A 1 115 ? -10.688 13.642  6.970   1.00 23.79  ? 115 ASP A OD1 1 
ATOM   795  O OD2 . ASP A 1 115 ? -9.832  14.558  8.780   1.00 28.02  ? 115 ASP A OD2 1 
ATOM   796  N N   . GLU A 1 116 ? -5.903  12.215  5.783   1.00 21.10  ? 116 GLU A N   1 
ATOM   797  C CA  . GLU A 1 116 ? -4.592  12.088  5.121   1.00 21.37  ? 116 GLU A CA  1 
ATOM   798  C C   . GLU A 1 116 ? -4.715  11.322  3.813   1.00 20.37  ? 116 GLU A C   1 
ATOM   799  O O   . GLU A 1 116 ? -4.063  11.679  2.832   1.00 20.73  ? 116 GLU A O   1 
ATOM   800  C CB  . GLU A 1 116 ? -3.540  11.441  6.041   1.00 21.99  ? 116 GLU A CB  1 
ATOM   801  C CG  . GLU A 1 116 ? -3.083  12.311  7.219   1.00 24.49  ? 116 GLU A CG  1 
ATOM   802  C CD  . GLU A 1 116 ? -2.685  13.727  6.808   1.00 29.76  ? 116 GLU A CD  1 
ATOM   803  O OE1 . GLU A 1 116 ? -1.794  13.874  5.944   1.00 32.86  ? 116 GLU A OE1 1 
ATOM   804  O OE2 . GLU A 1 116 ? -3.293  14.688  7.332   1.00 33.20  ? 116 GLU A OE2 1 
ATOM   805  N N   . ALA A 1 117 ? -5.569  10.293  3.761   1.00 19.68  ? 117 ALA A N   1 
ATOM   806  C CA  . ALA A 1 117 ? -5.729  9.533   2.497   1.00 19.52  ? 117 ALA A CA  1 
ATOM   807  C C   . ALA A 1 117 ? -6.358  10.399  1.397   1.00 19.91  ? 117 ALA A C   1 
ATOM   808  O O   . ALA A 1 117 ? -5.940  10.357  0.252   1.00 19.19  ? 117 ALA A O   1 
ATOM   809  C CB  . ALA A 1 117 ? -6.564  8.273   2.710   1.00 19.48  ? 117 ALA A CB  1 
ATOM   810  N N   . ILE A 1 118 ? -7.372  11.178  1.766   1.00 20.87  ? 118 ILE A N   1 
ATOM   811  C CA  . ILE A 1 118 ? -8.026  12.085  0.814   1.00 22.45  ? 118 ILE A CA  1 
ATOM   812  C C   . ILE A 1 118 ? -7.052  13.182  0.310   1.00 23.23  ? 118 ILE A C   1 
ATOM   813  O O   . ILE A 1 118 ? -7.087  13.552  -0.880  1.00 23.84  ? 118 ILE A O   1 
ATOM   814  C CB  . ILE A 1 118 ? -9.365  12.638  1.381   1.00 22.87  ? 118 ILE A CB  1 
ATOM   815  C CG1 . ILE A 1 118 ? -10.384 11.487  1.532   1.00 22.82  ? 118 ILE A CG1 1 
ATOM   816  C CG2 . ILE A 1 118 ? -9.964  13.692  0.441   1.00 23.85  ? 118 ILE A CG2 1 
ATOM   817  C CD1 . ILE A 1 118 ? -11.599 11.830  2.368   1.00 22.96  ? 118 ILE A CD1 1 
ATOM   818  N N   . LYS A 1 119 ? -6.176  13.666  1.192   1.00 24.22  ? 119 LYS A N   1 
ATOM   819  C CA  . LYS A 1 119 ? -5.079  14.576  0.789   1.00 25.86  ? 119 LYS A CA  1 
ATOM   820  C C   . LYS A 1 119 ? -4.172  13.953  -0.275  1.00 26.23  ? 119 LYS A C   1 
ATOM   821  O O   . LYS A 1 119 ? -3.660  14.655  -1.143  1.00 26.81  ? 119 LYS A O   1 
ATOM   822  C CB  . LYS A 1 119 ? -4.235  15.016  1.994   1.00 25.56  ? 119 LYS A CB  1 
ATOM   823  C CG  . LYS A 1 119 ? -4.884  16.045  2.880   1.00 27.30  ? 119 LYS A CG  1 
ATOM   824  C CD  . LYS A 1 119 ? -3.939  16.445  3.988   1.00 30.64  ? 119 LYS A CD  1 
ATOM   825  C CE  . LYS A 1 119 ? -4.658  17.241  5.044   1.00 31.29  ? 119 LYS A CE  1 
ATOM   826  N NZ  . LYS A 1 119 ? -3.702  17.710  6.083   1.00 33.75  ? 119 LYS A NZ  1 
ATOM   827  N N   . PHE A 1 120 ? -3.988  12.634  -0.199  1.00 26.26  ? 120 PHE A N   1 
ATOM   828  C CA  . PHE A 1 120 ? -3.235  11.845  -1.201  1.00 26.22  ? 120 PHE A CA  1 
ATOM   829  C C   . PHE A 1 120 ? -4.121  11.310  -2.330  1.00 26.19  ? 120 PHE A C   1 
ATOM   830  O O   . PHE A 1 120 ? -3.837  10.271  -2.933  1.00 27.03  ? 120 PHE A O   1 
ATOM   831  C CB  . PHE A 1 120 ? -2.486  10.703  -0.506  1.00 27.18  ? 120 PHE A CB  1 
ATOM   832  C CG  . PHE A 1 120 ? -0.976  10.792  -0.600  1.00 27.54  ? 120 PHE A CG  1 
ATOM   833  C CD1 . PHE A 1 120 ? -0.268  11.731  0.141   1.00 28.76  ? 120 PHE A CD1 1 
ATOM   834  C CD2 . PHE A 1 120 ? -0.268  9.899   -1.406  1.00 30.46  ? 120 PHE A CD2 1 
ATOM   835  C CE1 . PHE A 1 120 ? 1.123   11.795  0.069   1.00 30.24  ? 120 PHE A CE1 1 
ATOM   836  C CE2 . PHE A 1 120 ? 1.137   9.953   -1.484  1.00 29.47  ? 120 PHE A CE2 1 
ATOM   837  C CZ  . PHE A 1 120 ? 1.823   10.903  -0.750  1.00 28.33  ? 120 PHE A CZ  1 
ATOM   838  N N   . ASP A 1 121 ? -5.201  12.035  -2.607  1.00 26.15  ? 121 ASP A N   1 
ATOM   839  C CA  . ASP A 1 121 ? -6.052  11.837  -3.784  1.00 25.96  ? 121 ASP A CA  1 
ATOM   840  C C   . ASP A 1 121 ? -6.997  10.626  -3.747  1.00 24.37  ? 121 ASP A C   1 
ATOM   841  O O   . ASP A 1 121 ? -7.488  10.212  -4.776  1.00 24.39  ? 121 ASP A O   1 
ATOM   842  C CB  . ASP A 1 121 ? -5.225  11.884  -5.082  1.00 27.39  ? 121 ASP A CB  1 
ATOM   843  C CG  . ASP A 1 121 ? -4.621  13.269  -5.337  1.00 31.19  ? 121 ASP A CG  1 
ATOM   844  O OD1 . ASP A 1 121 ? -5.370  14.272  -5.288  1.00 36.63  ? 121 ASP A OD1 1 
ATOM   845  O OD2 . ASP A 1 121 ? -3.394  13.364  -5.546  1.00 36.26  ? 121 ASP A OD2 1 
ATOM   846  N N   . ALA A 1 122 ? -7.260  10.094  -2.555  1.00 22.93  ? 122 ALA A N   1 
ATOM   847  C CA  . ALA A 1 122 ? -8.337  9.110   -2.359  1.00 21.96  ? 122 ALA A CA  1 
ATOM   848  C C   . ALA A 1 122 ? -9.668  9.834   -2.446  1.00 21.78  ? 122 ALA A C   1 
ATOM   849  O O   . ALA A 1 122 ? -9.759  10.997  -2.053  1.00 21.29  ? 122 ALA A O   1 
ATOM   850  C CB  . ALA A 1 122 ? -8.200  8.437   -0.973  1.00 21.56  ? 122 ALA A CB  1 
ATOM   851  N N   . LYS A 1 123 ? -10.697 9.138   -2.927  1.00 21.70  ? 123 LYS A N   1 
ATOM   852  C CA  . LYS A 1 123 ? -12.078 9.642   -2.865  1.00 21.36  ? 123 LYS A CA  1 
ATOM   853  C C   . LYS A 1 123 ? -12.648 9.382   -1.484  1.00 20.59  ? 123 LYS A C   1 
ATOM   854  O O   . LYS A 1 123 ? -13.427 10.167  -0.971  1.00 19.98  ? 123 LYS A O   1 
ATOM   855  C CB  . LYS A 1 123 ? -12.939 9.002   -3.953  1.00 22.71  ? 123 LYS A CB  1 
ATOM   856  C CG  . LYS A 1 123 ? -14.420 9.337   -3.859  1.00 26.94  ? 123 LYS A CG  1 
ATOM   857  C CD  . LYS A 1 123 ? -15.117 8.990   -5.167  1.00 32.87  ? 123 LYS A CD  1 
ATOM   858  C CE  . LYS A 1 123 ? -14.902 10.060  -6.238  1.00 34.75  ? 123 LYS A CE  1 
ATOM   859  N NZ  . LYS A 1 123 ? -16.143 10.852  -6.546  1.00 38.49  ? 123 LYS A NZ  1 
ATOM   860  N N   . GLY A 1 124 ? -12.237 8.275   -0.870  1.00 19.13  ? 124 GLY A N   1 
ATOM   861  C CA  . GLY A 1 124 ? -12.633 7.970   0.494   1.00 18.09  ? 124 GLY A CA  1 
ATOM   862  C C   . GLY A 1 124 ? -11.695 6.941   1.110   1.00 17.28  ? 124 GLY A C   1 
ATOM   863  O O   . GLY A 1 124 ? -10.801 6.426   0.430   1.00 17.36  ? 124 GLY A O   1 
ATOM   864  N N   . ALA A 1 125 ? -11.866 6.680   2.396   1.00 16.64  ? 125 ALA A N   1 
ATOM   865  C CA  . ALA A 1 125 ? -11.101 5.602   3.049   1.00 17.08  ? 125 ALA A CA  1 
ATOM   866  C C   . ALA A 1 125 ? -11.795 5.108   4.311   1.00 17.30  ? 125 ALA A C   1 
ATOM   867  O O   . ALA A 1 125 ? -12.457 5.881   5.000   1.00 17.66  ? 125 ALA A O   1 
ATOM   868  C CB  . ALA A 1 125 ? -9.660  6.057   3.361   1.00 16.49  ? 125 ALA A CB  1 
ATOM   869  N N   . MET A 1 126 ? -11.603 3.823   4.619   1.00 17.11  ? 126 MET A N   1 
ATOM   870  C CA  . MET A 1 126 ? -11.962 3.253   5.900   1.00 16.51  ? 126 MET A CA  1 
ATOM   871  C C   . MET A 1 126 ? -10.677 2.737   6.521   1.00 16.98  ? 126 MET A C   1 
ATOM   872  O O   . MET A 1 126 ? -9.831  2.211   5.819   1.00 18.36  ? 126 MET A O   1 
ATOM   873  C CB  . MET A 1 126 ? -12.926 2.057   5.710   1.00 16.43  ? 126 MET A CB  1 
ATOM   874  C CG  . MET A 1 126 ? -14.336 2.420   5.291   1.00 19.71  ? 126 MET A CG  1 
ATOM   875  S SD  . MET A 1 126 ? -15.263 0.893   4.809   1.00 12.72  ? 126 MET A SD  1 
ATOM   876  C CE  . MET A 1 126 ? -14.925 0.783   3.091   1.00 18.95  ? 126 MET A CE  1 
ATOM   877  N N   . ILE A 1 127 ? -10.499 2.921   7.816   1.00 17.71  ? 127 ILE A N   1 
ATOM   878  C CA  . ILE A 1 127 ? -9.397  2.251   8.523   1.00 18.82  ? 127 ILE A CA  1 
ATOM   879  C C   . ILE A 1 127 ? -10.001 1.440   9.686   1.00 18.97  ? 127 ILE A C   1 
ATOM   880  O O   . ILE A 1 127 ? -10.490 1.995   10.684  1.00 19.16  ? 127 ILE A O   1 
ATOM   881  C CB  . ILE A 1 127 ? -8.263  3.201   9.021   1.00 19.48  ? 127 ILE A CB  1 
ATOM   882  C CG1 . ILE A 1 127 ? -7.648  4.010   7.868   1.00 19.20  ? 127 ILE A CG1 1 
ATOM   883  C CG2 . ILE A 1 127 ? -7.099  2.367   9.583   1.00 20.87  ? 127 ILE A CG2 1 
ATOM   884  C CD1 . ILE A 1 127 ? -8.482  5.204   7.362   1.00 19.85  ? 127 ILE A CD1 1 
ATOM   885  N N   . LEU A 1 128 ? -9.952  0.125   9.525   1.00 18.07  ? 128 LEU A N   1 
ATOM   886  C CA  . LEU A 1 128 ? -10.712 -0.797  10.371  1.00 18.69  ? 128 LEU A CA  1 
ATOM   887  C C   . LEU A 1 128 ? -9.743  -1.518  11.294  1.00 18.62  ? 128 LEU A C   1 
ATOM   888  O O   . LEU A 1 128 ? -8.535  -1.394  11.142  1.00 17.95  ? 128 LEU A O   1 
ATOM   889  C CB  . LEU A 1 128 ? -11.459 -1.807  9.496   1.00 18.87  ? 128 LEU A CB  1 
ATOM   890  C CG  . LEU A 1 128 ? -12.468 -1.259  8.467   1.00 22.29  ? 128 LEU A CG  1 
ATOM   891  C CD1 . LEU A 1 128 ? -11.972 -1.470  7.069   1.00 23.49  ? 128 LEU A CD1 1 
ATOM   892  C CD2 . LEU A 1 128 ? -13.822 -1.929  8.679   1.00 24.93  ? 128 LEU A CD2 1 
ATOM   893  N N   . THR A 1 129 ? -10.287 -2.286  12.231  1.00 18.94  ? 129 THR A N   1 
ATOM   894  C CA  . THR A 1 129 ? -9.478  -3.139  13.082  1.00 20.67  ? 129 THR A CA  1 
ATOM   895  C C   . THR A 1 129 ? -10.041 -4.571  13.001  1.00 21.30  ? 129 THR A C   1 
ATOM   896  O O   . THR A 1 129 ? -11.039 -4.823  12.295  1.00 20.42  ? 129 THR A O   1 
ATOM   897  C CB  . THR A 1 129 ? -9.376  -2.582  14.523  1.00 19.86  ? 129 THR A CB  1 
ATOM   898  O OG1 . THR A 1 129 ? -8.389  -3.302  15.264  1.00 23.04  ? 129 THR A OG1 1 
ATOM   899  C CG2 . THR A 1 129 ? -10.716 -2.622  15.261  1.00 19.52  ? 129 THR A CG2 1 
ATOM   900  N N   . VAL A 1 130 ? -9.367  -5.511  13.667  1.00 22.38  ? 130 VAL A N   1 
ATOM   901  C CA  . VAL A 1 130 ? -9.789  -6.921  13.648  1.00 22.99  ? 130 VAL A CA  1 
ATOM   902  C C   . VAL A 1 130 ? -10.067 -7.357  15.078  1.00 23.72  ? 130 VAL A C   1 
ATOM   903  O O   . VAL A 1 130 ? -9.208  -7.224  15.939  1.00 23.48  ? 130 VAL A O   1 
ATOM   904  C CB  . VAL A 1 130 ? -8.734  -7.845  12.964  1.00 23.49  ? 130 VAL A CB  1 
ATOM   905  C CG1 . VAL A 1 130 ? -9.251  -9.278  12.890  1.00 21.69  ? 130 VAL A CG1 1 
ATOM   906  C CG2 . VAL A 1 130 ? -8.427  -7.357  11.543  1.00 24.17  ? 130 VAL A CG2 1 
ATOM   907  N N   . LYS A 1 131 ? -11.291 -7.818  15.329  1.00 24.89  ? 131 LYS A N   1 
ATOM   908  C CA  . LYS A 1 131 ? -11.703 -8.314  16.643  1.00 27.00  ? 131 LYS A CA  1 
ATOM   909  C C   . LYS A 1 131 ? -12.501 -9.609  16.464  1.00 27.05  ? 131 LYS A C   1 
ATOM   910  O O   . LYS A 1 131 ? -13.404 -9.666  15.630  1.00 26.07  ? 131 LYS A O   1 
ATOM   911  C CB  . LYS A 1 131 ? -12.558 -7.260  17.365  1.00 27.17  ? 131 LYS A CB  1 
ATOM   912  C CG  . LYS A 1 131 ? -13.021 -7.679  18.761  1.00 28.78  ? 131 LYS A CG  1 
ATOM   913  C CD  . LYS A 1 131 ? -14.064 -6.740  19.338  1.00 29.70  ? 131 LYS A CD  1 
ATOM   914  C CE  . LYS A 1 131 ? -14.681 -7.321  20.589  1.00 34.70  ? 131 LYS A CE  1 
ATOM   915  N NZ  . LYS A 1 131 ? -13.712 -7.362  21.721  1.00 38.61  ? 131 LYS A NZ  1 
ATOM   916  N N   . ASP A 1 132 ? -12.167 -10.639 17.249  1.00 27.65  ? 132 ASP A N   1 
ATOM   917  C CA  . ASP A 1 132 ? -12.849 -11.953 17.166  1.00 28.56  ? 132 ASP A CA  1 
ATOM   918  C C   . ASP A 1 132 ? -12.778 -12.448 15.727  1.00 27.71  ? 132 ASP A C   1 
ATOM   919  O O   . ASP A 1 132 ? -13.734 -13.013 15.169  1.00 27.47  ? 132 ASP A O   1 
ATOM   920  C CB  . ASP A 1 132 ? -14.293 -11.869 17.696  1.00 29.57  ? 132 ASP A CB  1 
ATOM   921  C CG  . ASP A 1 132 ? -14.785 -13.181 18.306  1.00 33.44  ? 132 ASP A CG  1 
ATOM   922  O OD1 . ASP A 1 132 ? -13.950 -14.001 18.775  1.00 37.74  ? 132 ASP A OD1 1 
ATOM   923  O OD2 . ASP A 1 132 ? -16.022 -13.386 18.325  1.00 36.72  ? 132 ASP A OD2 1 
ATOM   924  N N   . ASN A 1 133 ? -11.607 -12.203 15.133  1.00 26.91  ? 133 ASN A N   1 
ATOM   925  C CA  . ASN A 1 133 ? -11.263 -12.612 13.783  1.00 27.03  ? 133 ASN A CA  1 
ATOM   926  C C   . ASN A 1 133 ? -12.176 -12.071 12.685  1.00 25.85  ? 133 ASN A C   1 
ATOM   927  O O   . ASN A 1 133 ? -12.282 -12.654 11.623  1.00 25.04  ? 133 ASN A O   1 
ATOM   928  C CB  . ASN A 1 133 ? -11.068 -14.129 13.702  1.00 28.23  ? 133 ASN A CB  1 
ATOM   929  C CG  . ASN A 1 133 ? -10.021 -14.623 14.686  1.00 31.12  ? 133 ASN A CG  1 
ATOM   930  O OD1 . ASN A 1 133 ? -10.361 -15.129 15.748  1.00 37.43  ? 133 ASN A OD1 1 
ATOM   931  N ND2 . ASN A 1 133 ? -8.732  -14.438 14.349  1.00 34.97  ? 133 ASN A ND2 1 
ATOM   932  N N   . GLU A 1 134 ? -12.796 -10.922 12.941  1.00 24.49  ? 134 GLU A N   1 
ATOM   933  C CA  . GLU A 1 134 ? -13.620 -10.258 11.919  1.00 23.99  ? 134 GLU A CA  1 
ATOM   934  C C   . GLU A 1 134 ? -13.123 -8.822  11.756  1.00 21.85  ? 134 GLU A C   1 
ATOM   935  O O   . GLU A 1 134 ? -12.693 -8.222  12.729  1.00 21.49  ? 134 GLU A O   1 
ATOM   936  C CB  . GLU A 1 134 ? -15.091 -10.256 12.326  1.00 24.53  ? 134 GLU A CB  1 
ATOM   937  C CG  . GLU A 1 134 ? -15.630 -11.660 12.688  1.00 28.67  ? 134 GLU A CG  1 
ATOM   938  C CD  . GLU A 1 134 ? -15.956 -12.529 11.468  1.00 35.31  ? 134 GLU A CD  1 
ATOM   939  O OE1 . GLU A 1 134 ? -17.040 -12.327 10.876  1.00 38.07  ? 134 GLU A OE1 1 
ATOM   940  O OE2 . GLU A 1 134 ? -15.154 -13.441 11.122  1.00 38.40  ? 134 GLU A OE2 1 
ATOM   941  N N   . ILE A 1 135 ? -13.182 -8.310  10.529  1.00 20.98  ? 135 ILE A N   1 
ATOM   942  C CA  . ILE A 1 135 ? -12.817 -6.916  10.226  1.00 20.00  ? 135 ILE A CA  1 
ATOM   943  C C   . ILE A 1 135 ? -13.992 -6.056  10.673  1.00 20.17  ? 135 ILE A C   1 
ATOM   944  O O   . ILE A 1 135 ? -15.136 -6.255  10.226  1.00 20.20  ? 135 ILE A O   1 
ATOM   945  C CB  . ILE A 1 135 ? -12.514 -6.689  8.701   1.00 20.03  ? 135 ILE A CB  1 
ATOM   946  C CG1 . ILE A 1 135 ? -11.341 -7.564  8.222   1.00 18.57  ? 135 ILE A CG1 1 
ATOM   947  C CG2 . ILE A 1 135 ? -12.138 -5.211  8.435   1.00 17.76  ? 135 ILE A CG2 1 
ATOM   948  C CD1 . ILE A 1 135 ? -11.195 -7.640  6.699   1.00 20.41  ? 135 ILE A CD1 1 
ATOM   949  N N   . VAL A 1 136 ? -13.716 -5.108  11.555  1.00 20.07  ? 136 VAL A N   1 
ATOM   950  C CA  . VAL A 1 136 ? -14.777 -4.322  12.186  1.00 21.28  ? 136 VAL A CA  1 
ATOM   951  C C   . VAL A 1 136 ? -14.447 -2.835  12.184  1.00 21.86  ? 136 VAL A C   1 
ATOM   952  O O   . VAL A 1 136 ? -13.270 -2.452  12.095  1.00 20.29  ? 136 VAL A O   1 
ATOM   953  C CB  . VAL A 1 136 ? -15.062 -4.767  13.656  1.00 20.87  ? 136 VAL A CB  1 
ATOM   954  C CG1 . VAL A 1 136 ? -15.520 -6.208  13.721  1.00 21.81  ? 136 VAL A CG1 1 
ATOM   955  C CG2 . VAL A 1 136 ? -13.855 -4.542  14.567  1.00 22.02  ? 136 VAL A CG2 1 
ATOM   956  N N   . PHE A 1 137 ? -15.499 -2.013  12.265  1.00 23.02  ? 137 PHE A N   1 
ATOM   957  C CA  . PHE A 1 137 ? -15.337 -0.575  12.470  1.00 25.34  ? 137 PHE A CA  1 
ATOM   958  C C   . PHE A 1 137 ? -14.877 -0.304  13.890  1.00 27.23  ? 137 PHE A C   1 
ATOM   959  O O   . PHE A 1 137 ? -15.364 -0.928  14.825  1.00 26.58  ? 137 PHE A O   1 
ATOM   960  C CB  . PHE A 1 137 ? -16.639 0.169   12.117  1.00 24.55  ? 137 PHE A CB  1 
ATOM   961  C CG  . PHE A 1 137 ? -16.955 0.125   10.653  1.00 24.27  ? 137 PHE A CG  1 
ATOM   962  C CD1 . PHE A 1 137 ? -16.297 0.982   9.764   1.00 23.50  ? 137 PHE A CD1 1 
ATOM   963  C CD2 . PHE A 1 137 ? -17.862 -0.801  10.143  1.00 23.10  ? 137 PHE A CD2 1 
ATOM   964  C CE1 . PHE A 1 137 ? -16.543 0.924   8.397   1.00 21.74  ? 137 PHE A CE1 1 
ATOM   965  C CE2 . PHE A 1 137 ? -18.121 -0.854  8.767   1.00 24.82  ? 137 PHE A CE2 1 
ATOM   966  C CZ  . PHE A 1 137 ? -17.459 0.031   7.900   1.00 24.12  ? 137 PHE A CZ  1 
ATOM   967  N N   . PRO A 1 138 ? -13.896 0.595   14.055  1.00 29.78  ? 138 PRO A N   1 
ATOM   968  C CA  . PRO A 1 138 ? -13.269 0.830   15.370  1.00 31.75  ? 138 PRO A CA  1 
ATOM   969  C C   . PRO A 1 138 ? -14.133 1.448   16.489  1.00 33.60  ? 138 PRO A C   1 
ATOM   970  O O   . PRO A 1 138 ? -13.839 1.229   17.671  1.00 34.63  ? 138 PRO A O   1 
ATOM   971  C CB  . PRO A 1 138 ? -12.069 1.727   15.035  1.00 31.81  ? 138 PRO A CB  1 
ATOM   972  C CG  . PRO A 1 138 ? -12.407 2.356   13.732  1.00 31.77  ? 138 PRO A CG  1 
ATOM   973  C CD  . PRO A 1 138 ? -13.274 1.402   12.985  1.00 30.14  ? 138 PRO A CD  1 
ATOM   974  N N   . GLU A 1 139 ? -15.168 2.210   16.151  1.00 35.01  ? 139 GLU A N   1 
ATOM   975  C CA  . GLU A 1 139 ? -15.979 2.858   17.192  1.00 36.56  ? 139 GLU A CA  1 
ATOM   976  C C   . GLU A 1 139 ? -16.897 1.842   17.892  1.00 35.86  ? 139 GLU A C   1 
ATOM   977  O O   . GLU A 1 139 ? -16.901 1.722   19.126  1.00 36.36  ? 139 GLU A O   1 
ATOM   978  C CB  . GLU A 1 139 ? -16.804 4.005   16.595  1.00 36.74  ? 139 GLU A CB  1 
ATOM   979  C CG  . GLU A 1 139 ? -17.464 4.921   17.630  1.00 39.56  ? 139 GLU A CG  1 
ATOM   980  C CD  . GLU A 1 139 ? -18.251 6.051   16.996  1.00 39.43  ? 139 GLU A CD  1 
ATOM   981  O OE1 . GLU A 1 139 ? -19.198 5.776   16.219  1.00 43.80  ? 139 GLU A OE1 1 
ATOM   982  O OE2 . GLU A 1 139 ? -17.923 7.222   17.275  1.00 44.25  ? 139 GLU A OE2 1 
ATOM   983  N N   . ASP A 1 140 ? -17.657 1.108   17.090  1.00 34.73  ? 140 ASP A N   1 
ATOM   984  C CA  . ASP A 1 140 ? -18.759 0.291   17.581  1.00 33.62  ? 140 ASP A CA  1 
ATOM   985  C C   . ASP A 1 140 ? -18.521 -1.185  17.340  1.00 33.21  ? 140 ASP A C   1 
ATOM   986  O O   . ASP A 1 140 ? -19.309 -2.035  17.789  1.00 32.97  ? 140 ASP A O   1 
ATOM   987  C CB  . ASP A 1 140 ? -20.071 0.714   16.905  1.00 33.83  ? 140 ASP A CB  1 
ATOM   988  C CG  . ASP A 1 140 ? -19.995 0.692   15.391  1.00 33.86  ? 140 ASP A CG  1 
ATOM   989  O OD1 . ASP A 1 140 ? -18.960 0.288   14.822  1.00 32.61  ? 140 ASP A OD1 1 
ATOM   990  O OD2 . ASP A 1 140 ? -20.994 1.082   14.753  1.00 35.41  ? 140 ASP A OD2 1 
ATOM   991  N N   . PHE A 1 141 ? -17.449 -1.489  16.610  1.00 32.30  ? 141 PHE A N   1 
ATOM   992  C CA  . PHE A 1 141 ? -17.046 -2.875  16.343  1.00 31.94  ? 141 PHE A CA  1 
ATOM   993  C C   . PHE A 1 141 ? -18.042 -3.663  15.478  1.00 31.62  ? 141 PHE A C   1 
ATOM   994  O O   . PHE A 1 141 ? -18.081 -4.891  15.513  1.00 31.19  ? 141 PHE A O   1 
ATOM   995  C CB  . PHE A 1 141 ? -16.682 -3.605  17.654  1.00 32.29  ? 141 PHE A CB  1 
ATOM   996  C CG  . PHE A 1 141 ? -15.620 -2.898  18.460  1.00 32.73  ? 141 PHE A CG  1 
ATOM   997  C CD1 . PHE A 1 141 ? -14.281 -2.956  18.080  1.00 32.89  ? 141 PHE A CD1 1 
ATOM   998  C CD2 . PHE A 1 141 ? -15.959 -2.154  19.580  1.00 34.56  ? 141 PHE A CD2 1 
ATOM   999  C CE1 . PHE A 1 141 ? -13.287 -2.295  18.812  1.00 33.39  ? 141 PHE A CE1 1 
ATOM   1000 C CE2 . PHE A 1 141 ? -14.977 -1.477  20.322  1.00 34.91  ? 141 PHE A CE2 1 
ATOM   1001 C CZ  . PHE A 1 141 ? -13.637 -1.546  19.935  1.00 34.40  ? 141 PHE A CZ  1 
ATOM   1002 N N   . ARG A 1 142 ? -18.823 -2.948  14.672  1.00 31.16  ? 142 ARG A N   1 
ATOM   1003 C CA  . ARG A 1 142 ? -19.689 -3.585  13.681  1.00 31.14  ? 142 ARG A CA  1 
ATOM   1004 C C   . ARG A 1 142 ? -18.855 -4.129  12.510  1.00 29.84  ? 142 ARG A C   1 
ATOM   1005 O O   . ARG A 1 142 ? -17.852 -3.511  12.111  1.00 28.37  ? 142 ARG A O   1 
ATOM   1006 C CB  . ARG A 1 142 ? -20.776 -2.600  13.201  1.00 31.38  ? 142 ARG A CB  1 
ATOM   1007 C CG  . ARG A 1 142 ? -20.236 -1.406  12.401  1.00 34.00  ? 142 ARG A CG  1 
ATOM   1008 C CD  . ARG A 1 142 ? -21.228 -0.227  12.285  1.00 33.78  ? 142 ARG A CD  1 
ATOM   1009 N NE  . ARG A 1 142 ? -20.838 0.673   11.207  1.00 36.64  ? 142 ARG A NE  1 
ATOM   1010 C CZ  . ARG A 1 142 ? -20.054 1.746   11.334  1.00 37.09  ? 142 ARG A CZ  1 
ATOM   1011 N NH1 . ARG A 1 142 ? -19.580 2.117   12.514  1.00 34.81  ? 142 ARG A NH1 1 
ATOM   1012 N NH2 . ARG A 1 142 ? -19.752 2.459   10.253  1.00 34.94  ? 142 ARG A NH2 1 
ATOM   1013 N N   . PRO A 1 143 ? -19.234 -5.300  11.966  1.00 28.87  ? 143 PRO A N   1 
ATOM   1014 C CA  . PRO A 1 143 ? -18.436 -5.844  10.872  1.00 27.95  ? 143 PRO A CA  1 
ATOM   1015 C C   . PRO A 1 143 ? -18.534 -5.042  9.598   1.00 27.13  ? 143 PRO A C   1 
ATOM   1016 O O   . PRO A 1 143 ? -19.613 -4.544  9.248   1.00 26.89  ? 143 PRO A O   1 
ATOM   1017 C CB  . PRO A 1 143 ? -19.032 -7.241  10.664  1.00 28.41  ? 143 PRO A CB  1 
ATOM   1018 C CG  . PRO A 1 143 ? -19.719 -7.534  11.962  1.00 29.78  ? 143 PRO A CG  1 
ATOM   1019 C CD  . PRO A 1 143 ? -20.312 -6.229  12.340  1.00 29.21  ? 143 PRO A CD  1 
ATOM   1020 N N   . LEU A 1 144 ? -17.391 -4.897  8.934   1.00 25.52  ? 144 LEU A N   1 
ATOM   1021 C CA  . LEU A 1 144 ? -17.313 -4.419  7.558   1.00 24.64  ? 144 LEU A CA  1 
ATOM   1022 C C   . LEU A 1 144 ? -18.255 -5.136  6.577   1.00 24.68  ? 144 LEU A C   1 
ATOM   1023 O O   . LEU A 1 144 ? -18.821 -4.507  5.694   1.00 23.73  ? 144 LEU A O   1 
ATOM   1024 C CB  . LEU A 1 144 ? -15.883 -4.628  7.054   1.00 23.86  ? 144 LEU A CB  1 
ATOM   1025 C CG  . LEU A 1 144 ? -15.591 -4.351  5.583   1.00 23.83  ? 144 LEU A CG  1 
ATOM   1026 C CD1 . LEU A 1 144 ? -15.806 -2.851  5.275   1.00 23.10  ? 144 LEU A CD1 1 
ATOM   1027 C CD2 . LEU A 1 144 ? -14.177 -4.799  5.220   1.00 24.13  ? 144 LEU A CD2 1 
ATOM   1028 N N   . LYS A 1 145 ? -18.379 -6.461  6.692   1.00 25.23  ? 145 LYS A N   1 
ATOM   1029 C CA  . LYS A 1 145 ? -19.111 -7.234  5.674   1.00 26.07  ? 145 LYS A CA  1 
ATOM   1030 C C   . LYS A 1 145 ? -20.617 -6.918  5.606   1.00 26.02  ? 145 LYS A C   1 
ATOM   1031 O O   . LYS A 1 145 ? -21.300 -7.256  4.619   1.00 25.99  ? 145 LYS A O   1 
ATOM   1032 C CB  . LYS A 1 145 ? -18.898 -8.743  5.881   1.00 26.79  ? 145 LYS A CB  1 
ATOM   1033 C CG  . LYS A 1 145 ? -19.498 -9.260  7.163   1.00 27.91  ? 145 LYS A CG  1 
ATOM   1034 C CD  . LYS A 1 145 ? -19.077 -10.703 7.413   1.00 30.86  ? 145 LYS A CD  1 
ATOM   1035 C CE  . LYS A 1 145 ? -19.060 -11.017 8.902   1.00 34.41  ? 145 LYS A CE  1 
ATOM   1036 N NZ  . LYS A 1 145 ? -20.338 -10.719 9.609   1.00 36.65  ? 145 LYS A NZ  1 
ATOM   1037 N N   . GLU A 1 146 ? -21.128 -6.267  6.644   1.00 25.64  ? 146 GLU A N   1 
ATOM   1038 C CA  . GLU A 1 146 ? -22.522 -5.815  6.653   1.00 26.67  ? 146 GLU A CA  1 
ATOM   1039 C C   . GLU A 1 146 ? -22.754 -4.691  5.654   1.00 25.61  ? 146 GLU A C   1 
ATOM   1040 O O   . GLU A 1 146 ? -23.818 -4.603  5.050   1.00 26.68  ? 146 GLU A O   1 
ATOM   1041 C CB  . GLU A 1 146 ? -22.924 -5.356  8.039   1.00 27.02  ? 146 GLU A CB  1 
ATOM   1042 C CG  . GLU A 1 146 ? -22.947 -6.480  9.057   1.00 31.38  ? 146 GLU A CG  1 
ATOM   1043 C CD  . GLU A 1 146 ? -23.720 -6.117  10.296  1.00 35.92  ? 146 GLU A CD  1 
ATOM   1044 O OE1 . GLU A 1 146 ? -23.734 -4.915  10.677  1.00 37.67  ? 146 GLU A OE1 1 
ATOM   1045 O OE2 . GLU A 1 146 ? -24.313 -7.047  10.891  1.00 38.98  ? 146 GLU A OE2 1 
ATOM   1046 N N   . MET A 1 147 ? -21.746 -3.838  5.473   1.00 23.65  ? 147 MET A N   1 
ATOM   1047 C CA  . MET A 1 147 ? -21.835 -2.732  4.511   1.00 21.04  ? 147 MET A CA  1 
ATOM   1048 C C   . MET A 1 147 ? -21.211 -3.101  3.179   1.00 21.28  ? 147 MET A C   1 
ATOM   1049 O O   . MET A 1 147 ? -21.722 -2.705  2.135   1.00 20.09  ? 147 MET A O   1 
ATOM   1050 C CB  . MET A 1 147 ? -21.128 -1.462  5.054   1.00 20.96  ? 147 MET A CB  1 
ATOM   1051 C CG  . MET A 1 147 ? -21.723 -0.838  6.337   1.00 20.78  ? 147 MET A CG  1 
ATOM   1052 S SD  . MET A 1 147 ? -21.030 0.807   6.763   1.00 14.56  ? 147 MET A SD  1 
ATOM   1053 C CE  . MET A 1 147 ? -21.644 1.721   5.306   1.00 18.53  ? 147 MET A CE  1 
ATOM   1054 N N   . TYR A 1 148 ? -20.075 -3.822  3.211   1.00 21.00  ? 148 TYR A N   1 
ATOM   1055 C CA  . TYR A 1 148 ? -19.300 -4.130  1.997   1.00 21.09  ? 148 TYR A CA  1 
ATOM   1056 C C   . TYR A 1 148 ? -18.878 -5.607  1.899   1.00 22.12  ? 148 TYR A C   1 
ATOM   1057 O O   . TYR A 1 148 ? -17.696 -5.947  2.043   1.00 20.31  ? 148 TYR A O   1 
ATOM   1058 C CB  . TYR A 1 148 ? -18.057 -3.230  1.872   1.00 21.66  ? 148 TYR A CB  1 
ATOM   1059 C CG  . TYR A 1 148 ? -18.420 -1.766  1.835   1.00 21.63  ? 148 TYR A CG  1 
ATOM   1060 C CD1 . TYR A 1 148 ? -18.846 -1.155  0.647   1.00 22.70  ? 148 TYR A CD1 1 
ATOM   1061 C CD2 . TYR A 1 148 ? -18.365 -1.010  2.980   1.00 21.54  ? 148 TYR A CD2 1 
ATOM   1062 C CE1 . TYR A 1 148 ? -19.202 0.204   0.622   1.00 20.62  ? 148 TYR A CE1 1 
ATOM   1063 C CE2 . TYR A 1 148 ? -18.718 0.340   2.967   1.00 21.95  ? 148 TYR A CE2 1 
ATOM   1064 C CZ  . TYR A 1 148 ? -19.117 0.932   1.785   1.00 21.69  ? 148 TYR A CZ  1 
ATOM   1065 O OH  . TYR A 1 148 ? -19.473 2.264   1.828   1.00 20.16  ? 148 TYR A OH  1 
ATOM   1066 N N   . PRO A 1 149 ? -19.853 -6.485  1.606   1.00 22.33  ? 149 PRO A N   1 
ATOM   1067 C CA  . PRO A 1 149 ? -19.585 -7.926  1.638   1.00 23.17  ? 149 PRO A CA  1 
ATOM   1068 C C   . PRO A 1 149 ? -18.560 -8.423  0.609   1.00 23.40  ? 149 PRO A C   1 
ATOM   1069 O O   . PRO A 1 149 ? -17.760 -9.300  0.927   1.00 24.02  ? 149 PRO A O   1 
ATOM   1070 C CB  . PRO A 1 149 ? -20.973 -8.551  1.386   1.00 23.22  ? 149 PRO A CB  1 
ATOM   1071 C CG  . PRO A 1 149 ? -21.762 -7.480  0.689   1.00 22.00  ? 149 PRO A CG  1 
ATOM   1072 C CD  . PRO A 1 149 ? -21.235 -6.162  1.194   1.00 22.42  ? 149 PRO A CD  1 
ATOM   1073 N N   . GLU A 1 150 ? -18.583 -7.888  -0.604  1.00 23.97  ? 150 GLU A N   1 
ATOM   1074 C CA  . GLU A 1 150 ? -17.624 -8.291  -1.623  1.00 25.22  ? 150 GLU A CA  1 
ATOM   1075 C C   . GLU A 1 150 ? -16.197 -7.816  -1.307  1.00 25.34  ? 150 GLU A C   1 
ATOM   1076 O O   . GLU A 1 150 ? -15.217 -8.529  -1.573  1.00 24.81  ? 150 GLU A O   1 
ATOM   1077 C CB  . GLU A 1 150 ? -18.079 -7.863  -3.019  1.00 26.38  ? 150 GLU A CB  1 
ATOM   1078 C CG  . GLU A 1 150 ? -19.328 -8.613  -3.527  1.00 30.41  ? 150 GLU A CG  1 
ATOM   1079 C CD  . GLU A 1 150 ? -19.221 -10.146 -3.419  1.00 33.19  ? 150 GLU A CD  1 
ATOM   1080 O OE1 . GLU A 1 150 ? -18.203 -10.729 -3.839  1.00 36.94  ? 150 GLU A OE1 1 
ATOM   1081 O OE2 . GLU A 1 150 ? -20.176 -10.775 -2.914  1.00 36.45  ? 150 GLU A OE2 1 
ATOM   1082 N N   . VAL A 1 151 ? -16.087 -6.628  -0.714  1.00 23.88  ? 151 VAL A N   1 
ATOM   1083 C CA  . VAL A 1 151 ? -14.788 -6.106  -0.287  1.00 23.63  ? 151 VAL A CA  1 
ATOM   1084 C C   . VAL A 1 151 ? -14.182 -6.973  0.810   1.00 23.54  ? 151 VAL A C   1 
ATOM   1085 O O   . VAL A 1 151 ? -13.039 -7.410  0.694   1.00 24.50  ? 151 VAL A O   1 
ATOM   1086 C CB  . VAL A 1 151 ? -14.907 -4.623  0.211   1.00 23.23  ? 151 VAL A CB  1 
ATOM   1087 C CG1 . VAL A 1 151 ? -13.578 -4.132  0.775   1.00 23.47  ? 151 VAL A CG1 1 
ATOM   1088 C CG2 . VAL A 1 151 ? -15.373 -3.718  -0.938  1.00 21.22  ? 151 VAL A CG2 1 
ATOM   1089 N N   . ALA A 1 152 ? -14.951 -7.203  1.872   1.00 24.18  ? 152 ALA A N   1 
ATOM   1090 C CA  . ALA A 1 152 ? -14.519 -7.996  3.021   1.00 24.30  ? 152 ALA A CA  1 
ATOM   1091 C C   . ALA A 1 152 ? -14.035 -9.386  2.596   1.00 25.68  ? 152 ALA A C   1 
ATOM   1092 O O   . ALA A 1 152 ? -13.006 -9.882  3.087   1.00 23.94  ? 152 ALA A O   1 
ATOM   1093 C CB  . ALA A 1 152 ? -15.635 -8.097  4.054   1.00 24.40  ? 152 ALA A CB  1 
ATOM   1094 N N   . LYS A 1 153 ? -14.751 -9.983  1.649   1.00 26.65  ? 153 LYS A N   1 
ATOM   1095 C CA  . LYS A 1 153 ? -14.430 -11.349 1.214   1.00 28.54  ? 153 LYS A CA  1 
ATOM   1096 C C   . LYS A 1 153 ? -13.066 -11.477 0.529   1.00 27.80  ? 153 LYS A C   1 
ATOM   1097 O O   . LYS A 1 153 ? -12.456 -12.549 0.554   1.00 28.11  ? 153 LYS A O   1 
ATOM   1098 C CB  . LYS A 1 153 ? -15.561 -11.927 0.345   1.00 27.98  ? 153 LYS A CB  1 
ATOM   1099 C CG  . LYS A 1 153 ? -16.690 -12.526 1.181   1.00 30.99  ? 153 LYS A CG  1 
ATOM   1100 C CD  . LYS A 1 153 ? -17.817 -13.083 0.323   1.00 31.52  ? 153 LYS A CD  1 
ATOM   1101 C CE  . LYS A 1 153 ? -17.722 -14.604 0.143   1.00 36.07  ? 153 LYS A CE  1 
ATOM   1102 N NZ  . LYS A 1 153 ? -18.281 -15.349 1.324   1.00 38.31  ? 153 LYS A NZ  1 
ATOM   1103 N N   . LYS A 1 154 ? -12.592 -10.384 -0.069  1.00 27.28  ? 154 LYS A N   1 
ATOM   1104 C CA  . LYS A 1 154 ? -11.314 -10.347 -0.772  1.00 26.60  ? 154 LYS A CA  1 
ATOM   1105 C C   . LYS A 1 154 ? -10.112 -10.136 0.142   1.00 25.23  ? 154 LYS A C   1 
ATOM   1106 O O   . LYS A 1 154 ? -8.974  -10.409 -0.247  1.00 25.56  ? 154 LYS A O   1 
ATOM   1107 C CB  . LYS A 1 154 ? -11.331 -9.250  -1.844  1.00 27.54  ? 154 LYS A CB  1 
ATOM   1108 C CG  . LYS A 1 154 ? -12.174 -9.597  -3.065  1.00 30.23  ? 154 LYS A CG  1 
ATOM   1109 C CD  . LYS A 1 154 ? -11.759 -8.787  -4.308  1.00 33.60  ? 154 LYS A CD  1 
ATOM   1110 C CE  . LYS A 1 154 ? -10.376 -9.196  -4.825  1.00 35.05  ? 154 LYS A CE  1 
ATOM   1111 N NZ  . LYS A 1 154 ? -10.029 -8.577  -6.145  1.00 38.68  ? 154 LYS A NZ  1 
ATOM   1112 N N   . ILE A 1 155 ? -10.367 -9.633  1.342   1.00 23.53  ? 155 ILE A N   1 
ATOM   1113 C CA  . ILE A 1 155 ? -9.300  -9.288  2.258   1.00 22.43  ? 155 ILE A CA  1 
ATOM   1114 C C   . ILE A 1 155 ? -8.878  -10.538 3.036   1.00 22.94  ? 155 ILE A C   1 
ATOM   1115 O O   . ILE A 1 155 ? -9.716  -11.247 3.614   1.00 23.41  ? 155 ILE A O   1 
ATOM   1116 C CB  . ILE A 1 155 ? -9.697  -8.121  3.185   1.00 22.19  ? 155 ILE A CB  1 
ATOM   1117 C CG1 . ILE A 1 155 ? -9.980  -6.869  2.338   1.00 19.22  ? 155 ILE A CG1 1 
ATOM   1118 C CG2 . ILE A 1 155 ? -8.571  -7.805  4.188   1.00 20.39  ? 155 ILE A CG2 1 
ATOM   1119 C CD1 . ILE A 1 155 ? -10.687 -5.743  3.087   1.00 18.15  ? 155 ILE A CD1 1 
ATOM   1120 N N   . VAL A 1 156 ? -7.580  -10.805 3.013   1.00 23.02  ? 156 VAL A N   1 
ATOM   1121 C CA  . VAL A 1 156 ? -7.001  -11.996 3.630   1.00 24.18  ? 156 VAL A CA  1 
ATOM   1122 C C   . VAL A 1 156 ? -5.768  -11.588 4.432   1.00 24.98  ? 156 VAL A C   1 
ATOM   1123 O O   . VAL A 1 156 ? -5.420  -10.399 4.481   1.00 24.20  ? 156 VAL A O   1 
ATOM   1124 C CB  . VAL A 1 156 ? -6.623  -13.066 2.546   1.00 24.22  ? 156 VAL A CB  1 
ATOM   1125 C CG1 . VAL A 1 156 ? -7.854  -13.495 1.753   1.00 24.53  ? 156 VAL A CG1 1 
ATOM   1126 C CG2 . VAL A 1 156 ? -5.559  -12.533 1.563   1.00 24.23  ? 156 VAL A CG2 1 
ATOM   1127 N N   . ASP A 1 157 ? -5.099  -12.559 5.056   1.00 25.11  ? 157 ASP A N   1 
ATOM   1128 C CA  . ASP A 1 157 ? -3.834  -12.295 5.755   1.00 25.98  ? 157 ASP A CA  1 
ATOM   1129 C C   . ASP A 1 157 ? -3.977  -11.279 6.907   1.00 26.06  ? 157 ASP A C   1 
ATOM   1130 O O   . ASP A 1 157 ? -3.162  -10.358 7.045   1.00 25.06  ? 157 ASP A O   1 
ATOM   1131 C CB  . ASP A 1 157 ? -2.747  -11.852 4.753   1.00 26.34  ? 157 ASP A CB  1 
ATOM   1132 C CG  . ASP A 1 157 ? -1.339  -11.871 5.352   1.00 28.59  ? 157 ASP A CG  1 
ATOM   1133 O OD1 . ASP A 1 157 ? -1.107  -12.611 6.344   1.00 29.65  ? 157 ASP A OD1 1 
ATOM   1134 O OD2 . ASP A 1 157 ? -0.457  -11.154 4.827   1.00 28.21  ? 157 ASP A OD2 1 
ATOM   1135 N N   . TYR A 1 158 ? -5.005  -11.447 7.740   1.00 26.36  ? 158 TYR A N   1 
ATOM   1136 C CA  . TYR A 1 158 ? -5.152  -10.612 8.952   1.00 26.71  ? 158 TYR A CA  1 
ATOM   1137 C C   . TYR A 1 158 ? -5.391  -11.432 10.235  1.00 27.56  ? 158 TYR A C   1 
ATOM   1138 O O   . TYR A 1 158 ? -5.864  -12.572 10.186  1.00 28.08  ? 158 TYR A O   1 
ATOM   1139 C CB  . TYR A 1 158 ? -6.257  -9.551  8.792   1.00 26.36  ? 158 TYR A CB  1 
ATOM   1140 C CG  . TYR A 1 158 ? -7.615  -10.138 8.494   1.00 26.45  ? 158 TYR A CG  1 
ATOM   1141 C CD1 . TYR A 1 158 ? -8.440  -10.609 9.517   1.00 27.72  ? 158 TYR A CD1 1 
ATOM   1142 C CD2 . TYR A 1 158 ? -8.071  -10.244 7.177   1.00 26.66  ? 158 TYR A CD2 1 
ATOM   1143 C CE1 . TYR A 1 158 ? -9.688  -11.177 9.233   1.00 27.05  ? 158 TYR A CE1 1 
ATOM   1144 C CE2 . TYR A 1 158 ? -9.318  -10.796 6.890   1.00 27.48  ? 158 TYR A CE2 1 
ATOM   1145 C CZ  . TYR A 1 158 ? -10.117 -11.256 7.918   1.00 27.07  ? 158 TYR A CZ  1 
ATOM   1146 O OH  . TYR A 1 158 ? -11.337 -11.814 7.622   1.00 27.60  ? 158 TYR A OH  1 
ATOM   1147 N N   . GLU A 1 159 ? -5.087  -10.819 11.372  1.00 27.70  ? 159 GLU A N   1 
ATOM   1148 C CA  . GLU A 1 159 ? -5.294  -11.432 12.687  1.00 28.76  ? 159 GLU A CA  1 
ATOM   1149 C C   . GLU A 1 159 ? -5.793  -10.366 13.634  1.00 27.41  ? 159 GLU A C   1 
ATOM   1150 O O   . GLU A 1 159 ? -5.615  -9.171  13.371  1.00 26.83  ? 159 GLU A O   1 
ATOM   1151 C CB  . GLU A 1 159 ? -3.974  -11.993 13.239  1.00 28.87  ? 159 GLU A CB  1 
ATOM   1152 C CG  . GLU A 1 159 ? -3.377  -13.160 12.476  1.00 31.05  ? 159 GLU A CG  1 
ATOM   1153 C CD  . GLU A 1 159 ? -2.190  -13.795 13.193  1.00 32.40  ? 159 GLU A CD  1 
ATOM   1154 O OE1 . GLU A 1 159 ? -1.913  -13.436 14.370  1.00 36.84  ? 159 GLU A OE1 1 
ATOM   1155 O OE2 . GLU A 1 159 ? -1.526  -14.663 12.579  1.00 38.22  ? 159 GLU A OE2 1 
ATOM   1156 N N   . ASP A 1 160 ? -6.397  -10.793 14.746  1.00 25.88  ? 160 ASP A N   1 
ATOM   1157 C CA  . ASP A 1 160 ? -6.844  -9.884  15.799  1.00 25.37  ? 160 ASP A CA  1 
ATOM   1158 C C   . ASP A 1 160 ? -5.840  -8.786  16.103  1.00 23.93  ? 160 ASP A C   1 
ATOM   1159 O O   . ASP A 1 160 ? -4.653  -9.044  16.336  1.00 23.48  ? 160 ASP A O   1 
ATOM   1160 C CB  . ASP A 1 160 ? -7.155  -10.653 17.097  1.00 25.64  ? 160 ASP A CB  1 
ATOM   1161 C CG  . ASP A 1 160 ? -8.509  -11.339 17.065  1.00 28.62  ? 160 ASP A CG  1 
ATOM   1162 O OD1 . ASP A 1 160 ? -9.217  -11.226 16.041  1.00 30.47  ? 160 ASP A OD1 1 
ATOM   1163 O OD2 . ASP A 1 160 ? -8.872  -11.996 18.073  1.00 30.73  ? 160 ASP A OD2 1 
ATOM   1164 N N   . GLY A 1 161 ? -6.334  -7.560  16.124  1.00 22.65  ? 161 GLY A N   1 
ATOM   1165 C CA  . GLY A 1 161 ? -5.510  -6.425  16.466  1.00 21.68  ? 161 GLY A CA  1 
ATOM   1166 C C   . GLY A 1 161 ? -4.900  -5.732  15.268  1.00 20.53  ? 161 GLY A C   1 
ATOM   1167 O O   . GLY A 1 161 ? -4.441  -4.596  15.383  1.00 20.29  ? 161 GLY A O   1 
ATOM   1168 N N   . ASP A 1 162 ? -4.869  -6.414  14.128  1.00 19.62  ? 162 ASP A N   1 
ATOM   1169 C CA  . ASP A 1 162 ? -4.338  -5.812  12.924  1.00 19.88  ? 162 ASP A CA  1 
ATOM   1170 C C   . ASP A 1 162 ? -5.255  -4.640  12.525  1.00 19.10  ? 162 ASP A C   1 
ATOM   1171 O O   . ASP A 1 162 ? -6.416  -4.564  12.953  1.00 19.50  ? 162 ASP A O   1 
ATOM   1172 C CB  . ASP A 1 162 ? -4.253  -6.823  11.771  1.00 19.82  ? 162 ASP A CB  1 
ATOM   1173 C CG  . ASP A 1 162 ? -3.116  -7.829  11.921  1.00 22.32  ? 162 ASP A CG  1 
ATOM   1174 O OD1 . ASP A 1 162 ? -2.224  -7.661  12.798  1.00 22.04  ? 162 ASP A OD1 1 
ATOM   1175 O OD2 . ASP A 1 162 ? -3.106  -8.781  11.109  1.00 24.52  ? 162 ASP A OD2 1 
ATOM   1176 N N   . ALA A 1 163 ? -4.719  -3.733  11.726  1.00 18.37  ? 163 ALA A N   1 
ATOM   1177 C CA  . ALA A 1 163 ? -5.515  -2.664  11.114  1.00 17.59  ? 163 ALA A CA  1 
ATOM   1178 C C   . ALA A 1 163 ? -5.746  -3.015  9.661   1.00 16.93  ? 163 ALA A C   1 
ATOM   1179 O O   . ALA A 1 163 ? -4.957  -3.743  9.052   1.00 17.26  ? 163 ALA A O   1 
ATOM   1180 C CB  . ALA A 1 163 ? -4.812  -1.308  11.244  1.00 16.44  ? 163 ALA A CB  1 
ATOM   1181 N N   . VAL A 1 164 ? -6.844  -2.533  9.100   1.00 16.62  ? 164 VAL A N   1 
ATOM   1182 C CA  . VAL A 1 164 ? -7.129  -2.806  7.701   1.00 16.03  ? 164 VAL A CA  1 
ATOM   1183 C C   . VAL A 1 164 ? -7.432  -1.480  7.024   1.00 16.72  ? 164 VAL A C   1 
ATOM   1184 O O   . VAL A 1 164 ? -8.445  -0.838  7.338   1.00 17.04  ? 164 VAL A O   1 
ATOM   1185 C CB  . VAL A 1 164 ? -8.307  -3.813  7.497   1.00 15.90  ? 164 VAL A CB  1 
ATOM   1186 C CG1 . VAL A 1 164 ? -8.453  -4.107  5.994   1.00 17.16  ? 164 VAL A CG1 1 
ATOM   1187 C CG2 . VAL A 1 164 ? -8.058  -5.127  8.247   1.00 16.42  ? 164 VAL A CG2 1 
ATOM   1188 N N   . ILE A 1 165 ? -6.555  -1.068  6.121   1.00 16.52  ? 165 ILE A N   1 
ATOM   1189 C CA  . ILE A 1 165 ? -6.723  0.195   5.386   1.00 16.82  ? 165 ILE A CA  1 
ATOM   1190 C C   . ILE A 1 165 ? -7.473  -0.128  4.143   1.00 16.38  ? 165 ILE A C   1 
ATOM   1191 O O   . ILE A 1 165 ? -7.064  -1.027  3.410   1.00 16.97  ? 165 ILE A O   1 
ATOM   1192 C CB  . ILE A 1 165 ? -5.363  0.773   4.941   1.00 17.03  ? 165 ILE A CB  1 
ATOM   1193 C CG1 . ILE A 1 165 ? -4.498  1.093   6.151   1.00 18.01  ? 165 ILE A CG1 1 
ATOM   1194 C CG2 . ILE A 1 165 ? -5.524  2.009   4.036   1.00 18.07  ? 165 ILE A CG2 1 
ATOM   1195 C CD1 . ILE A 1 165 ? -2.993  1.135   5.787   1.00 18.79  ? 165 ILE A CD1 1 
ATOM   1196 N N   . ILE A 1 166 ? -8.559  0.599   3.880   1.00 15.57  ? 166 ILE A N   1 
ATOM   1197 C CA  . ILE A 1 166 ? -9.243  0.465   2.582   1.00 15.88  ? 166 ILE A CA  1 
ATOM   1198 C C   . ILE A 1 166 ? -9.442  1.844   1.985   1.00 16.06  ? 166 ILE A C   1 
ATOM   1199 O O   . ILE A 1 166 ? -10.155 2.658   2.556   1.00 16.82  ? 166 ILE A O   1 
ATOM   1200 C CB  . ILE A 1 166 ? -10.624 -0.223  2.704   1.00 16.14  ? 166 ILE A CB  1 
ATOM   1201 C CG1 . ILE A 1 166 ? -10.475 -1.578  3.402   1.00 15.28  ? 166 ILE A CG1 1 
ATOM   1202 C CG2 . ILE A 1 166 ? -11.284 -0.400  1.295   1.00 16.01  ? 166 ILE A CG2 1 
ATOM   1203 C CD1 . ILE A 1 166 ? -11.761 -2.218  3.842   1.00 17.35  ? 166 ILE A CD1 1 
ATOM   1204 N N   . THR A 1 167 ? -8.792  2.105   0.859   1.00 16.71  ? 167 THR A N   1 
ATOM   1205 C CA  . THR A 1 167 ? -9.005  3.379   0.145   1.00 16.22  ? 167 THR A CA  1 
ATOM   1206 C C   . THR A 1 167 ? -9.706  3.128   -1.182  1.00 17.25  ? 167 THR A C   1 
ATOM   1207 O O   . THR A 1 167 ? -9.625  2.014   -1.749  1.00 17.30  ? 167 THR A O   1 
ATOM   1208 C CB  . THR A 1 167 ? -7.674  4.105   -0.156  1.00 16.29  ? 167 THR A CB  1 
ATOM   1209 O OG1 . THR A 1 167 ? -6.875  3.294   -1.026  1.00 18.25  ? 167 THR A OG1 1 
ATOM   1210 C CG2 . THR A 1 167 ? -6.900  4.418   1.114   1.00 15.79  ? 167 THR A CG2 1 
ATOM   1211 N N   . TRP A 1 168 ? -10.358 4.162   -1.711  1.00 17.56  ? 168 TRP A N   1 
ATOM   1212 C CA  . TRP A 1 168 ? -10.860 4.100   -3.082  1.00 18.44  ? 168 TRP A CA  1 
ATOM   1213 C C   . TRP A 1 168 ? -10.709 5.456   -3.725  1.00 18.96  ? 168 TRP A C   1 
ATOM   1214 O O   . TRP A 1 168 ? -10.562 6.457   -3.031  1.00 18.71  ? 168 TRP A O   1 
ATOM   1215 C CB  . TRP A 1 168 ? -12.313 3.595   -3.155  1.00 18.21  ? 168 TRP A CB  1 
ATOM   1216 C CG  . TRP A 1 168 ? -13.307 4.425   -2.424  1.00 19.04  ? 168 TRP A CG  1 
ATOM   1217 C CD1 . TRP A 1 168 ? -14.162 5.370   -2.963  1.00 19.45  ? 168 TRP A CD1 1 
ATOM   1218 C CD2 . TRP A 1 168 ? -13.591 4.381   -1.019  1.00 18.74  ? 168 TRP A CD2 1 
ATOM   1219 N NE1 . TRP A 1 168 ? -14.951 5.913   -1.964  1.00 20.37  ? 168 TRP A NE1 1 
ATOM   1220 C CE2 . TRP A 1 168 ? -14.617 5.326   -0.766  1.00 19.31  ? 168 TRP A CE2 1 
ATOM   1221 C CE3 . TRP A 1 168 ? -13.081 3.626   0.054   1.00 19.06  ? 168 TRP A CE3 1 
ATOM   1222 C CZ2 . TRP A 1 168 ? -15.144 5.528   0.513   1.00 19.35  ? 168 TRP A CZ2 1 
ATOM   1223 C CZ3 . TRP A 1 168 ? -13.592 3.837   1.330   1.00 18.24  ? 168 TRP A CZ3 1 
ATOM   1224 C CH2 . TRP A 1 168 ? -14.615 4.786   1.547   1.00 19.75  ? 168 TRP A CH2 1 
ATOM   1225 N N   . ALA A 1 169 ? -10.696 5.479   -5.050  1.00 20.46  ? 169 ALA A N   1 
ATOM   1226 C CA  . ALA A 1 169 ? -10.335 6.692   -5.777  1.00 22.18  ? 169 ALA A CA  1 
ATOM   1227 C C   . ALA A 1 169 ? -10.830 6.593   -7.210  1.00 23.26  ? 169 ALA A C   1 
ATOM   1228 O O   . ALA A 1 169 ? -11.483 5.614   -7.579  1.00 23.36  ? 169 ALA A O   1 
ATOM   1229 C CB  . ALA A 1 169 ? -8.814  6.887   -5.741  1.00 21.31  ? 169 ALA A CB  1 
ATOM   1230 N N   . GLU A 1 170 ? -10.519 7.602   -8.015  1.00 25.17  ? 170 GLU A N   1 
ATOM   1231 C CA  . GLU A 1 170 ? -10.948 7.626   -9.413  1.00 27.01  ? 170 GLU A CA  1 
ATOM   1232 C C   . GLU A 1 170 ? -10.180 6.614   -10.252 1.00 27.25  ? 170 GLU A C   1 
ATOM   1233 O O   . GLU A 1 170 ? -10.708 6.094   -11.239 1.00 28.07  ? 170 GLU A O   1 
ATOM   1234 C CB  . GLU A 1 170 ? -10.799 9.034   -10.006 1.00 27.35  ? 170 GLU A CB  1 
ATOM   1235 C CG  . GLU A 1 170 ? -11.550 10.129  -9.239  1.00 31.24  ? 170 GLU A CG  1 
ATOM   1236 C CD  . GLU A 1 170 ? -13.041 10.213  -9.537  1.00 35.89  ? 170 GLU A CD  1 
ATOM   1237 O OE1 . GLU A 1 170 ? -13.596 9.316   -10.220 1.00 39.89  ? 170 GLU A OE1 1 
ATOM   1238 O OE2 . GLU A 1 170 ? -13.669 11.202  -9.086  1.00 37.19  ? 170 GLU A OE2 1 
ATOM   1239 N N   . THR A 1 171 ? -8.942  6.328   -9.850  1.00 27.36  ? 171 THR A N   1 
ATOM   1240 C CA  . THR A 1 171 ? -8.087  5.388   -10.578 1.00 27.69  ? 171 THR A CA  1 
ATOM   1241 C C   . THR A 1 171 ? -7.457  4.413   -9.588  1.00 27.58  ? 171 THR A C   1 
ATOM   1242 O O   . THR A 1 171 ? -7.288  4.765   -8.423  1.00 27.27  ? 171 THR A O   1 
ATOM   1243 C CB  . THR A 1 171 ? -6.973  6.119   -11.389 1.00 28.02  ? 171 THR A CB  1 
ATOM   1244 O OG1 . THR A 1 171 ? -6.008  6.689   -10.504 1.00 27.42  ? 171 THR A OG1 1 
ATOM   1245 C CG2 . THR A 1 171 ? -7.546  7.227   -12.289 1.00 28.33  ? 171 THR A CG2 1 
ATOM   1246 N N   . PRO A 1 172 ? -7.130  3.185   -10.041 1.00 27.85  ? 172 PRO A N   1 
ATOM   1247 C CA  . PRO A 1 172 ? -6.389  2.257   -9.194  1.00 27.54  ? 172 PRO A CA  1 
ATOM   1248 C C   . PRO A 1 172 ? -5.079  2.840   -8.649  1.00 26.78  ? 172 PRO A C   1 
ATOM   1249 O O   . PRO A 1 172 ? -4.715  2.549   -7.512  1.00 26.92  ? 172 PRO A O   1 
ATOM   1250 C CB  . PRO A 1 172 ? -6.117  1.073   -10.121 1.00 27.98  ? 172 PRO A CB  1 
ATOM   1251 C CG  . PRO A 1 172 ? -7.224  1.121   -11.126 1.00 27.92  ? 172 PRO A CG  1 
ATOM   1252 C CD  . PRO A 1 172 ? -7.486  2.576   -11.340 1.00 27.84  ? 172 PRO A CD  1 
ATOM   1253 N N   . ALA A 1 173 ? -4.386  3.662   -9.439  1.00 25.97  ? 173 ALA A N   1 
ATOM   1254 C CA  . ALA A 1 173 ? -3.100  4.213   -9.010  1.00 24.94  ? 173 ALA A CA  1 
ATOM   1255 C C   . ALA A 1 173 ? -3.269  5.134   -7.814  1.00 24.16  ? 173 ALA A C   1 
ATOM   1256 O O   . ALA A 1 173 ? -2.483  5.087   -6.860  1.00 23.92  ? 173 ALA A O   1 
ATOM   1257 C CB  . ALA A 1 173 ? -2.419  4.942   -10.149 1.00 25.19  ? 173 ALA A CB  1 
ATOM   1258 N N   . LYS A 1 174 ? -4.307  5.964   -7.861  1.00 22.74  ? 174 LYS A N   1 
ATOM   1259 C CA  . LYS A 1 174 ? -4.597  6.856   -6.743  1.00 21.97  ? 174 LYS A CA  1 
ATOM   1260 C C   . LYS A 1 174 ? -5.021  6.080   -5.498  1.00 20.65  ? 174 LYS A C   1 
ATOM   1261 O O   . LYS A 1 174 ? -4.624  6.450   -4.407  1.00 19.21  ? 174 LYS A O   1 
ATOM   1262 C CB  . LYS A 1 174 ? -5.655  7.891   -7.102  1.00 22.12  ? 174 LYS A CB  1 
ATOM   1263 C CG  . LYS A 1 174 ? -5.182  8.883   -8.170  1.00 24.55  ? 174 LYS A CG  1 
ATOM   1264 C CD  . LYS A 1 174 ? -6.309  9.829   -8.522  1.00 28.08  ? 174 LYS A CD  1 
ATOM   1265 C CE  . LYS A 1 174 ? -5.994  10.601  -9.807  1.00 31.65  ? 174 LYS A CE  1 
ATOM   1266 N NZ  . LYS A 1 174 ? -4.783  11.436  -9.645  1.00 35.18  ? 174 LYS A NZ  1 
ATOM   1267 N N   . ALA A 1 175 ? -5.820  5.029   -5.666  1.00 20.35  ? 175 ALA A N   1 
ATOM   1268 C CA  . ALA A 1 175 ? -6.162  4.140   -4.530  1.00 19.81  ? 175 ALA A CA  1 
ATOM   1269 C C   . ALA A 1 175 ? -4.903  3.504   -3.929  1.00 19.63  ? 175 ALA A C   1 
ATOM   1270 O O   . ALA A 1 175 ? -4.749  3.421   -2.706  1.00 19.28  ? 175 ALA A O   1 
ATOM   1271 C CB  . ALA A 1 175 ? -7.168  3.043   -4.964  1.00 19.87  ? 175 ALA A CB  1 
ATOM   1272 N N   . LEU A 1 176 ? -4.012  3.030   -4.796  1.00 19.49  ? 176 LEU A N   1 
ATOM   1273 C CA  . LEU A 1 176 ? -2.790  2.381   -4.329  1.00 19.53  ? 176 LEU A CA  1 
ATOM   1274 C C   . LEU A 1 176 ? -1.914  3.359   -3.564  1.00 19.54  ? 176 LEU A C   1 
ATOM   1275 O O   . LEU A 1 176 ? -1.466  3.059   -2.452  1.00 18.77  ? 176 LEU A O   1 
ATOM   1276 C CB  . LEU A 1 176 ? -1.999  1.766   -5.489  1.00 19.42  ? 176 LEU A CB  1 
ATOM   1277 C CG  . LEU A 1 176 ? -0.738  0.993   -5.052  1.00 20.19  ? 176 LEU A CG  1 
ATOM   1278 C CD1 . LEU A 1 176 ? -1.035  -0.043  -3.971  1.00 18.85  ? 176 LEU A CD1 1 
ATOM   1279 C CD2 . LEU A 1 176 ? -0.077  0.340   -6.266  1.00 20.63  ? 176 LEU A CD2 1 
ATOM   1280 N N   . LYS A 1 177 ? -1.675  4.522   -4.167  1.00 19.31  ? 177 LYS A N   1 
ATOM   1281 C CA  . LYS A 1 177 ? -0.811  5.546   -3.578  1.00 21.59  ? 177 LYS A CA  1 
ATOM   1282 C C   . LYS A 1 177 ? -1.341  6.031   -2.227  1.00 19.83  ? 177 LYS A C   1 
ATOM   1283 O O   . LYS A 1 177 ? -0.580  6.161   -1.260  1.00 19.57  ? 177 LYS A O   1 
ATOM   1284 C CB  . LYS A 1 177 ? -0.647  6.723   -4.566  1.00 22.45  ? 177 LYS A CB  1 
ATOM   1285 C CG  . LYS A 1 177 ? 0.542   7.677   -4.283  1.00 25.97  ? 177 LYS A CG  1 
ATOM   1286 C CD  . LYS A 1 177 ? 0.921   8.489   -5.550  1.00 26.07  ? 177 LYS A CD  1 
ATOM   1287 C CE  . LYS A 1 177 ? 1.727   9.761   -5.232  1.00 28.70  ? 177 LYS A CE  1 
ATOM   1288 N NZ  . LYS A 1 177 ? 3.093   9.450   -4.649  1.00 32.28  ? 177 LYS A NZ  1 
ATOM   1289 N N   . SER A 1 178 ? -2.645  6.282   -2.155  1.00 18.42  ? 178 SER A N   1 
ATOM   1290 C CA  . SER A 1 178 ? -3.237  6.775   -0.915  1.00 17.52  ? 178 SER A CA  1 
ATOM   1291 C C   . SER A 1 178 ? -3.230  5.701   0.178   1.00 17.05  ? 178 SER A C   1 
ATOM   1292 O O   . SER A 1 178 ? -2.978  6.011   1.351   1.00 16.26  ? 178 SER A O   1 
ATOM   1293 C CB  . SER A 1 178 ? -4.655  7.310   -1.147  1.00 17.24  ? 178 SER A CB  1 
ATOM   1294 O OG  . SER A 1 178 ? -5.524  6.329   -1.713  1.00 18.96  ? 178 SER A OG  1 
ATOM   1295 N N   . ALA A 1 179 ? -3.495  4.449   -0.196  1.00 16.10  ? 179 ALA A N   1 
ATOM   1296 C CA  . ALA A 1 179 ? -3.428  3.346   0.796   1.00 16.15  ? 179 ALA A CA  1 
ATOM   1297 C C   . ALA A 1 179 ? -1.999  3.204   1.352   1.00 16.01  ? 179 ALA A C   1 
ATOM   1298 O O   . ALA A 1 179 ? -1.804  3.051   2.565   1.00 16.14  ? 179 ALA A O   1 
ATOM   1299 C CB  . ALA A 1 179 ? -3.916  2.029   0.166   1.00 15.28  ? 179 ALA A CB  1 
ATOM   1300 N N   . ILE A 1 180 ? -1.002  3.276   0.469   1.00 16.32  ? 180 ILE A N   1 
ATOM   1301 C CA  . ILE A 1 180 ? 0.396   3.204   0.894   1.00 16.59  ? 180 ILE A CA  1 
ATOM   1302 C C   . ILE A 1 180 ? 0.744   4.399   1.787   1.00 16.63  ? 180 ILE A C   1 
ATOM   1303 O O   . ILE A 1 180 ? 1.447   4.256   2.774   1.00 15.29  ? 180 ILE A O   1 
ATOM   1304 C CB  . ILE A 1 180 ? 1.362   3.037   -0.310  1.00 16.98  ? 180 ILE A CB  1 
ATOM   1305 C CG1 . ILE A 1 180 ? 1.127   1.669   -0.952  1.00 16.68  ? 180 ILE A CG1 1 
ATOM   1306 C CG2 . ILE A 1 180 ? 2.846   3.165   0.156   1.00 16.27  ? 180 ILE A CG2 1 
ATOM   1307 C CD1 . ILE A 1 180 ? 1.837   1.440   -2.275  1.00 18.30  ? 180 ILE A CD1 1 
ATOM   1308 N N   . HIS A 1 181 ? 0.211   5.578   1.464   1.00 16.57  ? 181 HIS A N   1 
ATOM   1309 C CA  . HIS A 1 181 ? 0.443   6.734   2.338   1.00 17.61  ? 181 HIS A CA  1 
ATOM   1310 C C   . HIS A 1 181 ? -0.028  6.455   3.782   1.00 17.31  ? 181 HIS A C   1 
ATOM   1311 O O   . HIS A 1 181 ? 0.678   6.735   4.731   1.00 16.38  ? 181 HIS A O   1 
ATOM   1312 C CB  . HIS A 1 181 ? -0.257  7.964   1.764   1.00 17.20  ? 181 HIS A CB  1 
ATOM   1313 C CG  . HIS A 1 181 ? -0.064  9.196   2.588   1.00 21.75  ? 181 HIS A CG  1 
ATOM   1314 N ND1 . HIS A 1 181 ? 1.182   9.718   2.857   1.00 24.34  ? 181 HIS A ND1 1 
ATOM   1315 C CD2 . HIS A 1 181 ? -0.954  9.995   3.217   1.00 22.14  ? 181 HIS A CD2 1 
ATOM   1316 C CE1 . HIS A 1 181 ? 1.052   10.794  3.616   1.00 25.32  ? 181 HIS A CE1 1 
ATOM   1317 N NE2 . HIS A 1 181 ? -0.236  10.988  3.841   1.00 23.22  ? 181 HIS A NE2 1 
ATOM   1318 N N   . VAL A 1 182 ? -1.232  5.897   3.931   1.00 17.26  ? 182 VAL A N   1 
ATOM   1319 C CA  . VAL A 1 182 ? -1.773  5.546   5.258   1.00 16.99  ? 182 VAL A CA  1 
ATOM   1320 C C   . VAL A 1 182 ? -0.916  4.484   5.955   1.00 17.45  ? 182 VAL A C   1 
ATOM   1321 O O   . VAL A 1 182 ? -0.579  4.597   7.144   1.00 17.04  ? 182 VAL A O   1 
ATOM   1322 C CB  . VAL A 1 182 ? -3.275  5.103   5.175   1.00 17.00  ? 182 VAL A CB  1 
ATOM   1323 C CG1 . VAL A 1 182 ? -3.808  4.734   6.565   1.00 15.46  ? 182 VAL A CG1 1 
ATOM   1324 C CG2 . VAL A 1 182 ? -4.151  6.212   4.519   1.00 17.66  ? 182 VAL A CG2 1 
ATOM   1325 N N   . ALA A 1 183 ? -0.532  3.453   5.192   1.00 17.72  ? 183 ALA A N   1 
ATOM   1326 C CA  . ALA A 1 183 ? 0.371   2.412   5.680   1.00 18.23  ? 183 ALA A CA  1 
ATOM   1327 C C   . ALA A 1 183 ? 1.671   3.001   6.212   1.00 18.69  ? 183 ALA A C   1 
ATOM   1328 O O   . ALA A 1 183 ? 2.146   2.652   7.329   1.00 18.24  ? 183 ALA A O   1 
ATOM   1329 C CB  . ALA A 1 183 ? 0.651   1.430   4.554   1.00 18.71  ? 183 ALA A CB  1 
ATOM   1330 N N   . TYR A 1 184 ? 2.245   3.906   5.414   1.00 18.59  ? 184 TYR A N   1 
ATOM   1331 C CA  . TYR A 1 184 ? 3.473   4.606   5.809   1.00 19.99  ? 184 TYR A CA  1 
ATOM   1332 C C   . TYR A 1 184 ? 3.320   5.421   7.101   1.00 19.68  ? 184 TYR A C   1 
ATOM   1333 O O   . TYR A 1 184 ? 4.200   5.363   7.973   1.00 20.19  ? 184 TYR A O   1 
ATOM   1334 C CB  . TYR A 1 184 ? 3.982   5.477   4.662   1.00 20.69  ? 184 TYR A CB  1 
ATOM   1335 C CG  . TYR A 1 184 ? 5.286   6.173   4.994   1.00 22.55  ? 184 TYR A CG  1 
ATOM   1336 C CD1 . TYR A 1 184 ? 6.446   5.440   5.219   1.00 25.71  ? 184 TYR A CD1 1 
ATOM   1337 C CD2 . TYR A 1 184 ? 5.348   7.563   5.095   1.00 25.68  ? 184 TYR A CD2 1 
ATOM   1338 C CE1 . TYR A 1 184 ? 7.652   6.065   5.547   1.00 26.47  ? 184 TYR A CE1 1 
ATOM   1339 C CE2 . TYR A 1 184 ? 6.557   8.203   5.426   1.00 27.92  ? 184 TYR A CE2 1 
ATOM   1340 C CZ  . TYR A 1 184 ? 7.695   7.437   5.652   1.00 25.87  ? 184 TYR A CZ  1 
ATOM   1341 O OH  . TYR A 1 184 ? 8.898   8.049   5.966   1.00 26.84  ? 184 TYR A OH  1 
ATOM   1342 N N   . ILE A 1 185 ? 2.216   6.155   7.260   1.00 19.88  ? 185 ILE A N   1 
ATOM   1343 C CA  . ILE A 1 185 ? 1.973   6.868   8.539   1.00 20.53  ? 185 ILE A CA  1 
ATOM   1344 C C   . ILE A 1 185 ? 1.997   5.889   9.729   1.00 20.98  ? 185 ILE A C   1 
ATOM   1345 O O   . ILE A 1 185 ? 2.614   6.144   10.769  1.00 20.06  ? 185 ILE A O   1 
ATOM   1346 C CB  . ILE A 1 185 ? 0.630   7.667   8.541   1.00 21.10  ? 185 ILE A CB  1 
ATOM   1347 C CG1 . ILE A 1 185 ? 0.657   8.789   7.491   1.00 21.52  ? 185 ILE A CG1 1 
ATOM   1348 C CG2 . ILE A 1 185 ? 0.322   8.202   9.967   1.00 21.76  ? 185 ILE A CG2 1 
ATOM   1349 C CD1 . ILE A 1 185 ? -0.704  9.292   7.077   1.00 23.79  ? 185 ILE A CD1 1 
ATOM   1350 N N   . LEU A 1 186 ? 1.316   4.754   9.578   1.00 20.85  ? 186 LEU A N   1 
ATOM   1351 C CA  . LEU A 1 186 ? 1.178   3.796   10.676  1.00 21.54  ? 186 LEU A CA  1 
ATOM   1352 C C   . LEU A 1 186 ? 2.472   3.063   11.044  1.00 22.42  ? 186 LEU A C   1 
ATOM   1353 O O   . LEU A 1 186 ? 2.667   2.645   12.210  1.00 23.54  ? 186 LEU A O   1 
ATOM   1354 C CB  . LEU A 1 186 ? 0.104   2.757   10.309  1.00 20.78  ? 186 LEU A CB  1 
ATOM   1355 C CG  . LEU A 1 186 ? -1.324  3.280   10.445  1.00 20.41  ? 186 LEU A CG  1 
ATOM   1356 C CD1 . LEU A 1 186 ? -2.287  2.340   9.717   1.00 19.33  ? 186 LEU A CD1 1 
ATOM   1357 C CD2 . LEU A 1 186 ? -1.690  3.458   11.910  1.00 21.43  ? 186 LEU A CD2 1 
ATOM   1358 N N   . LYS A 1 187 ? 3.349   2.901   10.056  1.00 22.97  ? 187 LYS A N   1 
ATOM   1359 C CA  . LYS A 1 187 ? 4.570   2.101   10.220  1.00 23.75  ? 187 LYS A CA  1 
ATOM   1360 C C   . LYS A 1 187 ? 5.875   2.882   9.966   1.00 24.80  ? 187 LYS A C   1 
ATOM   1361 O O   . LYS A 1 187 ? 6.941   2.280   9.765   1.00 24.03  ? 187 LYS A O   1 
ATOM   1362 C CB  . LYS A 1 187 ? 4.500   0.866   9.321   1.00 23.22  ? 187 LYS A CB  1 
ATOM   1363 C CG  . LYS A 1 187 ? 3.548   -0.202  9.832   1.00 24.40  ? 187 LYS A CG  1 
ATOM   1364 C CD  . LYS A 1 187 ? 3.964   -0.665  11.245  1.00 26.73  ? 187 LYS A CD  1 
ATOM   1365 C CE  . LYS A 1 187 ? 3.325   -1.987  11.585  1.00 28.21  ? 187 LYS A CE  1 
ATOM   1366 N NZ  . LYS A 1 187 ? 3.863   -2.576  12.854  1.00 30.60  ? 187 LYS A NZ  1 
ATOM   1367 N N   . LYS A 1 188 ? 5.760   4.214   9.991   1.00 26.45  ? 188 LYS A N   1 
ATOM   1368 C CA  . LYS A 1 188 ? 6.850   5.162   9.704   1.00 28.85  ? 188 LYS A CA  1 
ATOM   1369 C C   . LYS A 1 188 ? 8.167   4.794   10.400  1.00 29.64  ? 188 LYS A C   1 
ATOM   1370 O O   . LYS A 1 188 ? 9.232   4.782   9.778   1.00 30.21  ? 188 LYS A O   1 
ATOM   1371 C CB  . LYS A 1 188 ? 6.392   6.572   10.139  1.00 28.60  ? 188 LYS A CB  1 
ATOM   1372 C CG  . LYS A 1 188 ? 7.332   7.749   9.807   1.00 30.39  ? 188 LYS A CG  1 
ATOM   1373 C CD  . LYS A 1 188 ? 6.846   9.070   10.448  1.00 29.44  ? 188 LYS A CD  1 
ATOM   1374 C CE  . LYS A 1 188 ? 7.070   9.136   11.970  1.00 32.73  ? 188 LYS A CE  1 
ATOM   1375 N NZ  . LYS A 1 188 ? 7.135   10.566  12.503  1.00 32.28  ? 188 LYS A NZ  1 
ATOM   1376 N N   . GLU A 1 189 ? 8.084   4.498   11.692  1.00 31.52  ? 189 GLU A N   1 
ATOM   1377 C CA  . GLU A 1 189 ? 9.272   4.215   12.496  1.00 32.21  ? 189 GLU A CA  1 
ATOM   1378 C C   . GLU A 1 189 ? 9.872   2.840   12.192  1.00 31.76  ? 189 GLU A C   1 
ATOM   1379 O O   . GLU A 1 189 ? 10.994  2.544   12.599  1.00 32.07  ? 189 GLU A O   1 
ATOM   1380 C CB  . GLU A 1 189 ? 8.950   4.361   13.993  1.00 32.48  ? 189 GLU A CB  1 
ATOM   1381 C CG  . GLU A 1 189 ? 8.474   5.793   14.388  1.00 34.48  ? 189 GLU A CG  1 
ATOM   1382 C CD  . GLU A 1 189 ? 8.039   5.911   15.848  1.00 34.77  ? 189 GLU A CD  1 
ATOM   1383 O OE1 . GLU A 1 189 ? 8.924   6.039   16.723  1.00 38.61  ? 189 GLU A OE1 1 
ATOM   1384 O OE2 . GLU A 1 189 ? 6.818   5.902   16.117  1.00 38.94  ? 189 GLU A OE2 1 
ATOM   1385 N N   . GLU A 1 190 ? 9.128   1.995   11.483  1.00 30.55  ? 190 GLU A N   1 
ATOM   1386 C CA  . GLU A 1 190 ? 9.578   0.633   11.234  1.00 30.34  ? 190 GLU A CA  1 
ATOM   1387 C C   . GLU A 1 190 ? 10.079  0.404   9.814   1.00 28.98  ? 190 GLU A C   1 
ATOM   1388 O O   . GLU A 1 190 ? 10.642  -0.651  9.526   1.00 29.63  ? 190 GLU A O   1 
ATOM   1389 C CB  . GLU A 1 190 ? 8.472   -0.378  11.572  1.00 30.93  ? 190 GLU A CB  1 
ATOM   1390 C CG  . GLU A 1 190 ? 7.786   -0.166  12.945  1.00 33.91  ? 190 GLU A CG  1 
ATOM   1391 C CD  . GLU A 1 190 ? 8.744   -0.154  14.110  1.00 39.58  ? 190 GLU A CD  1 
ATOM   1392 O OE1 . GLU A 1 190 ? 9.623   -1.048  14.164  1.00 41.87  ? 190 GLU A OE1 1 
ATOM   1393 O OE2 . GLU A 1 190 ? 8.607   0.748   14.978  1.00 41.73  ? 190 GLU A OE2 1 
ATOM   1394 N N   . ILE A 1 191 ? 9.848   1.375   8.930   1.00 27.90  ? 191 ILE A N   1 
ATOM   1395 C CA  . ILE A 1 191 ? 10.293  1.304   7.538   1.00 27.10  ? 191 ILE A CA  1 
ATOM   1396 C C   . ILE A 1 191 ? 11.825  1.295   7.517   1.00 27.22  ? 191 ILE A C   1 
ATOM   1397 O O   . ILE A 1 191 ? 12.445  2.149   8.152   1.00 27.15  ? 191 ILE A O   1 
ATOM   1398 C CB  . ILE A 1 191 ? 9.790   2.522   6.702   1.00 26.86  ? 191 ILE A CB  1 
ATOM   1399 C CG1 . ILE A 1 191 ? 8.245   2.631   6.695   1.00 26.88  ? 191 ILE A CG1 1 
ATOM   1400 C CG2 . ILE A 1 191 ? 10.334  2.472   5.277   1.00 26.59  ? 191 ILE A CG2 1 
ATOM   1401 C CD1 . ILE A 1 191 ? 7.514   1.456   6.039   1.00 22.76  ? 191 ILE A CD1 1 
ATOM   1402 N N   . THR A 1 192 ? 12.413  0.329   6.810   1.00 27.22  ? 192 THR A N   1 
ATOM   1403 C CA  . THR A 1 192 ? 13.882  0.137   6.768   1.00 27.75  ? 192 THR A CA  1 
ATOM   1404 C C   . THR A 1 192 ? 14.604  1.361   6.195   1.00 27.07  ? 192 THR A C   1 
ATOM   1405 O O   . THR A 1 192 ? 14.091  1.999   5.266   1.00 27.06  ? 192 THR A O   1 
ATOM   1406 C CB  . THR A 1 192 ? 14.292  -1.152  5.970   1.00 27.95  ? 192 THR A CB  1 
ATOM   1407 O OG1 . THR A 1 192 ? 15.724  -1.220  5.831   1.00 30.60  ? 192 THR A OG1 1 
ATOM   1408 C CG2 . THR A 1 192 ? 13.706  -1.144  4.588   1.00 28.23  ? 192 THR A CG2 1 
ATOM   1409 N N   . PRO A 1 193 ? 15.792  1.695   6.743   1.00 26.94  ? 193 PRO A N   1 
ATOM   1410 C CA  . PRO A 1 193 ? 16.586  2.780   6.147   1.00 27.33  ? 193 PRO A CA  1 
ATOM   1411 C C   . PRO A 1 193 ? 16.935  2.552   4.673   1.00 27.52  ? 193 PRO A C   1 
ATOM   1412 O O   . PRO A 1 193 ? 17.113  3.520   3.932   1.00 26.58  ? 193 PRO A O   1 
ATOM   1413 C CB  . PRO A 1 193 ? 17.861  2.797   6.989   1.00 27.42  ? 193 PRO A CB  1 
ATOM   1414 C CG  . PRO A 1 193 ? 17.469  2.147   8.299   1.00 27.63  ? 193 PRO A CG  1 
ATOM   1415 C CD  . PRO A 1 193 ? 16.453  1.112   7.925   1.00 27.02  ? 193 PRO A CD  1 
ATOM   1416 N N   . GLU A 1 194 ? 17.030  1.287   4.257   1.00 27.26  ? 194 GLU A N   1 
ATOM   1417 C CA  . GLU A 1 194 ? 17.352  0.953   2.879   1.00 28.18  ? 194 GLU A CA  1 
ATOM   1418 C C   . GLU A 1 194 ? 16.314  1.509   1.913   1.00 27.53  ? 194 GLU A C   1 
ATOM   1419 O O   . GLU A 1 194 ? 16.640  1.842   0.786   1.00 27.89  ? 194 GLU A O   1 
ATOM   1420 C CB  . GLU A 1 194 ? 17.495  -0.564  2.697   1.00 28.98  ? 194 GLU A CB  1 
ATOM   1421 C CG  . GLU A 1 194 ? 18.499  -1.200  3.652   1.00 31.84  ? 194 GLU A CG  1 
ATOM   1422 C CD  . GLU A 1 194 ? 19.074  -2.519  3.147   1.00 36.32  ? 194 GLU A CD  1 
ATOM   1423 O OE1 . GLU A 1 194 ? 18.363  -3.276  2.455   1.00 37.62  ? 194 GLU A OE1 1 
ATOM   1424 O OE2 . GLU A 1 194 ? 20.258  -2.799  3.449   1.00 39.83  ? 194 GLU A OE2 1 
ATOM   1425 N N   . ILE A 1 195 ? 15.061  1.600   2.363   1.00 27.33  ? 195 ILE A N   1 
ATOM   1426 C CA  . ILE A 1 195 ? 13.999  2.211   1.567   1.00 26.34  ? 195 ILE A CA  1 
ATOM   1427 C C   . ILE A 1 195 ? 14.114  3.736   1.599   1.00 26.06  ? 195 ILE A C   1 
ATOM   1428 O O   . ILE A 1 195 ? 14.023  4.403   0.567   1.00 25.76  ? 195 ILE A O   1 
ATOM   1429 C CB  . ILE A 1 195 ? 12.597  1.768   2.052   1.00 26.50  ? 195 ILE A CB  1 
ATOM   1430 C CG1 . ILE A 1 195 ? 12.356  0.291   1.710   1.00 26.02  ? 195 ILE A CG1 1 
ATOM   1431 C CG2 . ILE A 1 195 ? 11.478  2.649   1.435   1.00 27.13  ? 195 ILE A CG2 1 
ATOM   1432 C CD1 . ILE A 1 195 ? 11.028  -0.266  2.241   1.00 26.67  ? 195 ILE A CD1 1 
ATOM   1433 N N   . LEU A 1 196 ? 14.301  4.282   2.790   1.00 25.96  ? 196 LEU A N   1 
ATOM   1434 C CA  . LEU A 1 196 ? 14.466  5.731   2.957   1.00 26.73  ? 196 LEU A CA  1 
ATOM   1435 C C   . LEU A 1 196 ? 15.645  6.258   2.136   1.00 27.19  ? 196 LEU A C   1 
ATOM   1436 O O   . LEU A 1 196 ? 15.606  7.397   1.658   1.00 27.85  ? 196 LEU A O   1 
ATOM   1437 C CB  . LEU A 1 196 ? 14.655  6.077   4.433   1.00 27.13  ? 196 LEU A CB  1 
ATOM   1438 C CG  . LEU A 1 196 ? 13.528  5.695   5.402   1.00 27.65  ? 196 LEU A CG  1 
ATOM   1439 C CD1 . LEU A 1 196 ? 13.941  5.975   6.858   1.00 29.34  ? 196 LEU A CD1 1 
ATOM   1440 C CD2 . LEU A 1 196 ? 12.218  6.413   5.049   1.00 31.46  ? 196 LEU A CD2 1 
ATOM   1441 N N   . GLU A 1 197 ? 16.678  5.427   1.952   1.00 26.70  ? 197 GLU A N   1 
ATOM   1442 C CA  . GLU A 1 197 ? 17.854  5.792   1.136   1.00 26.66  ? 197 GLU A CA  1 
ATOM   1443 C C   . GLU A 1 197 ? 17.510  6.131   -0.325  1.00 25.13  ? 197 GLU A C   1 
ATOM   1444 O O   . GLU A 1 197 ? 18.270  6.812   -1.015  1.00 24.14  ? 197 GLU A O   1 
ATOM   1445 C CB  . GLU A 1 197 ? 18.895  4.663   1.167   1.00 26.17  ? 197 GLU A CB  1 
ATOM   1446 C CG  . GLU A 1 197 ? 20.339  5.140   1.018   1.00 29.45  ? 197 GLU A CG  1 
ATOM   1447 C CD  . GLU A 1 197 ? 21.387  4.035   1.149   1.00 30.48  ? 197 GLU A CD  1 
ATOM   1448 O OE1 . GLU A 1 197 ? 21.036  2.840   1.364   1.00 33.19  ? 197 GLU A OE1 1 
ATOM   1449 O OE2 . GLU A 1 197 ? 22.590  4.382   1.039   1.00 34.26  ? 197 GLU A OE2 1 
ATOM   1450 N N   . VAL A 1 198 ? 16.371  5.644   -0.802  1.00 24.07  ? 198 VAL A N   1 
ATOM   1451 C CA  . VAL A 1 198 ? 15.996  5.837   -2.200  1.00 22.95  ? 198 VAL A CA  1 
ATOM   1452 C C   . VAL A 1 198 ? 15.488  7.274   -2.467  1.00 24.26  ? 198 VAL A C   1 
ATOM   1453 O O   . VAL A 1 198 ? 15.552  7.786   -3.592  1.00 22.80  ? 198 VAL A O   1 
ATOM   1454 C CB  . VAL A 1 198 ? 14.972  4.759   -2.657  1.00 22.99  ? 198 VAL A CB  1 
ATOM   1455 C CG1 . VAL A 1 198 ? 14.674  4.886   -4.160  1.00 19.86  ? 198 VAL A CG1 1 
ATOM   1456 C CG2 . VAL A 1 198 ? 15.475  3.342   -2.304  1.00 21.25  ? 198 VAL A CG2 1 
ATOM   1457 N N   . VAL A 1 199 ? 14.975  7.941   -1.437  1.00 25.29  ? 199 VAL A N   1 
ATOM   1458 C CA  . VAL A 1 199 ? 14.452  9.280   -1.667  1.00 26.94  ? 199 VAL A CA  1 
ATOM   1459 C C   . VAL A 1 199 ? 15.576  10.312  -1.565  1.00 27.38  ? 199 VAL A C   1 
ATOM   1460 O O   . VAL A 1 199 ? 16.457  10.185  -0.718  1.00 28.40  ? 199 VAL A O   1 
ATOM   1461 C CB  . VAL A 1 199 ? 13.233  9.618   -0.767  1.00 27.44  ? 199 VAL A CB  1 
ATOM   1462 C CG1 . VAL A 1 199 ? 13.334  8.937   0.579   1.00 29.38  ? 199 VAL A CG1 1 
ATOM   1463 C CG2 . VAL A 1 199 ? 13.063  11.124  -0.614  1.00 27.65  ? 199 VAL A CG2 1 
HETATM 1464 O O   . HOH B 2 .   ? -19.054 -4.922  -1.406  1.00 13.49  ? 201 HOH A O   1 
HETATM 1465 O O   . HOH B 2 .   ? 19.683  -2.363  -14.143 1.00 17.10  ? 202 HOH A O   1 
HETATM 1466 O O   . HOH B 2 .   ? 22.820  0.515   -12.252 1.00 20.89  ? 203 HOH A O   1 
HETATM 1467 O O   . HOH B 2 .   ? -14.447 -5.722  -3.975  1.00 25.40  ? 204 HOH A O   1 
HETATM 1468 O O   . HOH B 2 .   ? -8.539  15.658  3.801   1.00 22.29  ? 205 HOH A O   1 
HETATM 1469 O O   . HOH B 2 .   ? -9.536  10.175  -6.528  1.00 28.36  ? 206 HOH A O   1 
HETATM 1470 O O   . HOH B 2 .   ? 22.470  4.559   -14.639 1.00 24.08  ? 207 HOH A O   1 
HETATM 1471 O O   . HOH B 2 .   ? 24.725  -1.081  -8.094  1.00 20.13  ? 208 HOH A O   1 
HETATM 1472 O O   . HOH B 2 .   ? -14.296 8.317   3.222   1.00 20.00  ? 209 HOH A O   1 
HETATM 1473 O O   . HOH B 2 .   ? 21.385  -7.902  -4.214  1.00 26.35  ? 210 HOH A O   1 
HETATM 1474 O O   . HOH B 2 .   ? -7.730  -1.118  -7.558  1.00 29.26  ? 211 HOH A O   1 
HETATM 1475 O O   . HOH B 2 .   ? 19.107  1.197   -0.098  1.00 23.57  ? 212 HOH A O   1 
HETATM 1476 O O   . HOH B 2 .   ? -14.107 6.483   7.081   1.00 20.10  ? 213 HOH A O   1 
HETATM 1477 O O   . HOH B 2 .   ? 21.261  -10.096 -6.440  1.00 24.88  ? 214 HOH A O   1 
HETATM 1478 O O   . HOH B 2 .   ? -11.431 8.561   14.441  1.00 32.81  ? 215 HOH A O   1 
HETATM 1479 O O   . HOH B 2 .   ? -5.355  -8.986  2.127   1.00 23.27  ? 216 HOH A O   1 
HETATM 1480 O O   . HOH B 2 .   ? -4.318  -6.479  1.514   1.00 27.82  ? 217 HOH A O   1 
HETATM 1481 O O   . HOH B 2 .   ? -16.514 -8.023  8.371   1.00 21.31  ? 218 HOH A O   1 
HETATM 1482 O O   . HOH B 2 .   ? 24.941  1.473   -4.258  1.00 34.35  ? 219 HOH A O   1 
HETATM 1483 O O   . HOH B 2 .   ? -2.287  0.828   -9.956  1.00 34.68  ? 220 HOH A O   1 
HETATM 1484 O O   . HOH B 2 .   ? 16.477  -12.191 -1.075  1.00 27.87  ? 221 HOH A O   1 
HETATM 1485 O O   . HOH B 2 .   ? -3.464  -10.009 0.516   1.00 27.94  ? 222 HOH A O   1 
HETATM 1486 O O   . HOH B 2 .   ? 8.089   -10.741 -1.092  1.00 36.69  ? 223 HOH A O   1 
HETATM 1487 O O   . HOH B 2 .   ? 6.434   -1.789  -20.659 1.00 50.28  ? 224 HOH A O   1 
HETATM 1488 O O   . HOH B 2 .   ? 11.715  -3.633  4.128   1.00 41.39  ? 225 HOH A O   1 
HETATM 1489 O O   . HOH B 2 .   ? 6.323   -4.231  12.121  1.00 34.21  ? 226 HOH A O   1 
HETATM 1490 O O   . HOH B 2 .   ? -12.032 15.453  9.815   1.00 33.57  ? 227 HOH A O   1 
HETATM 1491 O O   . HOH B 2 .   ? -15.480 -10.456 -3.310  1.00 34.10  ? 228 HOH A O   1 
HETATM 1492 O O   . HOH B 2 .   ? -14.291 -9.958  8.390   1.00 29.48  ? 229 HOH A O   1 
HETATM 1493 O O   . HOH B 2 .   ? -5.383  14.058  9.418   1.00 31.88  ? 230 HOH A O   1 
HETATM 1494 O O   . HOH B 2 .   ? 14.219  -10.985 -18.878 1.00 41.65  ? 231 HOH A O   1 
HETATM 1495 O O   . HOH B 2 .   ? 19.860  10.351  -6.238  1.00 37.14  ? 232 HOH A O   1 
HETATM 1496 O O   . HOH B 2 .   ? -7.131  -13.854 8.023   1.00 36.69  ? 233 HOH A O   1 
HETATM 1497 O O   . HOH B 2 .   ? -12.999 3.737   9.110   1.00 27.92  ? 234 HOH A O   1 
HETATM 1498 O O   . HOH B 2 .   ? 20.860  -6.065  -15.274 1.00 31.44  ? 235 HOH A O   1 
HETATM 1499 O O   . HOH B 2 .   ? -6.015  -2.175  14.843  1.00 27.58  ? 236 HOH A O   1 
HETATM 1500 O O   . HOH B 2 .   ? 3.214   -12.388 -0.499  1.00 40.21  ? 237 HOH A O   1 
HETATM 1501 O O   . HOH B 2 .   ? 0.353   -7.163  -3.894  1.00 39.22  ? 238 HOH A O   1 
HETATM 1502 O O   . HOH B 2 .   ? 17.038  10.316  -7.121  1.00 32.48  ? 239 HOH A O   1 
HETATM 1503 O O   . HOH B 2 .   ? 20.178  2.164   -14.160 1.00 31.82  ? 240 HOH A O   1 
HETATM 1504 O O   . HOH B 2 .   ? -4.560  3.569   -12.410 1.00 38.44  ? 241 HOH A O   1 
HETATM 1505 O O   . HOH B 2 .   ? -16.183 -14.786 14.531  1.00 40.00  ? 242 HOH A O   1 
HETATM 1506 O O   . HOH B 2 .   ? 0.468   12.558  6.632   1.00 37.54  ? 243 HOH A O   1 
HETATM 1507 O O   . HOH B 2 .   ? 8.547   11.253  0.175   1.00 36.27  ? 244 HOH A O   1 
HETATM 1508 O O   . HOH B 2 .   ? -13.700 12.808  -1.712  1.00 34.47  ? 245 HOH A O   1 
HETATM 1509 O O   . HOH B 2 .   ? -23.791 -7.650  3.503   1.00 31.99  ? 246 HOH A O   1 
HETATM 1510 O O   . HOH B 2 .   ? -15.595 3.637   13.519  1.00 33.30  ? 247 HOH A O   1 
HETATM 1511 O O   . HOH B 2 .   ? 3.500   8.509   11.448  1.00 33.16  ? 248 HOH A O   1 
HETATM 1512 O O   . HOH B 2 .   ? -5.698  -7.455  -6.522  1.00 36.91  ? 249 HOH A O   1 
HETATM 1513 O O   . HOH B 2 .   ? -13.172 8.021   9.225   1.00 30.59  ? 250 HOH A O   1 
HETATM 1514 O O   . HOH B 2 .   ? 10.743  -1.977  6.143   1.00 36.52  ? 251 HOH A O   1 
HETATM 1515 O O   . HOH B 2 .   ? -17.339 -10.965 3.746   1.00 57.16  ? 252 HOH A O   1 
HETATM 1516 O O   . HOH B 2 .   ? -8.341  -13.547 11.794  1.00 40.80  ? 253 HOH A O   1 
HETATM 1517 O O   . HOH B 2 .   ? 10.953  -9.084  -17.682 1.00 45.76  ? 254 HOH A O   1 
HETATM 1518 O O   . HOH B 2 .   ? -0.339  -10.949 2.134   1.00 32.33  ? 255 HOH A O   1 
HETATM 1519 O O   . HOH B 2 .   ? 14.476  -12.583 0.952   1.00 41.81  ? 256 HOH A O   1 
HETATM 1520 O O   . HOH B 2 .   ? -11.464 -16.729 10.959  1.00 31.92  ? 257 HOH A O   1 
HETATM 1521 O O   . HOH B 2 .   ? 0.958   2.454   20.012  1.00 36.64  ? 258 HOH A O   1 
HETATM 1522 O O   . HOH B 2 .   ? -13.350 14.873  -0.479  1.00 40.91  ? 259 HOH A O   1 
HETATM 1523 O O   . HOH B 2 .   ? -15.987 -9.167  16.169  1.00 29.72  ? 260 HOH A O   1 
HETATM 1524 O O   . HOH B 2 .   ? -8.483  17.156  1.513   1.00 29.68  ? 261 HOH A O   1 
HETATM 1525 O O   . HOH B 2 .   ? -5.585  -2.503  -8.481  1.00 33.43  ? 262 HOH A O   1 
HETATM 1526 O O   . HOH B 2 .   ? -2.460  -8.742  -4.567  1.00 36.54  ? 263 HOH A O   1 
HETATM 1527 O O   . HOH B 2 .   ? -2.981  10.671  12.765  1.00 35.46  ? 264 HOH A O   1 
HETATM 1528 O O   . HOH B 2 .   ? -8.590  12.257  -8.431  1.00 42.65  ? 265 HOH A O   1 
HETATM 1529 O O   . HOH B 2 .   ? -19.409 -1.486  -3.003  1.00 37.80  ? 266 HOH A O   1 
HETATM 1530 O O   . HOH B 2 .   ? 2.360   -5.699  -10.784 1.00 102.52 ? 267 HOH A O   1 
HETATM 1531 O O   . HOH B 2 .   ? -3.627  -11.636 -1.509  1.00 39.00  ? 268 HOH A O   1 
HETATM 1532 O O   . HOH B 2 .   ? -10.920 14.934  4.571   1.00 44.52  ? 269 HOH A O   1 
HETATM 1533 O O   . HOH B 2 .   ? 16.641  12.490  -8.410  1.00 37.13  ? 270 HOH A O   1 
HETATM 1534 O O   . HOH B 2 .   ? -0.426  -8.575  -7.212  1.00 61.12  ? 271 HOH A O   1 
HETATM 1535 O O   . HOH B 2 .   ? -10.270 -9.992  19.257  1.00 37.74  ? 272 HOH A O   1 
HETATM 1536 O O   . HOH B 2 .   ? 7.712   5.479   -20.721 1.00 51.77  ? 273 HOH A O   1 
HETATM 1537 O O   . HOH B 2 .   ? 7.731   -11.735 4.640   1.00 38.05  ? 274 HOH A O   1 
HETATM 1538 O O   . HOH B 2 .   ? 5.390   11.697  0.446   1.00 40.90  ? 275 HOH A O   1 
HETATM 1539 O O   . HOH B 2 .   ? 0.983   -4.891  -14.277 1.00 47.43  ? 276 HOH A O   1 
HETATM 1540 O O   . HOH B 2 .   ? -24.238 -9.651  1.773   1.00 33.10  ? 277 HOH A O   1 
HETATM 1541 O O   . HOH B 2 .   ? 8.715   -0.606  -20.878 1.00 45.26  ? 278 HOH A O   1 
HETATM 1542 O O   . HOH B 2 .   ? 5.621   4.085   12.977  1.00 40.23  ? 279 HOH A O   1 
HETATM 1543 O O   . HOH B 2 .   ? -17.770 -9.744  14.006  1.00 57.15  ? 280 HOH A O   1 
HETATM 1544 O O   . HOH B 2 .   ? -1.549  13.247  3.231   1.00 39.56  ? 281 HOH A O   1 
HETATM 1545 O O   . HOH B 2 .   ? -7.885  13.510  -6.101  1.00 55.99  ? 282 HOH A O   1 
HETATM 1546 O O   . HOH B 2 .   ? 9.758   18.068  -11.492 1.00 72.33  ? 283 HOH A O   1 
HETATM 1547 O O   . HOH B 2 .   ? 1.401   6.166   13.460  1.00 39.41  ? 284 HOH A O   1 
HETATM 1548 O O   . HOH B 2 .   ? -10.054 4.942   15.281  1.00 39.11  ? 285 HOH A O   1 
HETATM 1549 O O   . HOH B 2 .   ? 4.822   11.031  -18.293 1.00 50.16  ? 286 HOH A O   1 
HETATM 1550 O O   . HOH B 2 .   ? -13.660 5.573   -11.495 1.00 46.13  ? 287 HOH A O   1 
HETATM 1551 O O   . HOH B 2 .   ? 23.400  -2.260  -1.010  1.00 45.19  ? 288 HOH A O   1 
HETATM 1552 O O   . HOH B 2 .   ? 22.577  -7.581  -7.801  1.00 32.90  ? 289 HOH A O   1 
HETATM 1553 O O   . HOH B 2 .   ? -15.786 1.208   21.413  1.00 44.92  ? 290 HOH A O   1 
HETATM 1554 O O   . HOH B 2 .   ? 8.608   6.593   19.170  1.00 48.25  ? 291 HOH A O   1 
HETATM 1555 O O   . HOH B 2 .   ? 6.745   -2.100  15.560  1.00 51.23  ? 292 HOH A O   1 
HETATM 1556 O O   . HOH B 2 .   ? 13.485  2.694   -16.968 1.00 52.93  ? 293 HOH A O   1 
HETATM 1557 O O   . HOH B 2 .   ? -2.465  11.209  10.320  1.00 49.59  ? 294 HOH A O   1 
HETATM 1558 O O   . HOH B 2 .   ? -17.152 -4.640  -3.835  1.00 30.82  ? 295 HOH A O   1 
HETATM 1559 O O   . HOH B 2 .   ? -10.356 -14.439 10.668  1.00 34.65  ? 296 HOH A O   1 
HETATM 1560 O O   . HOH B 2 .   ? -1.431  6.480   13.512  1.00 48.97  ? 297 HOH A O   1 
HETATM 1561 O O   . HOH B 2 .   ? -2.034  -6.146  17.801  1.00 43.53  ? 298 HOH A O   1 
HETATM 1562 O O   . HOH B 2 .   ? -3.520  8.338   13.966  1.00 42.69  ? 299 HOH A O   1 
HETATM 1563 O O   . HOH B 2 .   ? -5.900  -2.486  -11.092 1.00 45.49  ? 300 HOH A O   1 
HETATM 1564 O O   . HOH B 2 .   ? 2.360   -12.702 1.911   1.00 43.06  ? 301 HOH A O   1 
HETATM 1565 O O   . HOH B 2 .   ? -3.629  -3.589  17.754  1.00 39.41  ? 302 HOH A O   1 
HETATM 1566 O O   . HOH B 2 .   ? 20.893  2.571   4.016   1.00 43.02  ? 303 HOH A O   1 
HETATM 1567 O O   . HOH B 2 .   ? 4.711   10.681  3.725   1.00 46.89  ? 304 HOH A O   1 
HETATM 1568 O O   . HOH B 2 .   ? -7.264  -12.408 20.405  1.00 43.99  ? 305 HOH A O   1 
HETATM 1569 O O   . HOH B 2 .   ? 16.099  13.323  -1.174  1.00 53.21  ? 306 HOH A O   1 
HETATM 1570 O O   . HOH B 2 .   ? -4.368  -14.831 9.058   1.00 39.24  ? 307 HOH A O   1 
HETATM 1571 O O   . HOH B 2 .   ? 18.323  5.789   5.022   1.00 33.59  ? 308 HOH A O   1 
HETATM 1572 O O   . HOH B 2 .   ? 24.382  3.143   0.547   1.00 33.70  ? 309 HOH A O   1 
HETATM 1573 O O   . HOH B 2 .   ? -1.959  -17.320 12.950  1.00 51.84  ? 310 HOH A O   1 
HETATM 1574 O O   . HOH B 2 .   ? -13.435 0.619   9.710   1.00 35.53  ? 311 HOH A O   1 
HETATM 1575 O O   . HOH B 2 .   ? 10.940  -8.943  -9.025  1.00 42.64  ? 312 HOH A O   1 
HETATM 1576 O O   . HOH B 2 .   ? -19.780 -13.056 -1.993  1.00 71.64  ? 313 HOH A O   1 
HETATM 1577 O O   . HOH B 2 .   ? 20.784  4.410   -16.618 1.00 40.44  ? 314 HOH A O   1 
HETATM 1578 O O   . HOH B 2 .   ? 13.859  -9.938  4.631   1.00 30.52  ? 315 HOH A O   1 
HETATM 1579 O O   . HOH B 2 .   ? -0.793  -3.750  17.680  1.00 57.76  ? 316 HOH A O   1 
HETATM 1580 O O   . HOH B 2 .   ? -2.121  10.023  -9.790  1.00 51.19  ? 317 HOH A O   1 
# 
